data_7KHO
#
_entry.id   7KHO
#
_cell.length_a   87.398
_cell.length_b   134.565
_cell.length_c   168.684
_cell.angle_alpha   90.000
_cell.angle_beta   90.000
_cell.angle_gamma   90.000
#
_symmetry.space_group_name_H-M   'P 21 21 21'
#
loop_
_entity.id
_entity.type
_entity.pdbx_description
1 polymer 'Amine oxidase'
2 non-polymer (S)-3-(1-METHYLPYRROLIDIN-2-YL)PYRIDINE
3 non-polymer 'FLAVIN-ADENINE DINUCLEOTIDE'
4 water water
#
_entity_poly.entity_id   1
_entity_poly.type   'polypeptide(L)'
_entity_poly.pdbx_seq_one_letter_code
;MSDKTKTNEGFSRRSFIGSAAVVTAGVAGLGAIDAASATQKTNRASTVKGGFDYDVVVVGGGFAGATAARECGLQGYRTL
LLEARSRLGGRTFTSRFAGQEIEFGGAWVHWLQPHVWAEMQRYGLGVVEDPLTNLDKTLIMYNDGSVESISPDEFGKNIR
IAFEKLCHDAWEVFPRPHEPMFTERARELDKSSVLDRIKTLGLSRLQQAQINSYMALYAGETTDKFGLPGVLKLFACGGW
NYDAFMDTETHYRIQGGTIGLINAMLTDSGAEVRMSVPVTAVEQVNGGVKIKTDDDEIITAGVVVMTVPLNTYKHIGFTP
ALSKGKQRFIKEGQLSKGAKLYVHVKQNLGRVFAFADEQQPLNWVQTHDYSDELGTILSITIARKETIDVNDRDAVTREV
QKMFPGVEVLGTAAYDWTADPFSLGAWAAYGVGQLSRLKDLQAAEGRILFAGAETSNGWHAVIDGAVESGLRAGREVKQL
LSLEHHHHHH
;
_entity_poly.pdbx_strand_id   A,B,C,D
#
loop_
_chem_comp.id
_chem_comp.type
_chem_comp.name
_chem_comp.formula
FAD non-polymer 'FLAVIN-ADENINE DINUCLEOTIDE' 'C27 H33 N9 O15 P2'
NCT non-polymer (S)-3-(1-METHYLPYRROLIDIN-2-YL)PYRIDINE 'C10 H14 N2'
#
# COMPACT_ATOMS: atom_id res chain seq x y z
N GLY A 51 27.44 9.28 -4.24
CA GLY A 51 26.23 8.78 -3.60
C GLY A 51 25.67 9.74 -2.58
N PHE A 52 24.45 10.23 -2.84
CA PHE A 52 23.82 11.21 -1.97
C PHE A 52 23.53 10.59 -0.59
N ASP A 53 23.10 11.46 0.33
CA ASP A 53 22.83 11.01 1.69
C ASP A 53 21.64 10.04 1.72
N TYR A 54 20.56 10.39 1.03
CA TYR A 54 19.37 9.55 0.98
C TYR A 54 18.88 9.46 -0.46
N ASP A 55 18.11 8.40 -0.74
CA ASP A 55 17.47 8.29 -2.04
C ASP A 55 16.38 9.34 -2.20
N VAL A 56 15.50 9.47 -1.21
CA VAL A 56 14.36 10.38 -1.26
C VAL A 56 14.30 11.20 0.02
N VAL A 57 13.93 12.47 -0.12
CA VAL A 57 13.69 13.35 1.00
C VAL A 57 12.27 13.88 0.88
N VAL A 58 11.39 13.45 1.78
CA VAL A 58 10.06 14.00 1.92
C VAL A 58 10.14 15.21 2.83
N VAL A 59 9.49 16.30 2.44
CA VAL A 59 9.43 17.52 3.24
C VAL A 59 7.99 17.72 3.69
N GLY A 60 7.76 17.68 4.99
CA GLY A 60 6.43 17.83 5.54
C GLY A 60 5.86 16.55 6.10
N GLY A 61 5.52 16.56 7.38
CA GLY A 61 5.01 15.39 8.06
C GLY A 61 3.49 15.33 8.12
N GLY A 62 2.83 15.87 7.10
CA GLY A 62 1.40 15.76 6.98
C GLY A 62 1.00 14.43 6.37
N PHE A 63 -0.29 14.31 6.04
CA PHE A 63 -0.77 13.08 5.44
C PHE A 63 -0.16 12.87 4.06
N ALA A 64 -0.04 13.92 3.26
CA ALA A 64 0.63 13.82 1.98
C ALA A 64 2.05 13.28 2.14
N GLY A 65 2.84 13.94 2.98
CA GLY A 65 4.22 13.51 3.18
C GLY A 65 4.32 12.13 3.82
N ALA A 66 3.43 11.83 4.76
CA ALA A 66 3.45 10.51 5.38
C ALA A 66 3.17 9.41 4.37
N THR A 67 2.15 9.61 3.52
CA THR A 67 1.84 8.62 2.50
C THR A 67 2.99 8.48 1.51
N ALA A 68 3.60 9.60 1.10
CA ALA A 68 4.73 9.52 0.18
C ALA A 68 5.89 8.76 0.80
N ALA A 69 6.21 9.04 2.06
CA ALA A 69 7.28 8.35 2.75
C ALA A 69 6.99 6.86 2.84
N ARG A 70 5.74 6.49 3.11
CA ARG A 70 5.38 5.07 3.15
C ARG A 70 5.58 4.43 1.78
N GLU A 71 5.11 5.08 0.72
CA GLU A 71 5.24 4.52 -0.62
C GLU A 71 6.70 4.26 -0.96
N CYS A 72 7.57 5.24 -0.68
CA CYS A 72 8.98 5.10 -1.04
C CYS A 72 9.74 4.18 -0.08
N GLY A 73 9.31 4.07 1.18
CA GLY A 73 9.97 3.14 2.07
C GLY A 73 9.65 1.70 1.73
N LEU A 74 8.38 1.42 1.45
CA LEU A 74 8.01 0.06 1.05
C LEU A 74 8.71 -0.36 -0.23
N GLN A 75 9.23 0.59 -1.01
CA GLN A 75 10.01 0.28 -2.20
C GLN A 75 11.47 -0.06 -1.88
N GLY A 76 11.90 0.15 -0.63
CA GLY A 76 13.28 -0.11 -0.25
C GLY A 76 14.21 1.06 -0.44
N TYR A 77 13.72 2.21 -0.87
CA TYR A 77 14.56 3.39 -0.99
C TYR A 77 15.00 3.86 0.39
N ARG A 78 16.14 4.55 0.43
CA ARG A 78 16.61 5.20 1.65
C ARG A 78 15.85 6.52 1.79
N THR A 79 14.82 6.54 2.64
CA THR A 79 13.90 7.66 2.72
C THR A 79 14.13 8.44 4.01
N LEU A 80 14.18 9.76 3.89
CA LEU A 80 14.25 10.66 5.03
C LEU A 80 13.09 11.64 4.96
N LEU A 81 12.44 11.88 6.10
CA LEU A 81 11.34 12.84 6.17
C LEU A 81 11.72 13.96 7.14
N LEU A 82 11.50 15.20 6.72
CA LEU A 82 11.79 16.37 7.53
C LEU A 82 10.49 17.09 7.85
N GLU A 83 10.31 17.46 9.12
CA GLU A 83 9.10 18.12 9.59
C GLU A 83 9.49 19.41 10.30
N ALA A 84 8.92 20.53 9.84
CA ALA A 84 9.24 21.82 10.44
C ALA A 84 8.84 21.87 11.91
N ARG A 85 7.55 21.64 12.19
CA ARG A 85 7.08 21.64 13.56
C ARG A 85 7.74 20.53 14.36
N SER A 86 7.48 20.54 15.67
CA SER A 86 7.94 19.49 16.57
C SER A 86 6.95 18.34 16.67
N ARG A 87 5.87 18.37 15.89
CA ARG A 87 4.85 17.33 15.89
C ARG A 87 4.51 16.97 14.45
N LEU A 88 4.02 15.75 14.27
CA LEU A 88 3.55 15.29 12.97
C LEU A 88 2.06 15.58 12.82
N GLY A 89 1.55 15.34 11.62
CA GLY A 89 0.14 15.52 11.31
C GLY A 89 -0.17 16.77 10.52
N GLY A 90 0.66 17.81 10.63
CA GLY A 90 0.44 19.01 9.86
C GLY A 90 -0.87 19.68 10.23
N ARG A 91 -1.72 19.89 9.22
CA ARG A 91 -3.01 20.55 9.42
C ARG A 91 -4.04 19.67 10.11
N THR A 92 -3.61 18.53 10.65
CA THR A 92 -4.40 17.75 11.58
C THR A 92 -3.67 17.71 12.92
N PHE A 93 -4.40 17.88 14.01
CA PHE A 93 -3.77 17.94 15.32
C PHE A 93 -4.81 17.62 16.39
N THR A 94 -4.66 16.48 17.04
CA THR A 94 -5.53 16.10 18.15
C THR A 94 -4.90 16.58 19.45
N SER A 95 -5.64 17.37 20.21
CA SER A 95 -5.18 17.86 21.50
C SER A 95 -6.26 17.53 22.52
N ARG A 96 -6.21 18.20 23.67
CA ARG A 96 -7.22 18.02 24.70
C ARG A 96 -7.54 19.36 25.35
N PHE A 97 -8.80 19.51 25.74
CA PHE A 97 -9.30 20.75 26.31
C PHE A 97 -10.43 20.42 27.27
N ALA A 98 -10.51 21.18 28.37
CA ALA A 98 -11.57 21.02 29.36
C ALA A 98 -11.79 19.56 29.74
N GLY A 99 -10.73 18.76 29.65
CA GLY A 99 -10.75 17.39 30.12
C GLY A 99 -10.98 16.34 29.06
N GLN A 100 -11.29 16.72 27.83
CA GLN A 100 -11.61 15.74 26.79
C GLN A 100 -10.73 15.95 25.57
N GLU A 101 -10.69 14.91 24.74
CA GLU A 101 -9.99 14.99 23.45
C GLU A 101 -10.73 15.92 22.50
N ILE A 102 -9.96 16.70 21.75
CA ILE A 102 -10.50 17.64 20.77
C ILE A 102 -9.60 17.61 19.55
N GLU A 103 -10.12 18.13 18.44
CA GLU A 103 -9.40 18.17 17.17
C GLU A 103 -9.29 19.62 16.72
N PHE A 104 -8.05 20.12 16.66
CA PHE A 104 -7.81 21.49 16.22
C PHE A 104 -7.70 21.60 14.71
N GLY A 105 -7.54 20.49 14.02
CA GLY A 105 -7.47 20.46 12.57
C GLY A 105 -8.44 19.45 12.00
N GLY A 106 -8.05 18.88 10.86
CA GLY A 106 -8.91 17.91 10.19
C GLY A 106 -8.92 16.58 10.92
N ALA A 107 -10.08 15.94 10.94
CA ALA A 107 -10.19 14.68 11.68
C ALA A 107 -11.40 13.85 11.30
N TRP A 108 -12.22 14.32 10.36
CA TRP A 108 -13.43 13.61 9.97
C TRP A 108 -13.29 13.08 8.56
N VAL A 109 -13.53 11.78 8.39
CA VAL A 109 -13.31 11.08 7.13
C VAL A 109 -14.55 10.24 6.82
N HIS A 110 -14.55 9.67 5.61
CA HIS A 110 -15.70 8.89 5.16
C HIS A 110 -15.25 7.89 4.10
N TRP A 111 -15.99 6.79 3.99
CA TRP A 111 -15.64 5.75 3.03
C TRP A 111 -15.89 6.17 1.59
N LEU A 112 -16.69 7.21 1.37
CA LEU A 112 -16.79 7.77 0.03
C LEU A 112 -15.53 8.51 -0.38
N GLN A 113 -14.55 8.63 0.53
CA GLN A 113 -13.24 9.15 0.19
C GLN A 113 -12.31 7.97 -0.05
N PRO A 114 -11.87 7.72 -1.29
CA PRO A 114 -11.32 6.39 -1.60
C PRO A 114 -9.94 6.14 -1.00
N HIS A 115 -9.04 7.12 -1.05
CA HIS A 115 -7.64 6.86 -0.73
C HIS A 115 -7.45 6.65 0.77
N VAL A 116 -7.93 7.57 1.60
CA VAL A 116 -7.73 7.42 3.04
C VAL A 116 -8.55 6.26 3.58
N TRP A 117 -9.68 5.94 2.94
CA TRP A 117 -10.43 4.75 3.34
C TRP A 117 -9.65 3.48 3.01
N ALA A 118 -9.00 3.45 1.84
CA ALA A 118 -8.14 2.33 1.52
C ALA A 118 -7.00 2.21 2.52
N GLU A 119 -6.46 3.35 2.97
CA GLU A 119 -5.42 3.32 3.98
C GLU A 119 -5.95 2.74 5.29
N MET A 120 -7.15 3.17 5.72
CA MET A 120 -7.75 2.61 6.92
C MET A 120 -7.93 1.11 6.80
N GLN A 121 -8.41 0.65 5.65
CA GLN A 121 -8.53 -0.80 5.43
C GLN A 121 -7.18 -1.48 5.57
N ARG A 122 -6.15 -0.94 4.89
CA ARG A 122 -4.82 -1.55 4.95
C ARG A 122 -4.32 -1.64 6.38
N TYR A 123 -4.62 -0.64 7.21
CA TYR A 123 -4.08 -0.58 8.56
C TYR A 123 -5.10 -0.96 9.63
N GLY A 124 -6.31 -1.35 9.24
CA GLY A 124 -7.28 -1.85 10.19
C GLY A 124 -7.86 -0.82 11.13
N LEU A 125 -7.98 0.43 10.69
CA LEU A 125 -8.50 1.49 11.53
C LEU A 125 -10.01 1.62 11.30
N GLY A 126 -10.78 1.41 12.37
CA GLY A 126 -12.22 1.55 12.30
C GLY A 126 -12.66 2.99 12.43
N VAL A 127 -13.98 3.18 12.35
CA VAL A 127 -14.57 4.50 12.44
C VAL A 127 -15.06 4.74 13.87
N VAL A 128 -15.17 6.02 14.23
CA VAL A 128 -15.74 6.45 15.50
C VAL A 128 -16.78 7.51 15.18
N GLU A 129 -18.03 7.23 15.51
CA GLU A 129 -19.16 8.05 15.06
C GLU A 129 -19.53 9.07 16.13
N ASP A 130 -19.49 10.35 15.76
CA ASP A 130 -20.00 11.40 16.62
C ASP A 130 -21.50 11.55 16.40
N PRO A 131 -22.30 11.60 17.48
CA PRO A 131 -23.75 11.77 17.30
C PRO A 131 -24.09 13.13 16.71
N LEU A 132 -24.89 13.13 15.66
CA LEU A 132 -25.35 14.36 14.99
C LEU A 132 -26.83 14.18 14.64
N THR A 133 -27.65 13.96 15.67
CA THR A 133 -29.06 13.63 15.51
C THR A 133 -29.92 14.60 16.31
N ASN A 134 -31.07 14.94 15.75
CA ASN A 134 -32.10 15.76 16.39
C ASN A 134 -31.51 16.84 17.29
N LEU A 135 -31.00 17.91 16.69
CA LEU A 135 -30.50 19.04 17.47
C LEU A 135 -31.60 19.58 18.37
N ASP A 136 -31.18 20.27 19.44
CA ASP A 136 -32.12 20.96 20.31
C ASP A 136 -32.36 22.40 19.87
N LYS A 137 -31.36 23.03 19.25
CA LYS A 137 -31.49 24.40 18.77
C LYS A 137 -30.55 24.61 17.59
N THR A 138 -31.12 25.07 16.48
CA THR A 138 -30.36 25.45 15.29
C THR A 138 -30.58 26.93 15.04
N LEU A 139 -29.50 27.66 14.83
CA LEU A 139 -29.54 29.11 14.75
C LEU A 139 -28.83 29.59 13.49
N ILE A 140 -29.27 30.75 13.00
CA ILE A 140 -28.65 31.41 11.86
C ILE A 140 -28.42 32.87 12.22
N MET A 141 -27.17 33.30 12.18
CA MET A 141 -26.79 34.68 12.42
C MET A 141 -26.43 35.33 11.10
N TYR A 142 -26.93 36.54 10.89
CA TYR A 142 -26.73 37.25 9.64
C TYR A 142 -25.56 38.22 9.76
N ASN A 143 -25.15 38.76 8.60
CA ASN A 143 -24.00 39.64 8.56
C ASN A 143 -24.22 40.90 9.40
N ASP A 144 -25.47 41.30 9.60
CA ASP A 144 -25.79 42.47 10.41
C ASP A 144 -25.86 42.16 11.90
N GLY A 145 -25.56 40.92 12.32
CA GLY A 145 -25.63 40.52 13.70
C GLY A 145 -26.92 39.82 14.08
N SER A 146 -27.97 39.95 13.26
CA SER A 146 -29.24 39.30 13.56
C SER A 146 -29.03 37.81 13.80
N VAL A 147 -29.65 37.30 14.85
CA VAL A 147 -29.56 35.89 15.22
C VAL A 147 -30.97 35.36 15.38
N GLU A 148 -31.38 34.46 14.49
CA GLU A 148 -32.71 33.87 14.51
C GLU A 148 -32.59 32.37 14.73
N SER A 149 -33.37 31.85 15.67
CA SER A 149 -33.36 30.43 16.00
C SER A 149 -34.43 29.73 15.17
N ILE A 150 -34.00 28.95 14.18
CA ILE A 150 -34.90 28.15 13.37
C ILE A 150 -35.02 26.78 14.03
N SER A 151 -36.23 26.23 14.06
CA SER A 151 -36.13 24.93 14.70
C SER A 151 -35.75 23.86 13.68
N PRO A 152 -34.93 22.90 14.11
CA PRO A 152 -34.10 22.12 13.17
C PRO A 152 -34.68 21.80 11.78
N ASP A 153 -35.65 20.89 11.70
CA ASP A 153 -35.96 20.24 10.43
C ASP A 153 -36.15 21.26 9.30
N GLU A 154 -36.85 22.37 9.57
CA GLU A 154 -36.96 23.42 8.57
C GLU A 154 -35.59 23.95 8.16
N PHE A 155 -34.74 24.22 9.15
CA PHE A 155 -33.37 24.63 8.89
C PHE A 155 -32.67 23.65 7.94
N GLY A 156 -32.68 22.37 8.31
CA GLY A 156 -31.99 21.38 7.51
C GLY A 156 -32.51 21.28 6.09
N LYS A 157 -33.83 21.31 5.92
CA LYS A 157 -34.38 21.13 4.59
C LYS A 157 -34.22 22.37 3.73
N ASN A 158 -34.30 23.57 4.33
CA ASN A 158 -34.02 24.74 3.52
C ASN A 158 -32.55 24.82 3.13
N ILE A 159 -31.63 24.39 4.02
CA ILE A 159 -30.24 24.35 3.59
C ILE A 159 -30.02 23.29 2.52
N ARG A 160 -30.75 22.17 2.58
CA ARG A 160 -30.68 21.19 1.50
C ARG A 160 -31.12 21.82 0.17
N ILE A 161 -32.23 22.56 0.20
CA ILE A 161 -32.71 23.25 -1.00
C ILE A 161 -31.61 24.17 -1.54
N ALA A 162 -31.07 25.03 -0.67
CA ALA A 162 -30.07 25.99 -1.11
C ALA A 162 -28.85 25.29 -1.69
N PHE A 163 -28.37 24.24 -1.02
CA PHE A 163 -27.20 23.52 -1.52
C PHE A 163 -27.48 22.88 -2.88
N GLU A 164 -28.57 22.12 -2.99
CA GLU A 164 -28.85 21.42 -4.22
C GLU A 164 -29.04 22.38 -5.38
N LYS A 165 -29.67 23.53 -5.13
CA LYS A 165 -29.81 24.50 -6.22
C LYS A 165 -28.49 25.20 -6.50
N LEU A 166 -27.60 25.27 -5.52
CA LEU A 166 -26.27 25.81 -5.76
C LEU A 166 -25.46 24.90 -6.69
N CYS A 167 -25.61 23.60 -6.54
CA CYS A 167 -24.92 22.61 -7.36
C CYS A 167 -25.87 21.93 -8.33
N HIS A 168 -26.80 22.69 -8.91
CA HIS A 168 -27.80 22.11 -9.79
C HIS A 168 -27.16 21.40 -10.97
N ASP A 169 -26.09 21.97 -11.53
CA ASP A 169 -25.44 21.45 -12.72
C ASP A 169 -24.20 20.62 -12.39
N ALA A 170 -24.13 20.06 -11.18
CA ALA A 170 -22.92 19.37 -10.75
C ALA A 170 -22.60 18.19 -11.66
N TRP A 171 -23.57 17.30 -11.87
CA TRP A 171 -23.29 16.07 -12.61
C TRP A 171 -22.76 16.37 -14.01
N GLU A 172 -23.51 17.14 -14.80
CA GLU A 172 -23.13 17.41 -16.18
C GLU A 172 -21.78 18.09 -16.26
N VAL A 173 -21.53 19.05 -15.37
CA VAL A 173 -20.27 19.78 -15.42
C VAL A 173 -19.11 18.90 -14.99
N PHE A 174 -19.34 18.00 -14.04
CA PHE A 174 -18.27 17.15 -13.50
C PHE A 174 -18.69 15.68 -13.53
N PRO A 175 -18.71 15.07 -14.72
CA PRO A 175 -18.95 13.63 -14.79
C PRO A 175 -17.82 12.83 -14.18
N ARG A 176 -16.58 13.34 -14.26
CA ARG A 176 -15.40 12.69 -13.66
C ARG A 176 -14.82 13.65 -12.64
N PRO A 177 -15.28 13.61 -11.39
CA PRO A 177 -14.75 14.54 -10.37
C PRO A 177 -13.24 14.47 -10.22
N HIS A 178 -12.63 13.34 -10.55
CA HIS A 178 -11.18 13.20 -10.43
C HIS A 178 -10.43 13.75 -11.64
N GLU A 179 -11.12 14.04 -12.73
CA GLU A 179 -10.58 14.85 -13.81
C GLU A 179 -11.32 16.17 -13.79
N PRO A 180 -10.93 17.11 -12.92
CA PRO A 180 -11.78 18.28 -12.65
C PRO A 180 -12.23 19.02 -13.90
N MET A 181 -11.36 19.20 -14.88
CA MET A 181 -11.66 19.98 -16.07
C MET A 181 -11.82 19.10 -17.30
N PHE A 182 -12.42 17.93 -17.13
CA PHE A 182 -12.75 17.08 -18.26
C PHE A 182 -13.66 17.84 -19.22
N THR A 183 -14.88 18.12 -18.80
CA THR A 183 -15.76 18.99 -19.57
C THR A 183 -15.28 20.42 -19.47
N GLU A 184 -15.15 21.10 -20.61
CA GLU A 184 -14.66 22.47 -20.61
C GLU A 184 -15.71 23.48 -20.16
N ARG A 185 -16.96 23.06 -19.99
CA ARG A 185 -17.94 23.95 -19.35
C ARG A 185 -17.53 24.24 -17.92
N ALA A 186 -16.91 23.27 -17.24
CA ALA A 186 -16.30 23.55 -15.95
C ALA A 186 -15.15 24.55 -16.10
N ARG A 187 -14.39 24.44 -17.18
CA ARG A 187 -13.34 25.42 -17.44
C ARG A 187 -13.92 26.82 -17.55
N GLU A 188 -15.05 26.97 -18.24
CA GLU A 188 -15.67 28.28 -18.38
C GLU A 188 -16.30 28.75 -17.07
N LEU A 189 -16.86 27.81 -16.29
CA LEU A 189 -17.43 28.19 -15.00
C LEU A 189 -16.36 28.65 -14.03
N ASP A 190 -15.12 28.15 -14.17
CA ASP A 190 -14.03 28.66 -13.36
C ASP A 190 -13.79 30.14 -13.57
N LYS A 191 -14.44 30.74 -14.57
CA LYS A 191 -14.45 32.19 -14.73
C LYS A 191 -15.37 32.87 -13.72
N SER A 192 -16.18 32.11 -12.99
CA SER A 192 -17.21 32.66 -12.13
C SER A 192 -16.88 32.44 -10.67
N SER A 193 -17.54 33.21 -9.82
CA SER A 193 -17.48 33.02 -8.38
C SER A 193 -18.60 32.07 -7.95
N VAL A 194 -18.64 31.77 -6.65
CA VAL A 194 -19.79 31.06 -6.12
C VAL A 194 -20.88 32.05 -5.71
N LEU A 195 -20.51 33.26 -5.30
CA LEU A 195 -21.49 34.32 -5.12
C LEU A 195 -22.16 34.68 -6.44
N ASP A 196 -21.41 34.57 -7.55
CA ASP A 196 -21.97 34.89 -8.86
C ASP A 196 -23.19 34.03 -9.16
N ARG A 197 -23.16 32.77 -8.75
CA ARG A 197 -24.29 31.87 -8.97
C ARG A 197 -25.30 31.95 -7.83
N ILE A 198 -24.83 32.16 -6.60
CA ILE A 198 -25.75 32.38 -5.49
C ILE A 198 -26.73 33.50 -5.83
N LYS A 199 -26.21 34.57 -6.43
CA LYS A 199 -27.07 35.69 -6.81
C LYS A 199 -28.09 35.28 -7.88
N THR A 200 -27.70 34.38 -8.79
CA THR A 200 -28.57 33.98 -9.89
C THR A 200 -29.47 32.79 -9.54
N LEU A 201 -29.38 32.26 -8.33
CA LEU A 201 -30.23 31.15 -7.93
C LEU A 201 -31.51 31.59 -7.22
N GLY A 202 -31.67 32.89 -6.96
CA GLY A 202 -32.88 33.39 -6.33
C GLY A 202 -33.30 32.59 -5.12
N LEU A 203 -32.58 32.74 -4.01
CA LEU A 203 -32.84 31.97 -2.81
C LEU A 203 -33.65 32.77 -1.80
N SER A 204 -34.20 32.06 -0.83
CA SER A 204 -34.70 32.69 0.38
C SER A 204 -33.61 33.57 0.98
N ARG A 205 -34.00 34.46 1.88
CA ARG A 205 -32.99 35.16 2.66
C ARG A 205 -32.38 34.21 3.68
N LEU A 206 -33.22 33.42 4.35
CA LEU A 206 -32.71 32.39 5.25
C LEU A 206 -31.74 31.46 4.52
N GLN A 207 -32.16 30.86 3.39
CA GLN A 207 -31.32 29.89 2.71
C GLN A 207 -30.11 30.53 2.04
N GLN A 208 -30.27 31.76 1.53
CA GLN A 208 -29.11 32.47 1.01
C GLN A 208 -28.06 32.64 2.10
N ALA A 209 -28.47 33.14 3.28
CA ALA A 209 -27.53 33.26 4.38
C ALA A 209 -26.91 31.91 4.73
N GLN A 210 -27.75 30.86 4.81
CA GLN A 210 -27.25 29.54 5.15
C GLN A 210 -26.13 29.12 4.21
N ILE A 211 -26.41 29.06 2.91
CA ILE A 211 -25.44 28.51 1.97
C ILE A 211 -24.26 29.45 1.78
N ASN A 212 -24.46 30.76 1.95
CA ASN A 212 -23.32 31.67 1.82
C ASN A 212 -22.37 31.52 3.00
N SER A 213 -22.89 31.37 4.21
CA SER A 213 -22.02 31.07 5.35
C SER A 213 -21.33 29.73 5.15
N TYR A 214 -22.06 28.74 4.64
CA TYR A 214 -21.47 27.44 4.32
C TYR A 214 -20.26 27.60 3.40
N MET A 215 -20.44 28.30 2.28
CA MET A 215 -19.37 28.44 1.29
C MET A 215 -18.28 29.40 1.74
N ALA A 216 -18.58 30.33 2.65
CA ALA A 216 -17.52 31.13 3.25
C ALA A 216 -16.66 30.28 4.16
N LEU A 217 -17.28 29.38 4.93
CA LEU A 217 -16.51 28.37 5.66
C LEU A 217 -15.62 27.59 4.70
N TYR A 218 -16.22 27.07 3.62
CA TYR A 218 -15.45 26.26 2.68
C TYR A 218 -14.34 27.06 2.00
N ALA A 219 -14.50 28.37 1.90
CA ALA A 219 -13.51 29.22 1.24
C ALA A 219 -12.52 29.87 2.21
N GLY A 220 -12.80 29.82 3.51
CA GLY A 220 -11.98 30.54 4.45
C GLY A 220 -11.87 32.01 4.07
N GLU A 221 -12.86 32.48 3.33
CA GLU A 221 -12.88 33.81 2.74
C GLU A 221 -14.33 34.19 2.50
N THR A 222 -14.53 35.32 1.81
CA THR A 222 -15.87 35.73 1.40
C THR A 222 -16.21 35.11 0.06
N THR A 223 -17.46 34.64 -0.07
CA THR A 223 -17.87 33.88 -1.23
C THR A 223 -17.61 34.61 -2.55
N ASP A 224 -17.39 35.94 -2.50
CA ASP A 224 -17.11 36.66 -3.73
C ASP A 224 -15.78 36.21 -4.35
N LYS A 225 -14.84 35.74 -3.53
CA LYS A 225 -13.56 35.26 -4.03
C LYS A 225 -13.53 33.75 -4.26
N PHE A 226 -14.58 33.05 -3.87
CA PHE A 226 -14.58 31.58 -3.90
C PHE A 226 -14.85 31.08 -5.31
N GLY A 227 -13.94 30.25 -5.83
CA GLY A 227 -14.19 29.62 -7.11
C GLY A 227 -15.39 28.69 -7.06
N LEU A 228 -16.08 28.60 -8.19
CA LEU A 228 -17.28 27.81 -8.38
C LEU A 228 -16.93 26.35 -8.70
N PRO A 229 -16.05 26.12 -9.68
CA PRO A 229 -15.76 24.73 -10.08
C PRO A 229 -15.23 23.87 -8.95
N GLY A 230 -14.47 24.44 -8.02
CA GLY A 230 -13.98 23.64 -6.90
C GLY A 230 -15.11 23.08 -6.06
N VAL A 231 -16.08 23.94 -5.72
CA VAL A 231 -17.23 23.49 -4.95
C VAL A 231 -18.00 22.43 -5.72
N LEU A 232 -18.25 22.68 -7.01
CA LEU A 232 -19.00 21.71 -7.79
C LEU A 232 -18.27 20.37 -7.87
N LYS A 233 -16.96 20.39 -8.03
CA LYS A 233 -16.19 19.16 -8.11
C LYS A 233 -16.21 18.41 -6.78
N LEU A 234 -16.06 19.14 -5.67
CA LEU A 234 -16.13 18.49 -4.37
C LEU A 234 -17.47 17.80 -4.18
N PHE A 235 -18.56 18.46 -4.58
CA PHE A 235 -19.87 17.81 -4.48
C PHE A 235 -19.94 16.60 -5.41
N ALA A 236 -19.32 16.68 -6.58
CA ALA A 236 -19.34 15.57 -7.52
C ALA A 236 -18.68 14.33 -6.92
N CYS A 237 -17.47 14.51 -6.37
CA CYS A 237 -16.74 13.40 -5.71
C CYS A 237 -17.60 12.69 -4.69
N GLY A 238 -18.50 13.43 -4.06
CA GLY A 238 -19.44 12.93 -3.08
C GLY A 238 -20.61 12.19 -3.64
N GLY A 239 -20.67 11.98 -4.96
CA GLY A 239 -21.75 11.23 -5.56
C GLY A 239 -22.90 12.06 -6.11
N TRP A 240 -22.70 13.35 -6.35
CA TRP A 240 -23.76 14.23 -6.86
C TRP A 240 -25.04 14.11 -6.03
N ASN A 241 -24.90 13.78 -4.75
CA ASN A 241 -26.04 13.54 -3.88
C ASN A 241 -25.85 14.30 -2.57
N TYR A 242 -26.88 15.05 -2.16
CA TYR A 242 -26.75 15.90 -0.97
C TYR A 242 -26.60 15.07 0.29
N ASP A 243 -27.44 14.05 0.47
CA ASP A 243 -27.37 13.24 1.68
C ASP A 243 -26.00 12.58 1.82
N ALA A 244 -25.53 11.91 0.76
CA ALA A 244 -24.26 11.21 0.83
C ALA A 244 -23.11 12.17 1.05
N PHE A 245 -23.13 13.32 0.37
CA PHE A 245 -22.04 14.29 0.54
C PHE A 245 -22.03 14.85 1.96
N MET A 246 -23.20 15.18 2.50
CA MET A 246 -23.27 15.70 3.86
C MET A 246 -22.83 14.65 4.88
N ASP A 247 -23.06 13.36 4.58
CA ASP A 247 -22.62 12.32 5.48
C ASP A 247 -21.10 12.30 5.66
N THR A 248 -20.36 13.02 4.83
CA THR A 248 -18.90 13.08 4.90
C THR A 248 -18.41 14.43 5.42
N GLU A 249 -19.12 14.99 6.40
CA GLU A 249 -18.78 16.31 6.91
C GLU A 249 -18.09 16.23 8.28
N THR A 250 -18.88 15.99 9.33
CA THR A 250 -18.35 15.86 10.68
C THR A 250 -19.05 14.69 11.38
N HIS A 251 -18.99 13.52 10.77
CA HIS A 251 -19.73 12.35 11.23
C HIS A 251 -18.84 11.24 11.77
N TYR A 252 -17.75 10.92 11.08
CA TYR A 252 -16.91 9.78 11.46
C TYR A 252 -15.45 10.21 11.54
N ARG A 253 -14.79 9.80 12.62
CA ARG A 253 -13.37 10.00 12.84
C ARG A 253 -12.64 8.66 12.82
N ILE A 254 -11.31 8.73 12.91
CA ILE A 254 -10.47 7.54 12.79
C ILE A 254 -10.17 7.00 14.18
N GLN A 255 -10.40 5.70 14.37
CA GLN A 255 -9.94 5.03 15.57
C GLN A 255 -8.45 5.24 15.76
N GLY A 256 -8.06 5.65 16.96
CA GLY A 256 -6.68 6.03 17.21
C GLY A 256 -6.29 7.39 16.70
N GLY A 257 -7.13 8.01 15.87
CA GLY A 257 -6.93 9.38 15.46
C GLY A 257 -6.09 9.54 14.20
N THR A 258 -6.19 10.73 13.61
CA THR A 258 -5.35 11.08 12.48
C THR A 258 -3.88 10.82 12.79
N ILE A 259 -3.46 11.11 14.02
CA ILE A 259 -2.10 10.78 14.43
C ILE A 259 -1.89 9.28 14.42
N GLY A 260 -2.93 8.51 14.76
CA GLY A 260 -2.81 7.06 14.66
C GLY A 260 -2.51 6.60 13.26
N LEU A 261 -3.26 7.12 12.27
CA LEU A 261 -3.00 6.73 10.88
C LEU A 261 -1.63 7.22 10.43
N ILE A 262 -1.26 8.45 10.80
CA ILE A 262 0.06 8.97 10.45
C ILE A 262 1.15 8.06 10.98
N ASN A 263 1.04 7.66 12.24
CA ASN A 263 2.05 6.81 12.86
C ASN A 263 2.08 5.44 12.21
N ALA A 264 0.91 4.89 11.86
CA ALA A 264 0.89 3.63 11.13
C ALA A 264 1.70 3.73 9.84
N MET A 265 1.38 4.74 9.02
CA MET A 265 2.08 4.91 7.76
C MET A 265 3.58 5.08 7.98
N LEU A 266 3.97 5.85 9.00
CA LEU A 266 5.39 6.17 9.19
C LEU A 266 6.15 4.97 9.72
N THR A 267 5.61 4.28 10.72
CA THR A 267 6.20 3.03 11.20
C THR A 267 6.37 2.05 10.05
N ASP A 268 5.35 1.93 9.19
CA ASP A 268 5.44 1.02 8.06
C ASP A 268 6.57 1.42 7.12
N SER A 269 6.64 2.71 6.78
CA SER A 269 7.59 3.17 5.77
C SER A 269 9.03 2.81 6.12
N GLY A 270 9.36 2.76 7.41
CA GLY A 270 10.73 2.53 7.81
C GLY A 270 11.64 3.72 7.60
N ALA A 271 11.10 4.88 7.23
CA ALA A 271 11.92 6.05 6.94
C ALA A 271 12.43 6.69 8.23
N GLU A 272 13.45 7.53 8.07
CA GLU A 272 13.95 8.35 9.16
C GLU A 272 13.15 9.65 9.21
N VAL A 273 12.63 9.98 10.38
CA VAL A 273 11.81 11.16 10.57
C VAL A 273 12.56 12.12 11.49
N ARG A 274 12.84 13.31 10.99
CA ARG A 274 13.42 14.39 11.78
C ARG A 274 12.37 15.45 12.03
N MET A 275 12.27 15.92 13.27
CA MET A 275 11.26 16.89 13.64
C MET A 275 11.93 18.19 14.07
N SER A 276 11.17 19.28 14.04
CA SER A 276 11.69 20.62 14.30
C SER A 276 12.90 20.89 13.41
N VAL A 277 12.77 20.54 12.14
CA VAL A 277 13.81 20.72 11.14
C VAL A 277 13.21 21.40 9.92
N PRO A 278 13.09 22.72 9.90
CA PRO A 278 12.49 23.38 8.74
C PRO A 278 13.44 23.43 7.55
N VAL A 279 12.88 23.22 6.37
CA VAL A 279 13.61 23.37 5.11
C VAL A 279 13.46 24.81 4.64
N THR A 280 14.59 25.47 4.35
CA THR A 280 14.59 26.84 3.87
C THR A 280 14.98 26.98 2.42
N ALA A 281 15.67 25.99 1.84
CA ALA A 281 16.09 26.09 0.45
C ALA A 281 16.27 24.69 -0.12
N VAL A 282 16.06 24.58 -1.43
CA VAL A 282 16.33 23.37 -2.20
C VAL A 282 17.12 23.78 -3.43
N GLU A 283 18.18 23.02 -3.74
CA GLU A 283 19.03 23.29 -4.89
C GLU A 283 19.22 22.00 -5.67
N GLN A 284 18.67 21.94 -6.87
CA GLN A 284 18.88 20.81 -7.76
C GLN A 284 20.27 20.91 -8.38
N VAL A 285 21.09 19.88 -8.17
CA VAL A 285 22.45 19.87 -8.71
C VAL A 285 22.90 18.42 -8.82
N ASN A 286 23.67 18.13 -9.87
CA ASN A 286 24.37 16.86 -10.02
C ASN A 286 23.41 15.69 -10.22
N GLY A 287 22.34 15.91 -10.97
CA GLY A 287 21.32 14.88 -11.09
C GLY A 287 20.71 14.51 -9.75
N GLY A 288 20.68 15.44 -8.81
CA GLY A 288 20.10 15.23 -7.50
C GLY A 288 19.60 16.54 -6.92
N VAL A 289 19.46 16.61 -5.59
CA VAL A 289 19.01 17.82 -4.94
C VAL A 289 19.74 17.99 -3.61
N LYS A 290 19.98 19.25 -3.26
CA LYS A 290 20.50 19.63 -1.96
C LYS A 290 19.41 20.39 -1.21
N ILE A 291 19.08 19.93 -0.01
CA ILE A 291 18.09 20.56 0.85
C ILE A 291 18.81 21.24 2.00
N LYS A 292 18.51 22.51 2.21
CA LYS A 292 19.13 23.31 3.26
C LYS A 292 18.14 23.48 4.41
N THR A 293 18.60 23.21 5.63
CA THR A 293 17.79 23.43 6.81
C THR A 293 18.03 24.84 7.35
N ASP A 294 17.18 25.25 8.30
CA ASP A 294 17.30 26.60 8.83
C ASP A 294 18.55 26.80 9.69
N ASP A 295 19.24 25.71 10.05
CA ASP A 295 20.54 25.81 10.70
C ASP A 295 21.69 25.61 9.72
N ASP A 296 21.41 25.69 8.42
CA ASP A 296 22.41 25.76 7.36
C ASP A 296 23.07 24.41 7.06
N GLU A 297 22.48 23.30 7.47
CA GLU A 297 23.00 22.00 7.09
C GLU A 297 22.46 21.60 5.73
N ILE A 298 23.29 20.91 4.94
CA ILE A 298 22.92 20.48 3.60
C ILE A 298 22.74 18.97 3.62
N ILE A 299 21.58 18.51 3.14
CA ILE A 299 21.30 17.08 2.99
C ILE A 299 21.09 16.81 1.51
N THR A 300 21.86 15.87 0.96
CA THR A 300 21.76 15.51 -0.44
C THR A 300 20.79 14.35 -0.60
N ALA A 301 20.03 14.38 -1.69
CA ALA A 301 19.11 13.30 -2.02
C ALA A 301 19.05 13.14 -3.53
N GLY A 302 18.55 11.98 -3.95
CA GLY A 302 18.27 11.78 -5.36
C GLY A 302 17.04 12.54 -5.81
N VAL A 303 16.06 12.70 -4.93
CA VAL A 303 14.84 13.43 -5.25
C VAL A 303 14.24 13.95 -3.95
N VAL A 304 13.48 15.03 -4.05
CA VAL A 304 12.78 15.61 -2.92
C VAL A 304 11.29 15.73 -3.29
N VAL A 305 10.43 15.34 -2.36
CA VAL A 305 8.99 15.47 -2.49
C VAL A 305 8.54 16.59 -1.55
N MET A 306 8.12 17.72 -2.12
CA MET A 306 7.62 18.84 -1.35
C MET A 306 6.14 18.64 -1.08
N THR A 307 5.78 18.60 0.21
CA THR A 307 4.38 18.46 0.61
C THR A 307 3.93 19.57 1.55
N VAL A 308 4.77 20.55 1.83
CA VAL A 308 4.41 21.66 2.71
C VAL A 308 3.30 22.47 2.05
N PRO A 309 2.41 23.10 2.82
CA PRO A 309 1.27 23.81 2.21
C PRO A 309 1.75 24.83 1.19
N LEU A 310 0.86 25.14 0.24
CA LEU A 310 1.19 26.12 -0.80
C LEU A 310 1.53 27.47 -0.19
N ASN A 311 0.70 27.93 0.75
CA ASN A 311 0.87 29.27 1.30
C ASN A 311 2.23 29.49 1.95
N THR A 312 2.97 28.41 2.25
CA THR A 312 4.28 28.54 2.89
C THR A 312 5.44 28.44 1.91
N TYR A 313 5.19 28.03 0.66
CA TYR A 313 6.26 27.94 -0.33
C TYR A 313 7.05 29.24 -0.41
N LYS A 314 6.42 30.37 -0.09
CA LYS A 314 7.08 31.66 -0.21
C LYS A 314 8.32 31.77 0.66
N HIS A 315 8.50 30.87 1.63
CA HIS A 315 9.65 30.94 2.54
C HIS A 315 10.72 29.91 2.22
N ILE A 316 10.61 29.23 1.08
CA ILE A 316 11.60 28.25 0.64
C ILE A 316 12.17 28.73 -0.69
N GLY A 317 13.49 28.76 -0.79
CA GLY A 317 14.17 29.24 -1.99
C GLY A 317 14.65 28.10 -2.84
N PHE A 318 14.27 28.14 -4.13
CA PHE A 318 14.56 27.06 -5.07
C PHE A 318 15.62 27.49 -6.07
N THR A 319 16.53 26.57 -6.36
CA THR A 319 17.69 26.84 -7.23
C THR A 319 17.84 25.71 -8.24
N PRO A 320 17.53 25.94 -9.53
CA PRO A 320 17.07 27.20 -10.13
C PRO A 320 15.60 27.52 -9.86
N ALA A 321 15.15 28.67 -10.36
CA ALA A 321 13.78 29.09 -10.11
C ALA A 321 12.79 28.10 -10.69
N LEU A 322 11.66 27.94 -10.01
CA LEU A 322 10.61 27.05 -10.47
C LEU A 322 9.92 27.62 -11.70
N SER A 323 9.10 26.78 -12.34
CA SER A 323 8.35 27.19 -13.51
C SER A 323 7.51 28.42 -13.22
N LYS A 324 7.12 29.16 -14.25
CA LYS A 324 6.40 30.41 -14.05
C LYS A 324 5.01 30.17 -13.49
N GLY A 325 4.31 29.15 -13.97
CA GLY A 325 3.03 28.81 -13.39
C GLY A 325 3.15 28.41 -11.93
N LYS A 326 4.18 27.61 -11.61
CA LYS A 326 4.44 27.27 -10.21
C LYS A 326 4.70 28.51 -9.38
N GLN A 327 5.45 29.47 -9.92
CA GLN A 327 5.72 30.71 -9.20
C GLN A 327 4.43 31.48 -8.94
N ARG A 328 3.58 31.61 -9.97
CA ARG A 328 2.31 32.29 -9.82
C ARG A 328 1.48 31.63 -8.73
N PHE A 329 1.41 30.31 -8.73
CA PHE A 329 0.66 29.60 -7.69
C PHE A 329 1.26 29.86 -6.31
N ILE A 330 2.59 29.84 -6.22
CA ILE A 330 3.25 30.02 -4.92
C ILE A 330 2.93 31.40 -4.36
N LYS A 331 2.97 32.43 -5.20
CA LYS A 331 2.71 33.78 -4.69
C LYS A 331 1.22 34.02 -4.44
N GLU A 332 0.34 33.39 -5.21
CA GLU A 332 -1.08 33.49 -4.91
C GLU A 332 -1.44 32.70 -3.66
N GLY A 333 -0.96 31.46 -3.58
CA GLY A 333 -1.36 30.59 -2.49
C GLY A 333 -2.79 30.11 -2.67
N GLN A 334 -3.55 30.15 -1.59
CA GLN A 334 -4.96 29.82 -1.63
C GLN A 334 -5.69 30.71 -0.63
N LEU A 335 -7.02 30.63 -0.63
CA LEU A 335 -7.85 31.65 -0.02
C LEU A 335 -8.13 31.41 1.47
N SER A 336 -8.24 30.16 1.90
CA SER A 336 -8.68 29.87 3.26
C SER A 336 -7.86 30.63 4.29
N LYS A 337 -8.56 31.23 5.26
CA LYS A 337 -7.95 31.94 6.38
C LYS A 337 -8.64 31.56 7.69
N GLY A 338 -9.09 30.31 7.80
CA GLY A 338 -9.88 29.90 8.94
C GLY A 338 -9.05 29.56 10.17
N ALA A 339 -9.77 29.20 11.23
CA ALA A 339 -9.16 28.82 12.49
C ALA A 339 -10.17 27.98 13.27
N LYS A 340 -9.68 27.26 14.27
CA LYS A 340 -10.52 26.40 15.09
C LYS A 340 -10.57 26.93 16.52
N LEU A 341 -11.73 26.78 17.15
CA LEU A 341 -11.95 27.37 18.47
C LEU A 341 -12.96 26.53 19.25
N TYR A 342 -12.55 26.08 20.42
CA TYR A 342 -13.44 25.42 21.38
C TYR A 342 -13.65 26.35 22.57
N VAL A 343 -14.92 26.54 22.92
CA VAL A 343 -15.29 27.32 24.09
C VAL A 343 -15.98 26.38 25.07
N HIS A 344 -15.95 26.75 26.35
CA HIS A 344 -16.65 25.97 27.37
C HIS A 344 -17.33 26.95 28.32
N VAL A 345 -18.66 26.85 28.39
CA VAL A 345 -19.49 27.76 29.16
C VAL A 345 -20.23 26.97 30.24
N LYS A 346 -20.66 27.71 31.27
CA LYS A 346 -21.24 27.09 32.45
C LYS A 346 -22.55 26.36 32.12
N GLN A 347 -23.42 27.00 31.35
CA GLN A 347 -24.76 26.48 31.15
C GLN A 347 -24.77 25.32 30.17
N ASN A 348 -25.70 24.39 30.39
CA ASN A 348 -25.95 23.29 29.47
C ASN A 348 -26.95 23.75 28.42
N LEU A 349 -26.53 23.74 27.16
CA LEU A 349 -27.37 24.18 26.06
C LEU A 349 -27.72 23.03 25.12
N GLY A 350 -27.40 21.80 25.48
CA GLY A 350 -27.73 20.63 24.69
C GLY A 350 -27.17 20.68 23.27
N ARG A 351 -27.58 19.70 22.48
CA ARG A 351 -27.21 19.65 21.08
C ARG A 351 -27.60 20.95 20.39
N VAL A 352 -26.61 21.59 19.77
CA VAL A 352 -26.80 22.92 19.18
C VAL A 352 -26.00 23.01 17.89
N PHE A 353 -26.57 23.67 16.89
CA PHE A 353 -25.86 24.02 15.66
C PHE A 353 -26.18 25.46 15.28
N ALA A 354 -25.23 26.10 14.58
CA ALA A 354 -25.39 27.50 14.25
C ALA A 354 -24.55 27.85 13.03
N PHE A 355 -25.20 28.53 12.08
CA PHE A 355 -24.55 29.15 10.93
C PHE A 355 -24.36 30.64 11.19
N ALA A 356 -23.35 31.22 10.54
CA ALA A 356 -23.11 32.65 10.62
C ALA A 356 -22.43 33.10 9.32
N ASP A 357 -23.00 34.12 8.68
CA ASP A 357 -22.48 34.51 7.37
C ASP A 357 -21.13 35.20 7.50
N GLU A 358 -20.60 35.67 6.37
CA GLU A 358 -19.17 35.83 6.22
C GLU A 358 -18.58 36.99 7.00
N GLN A 359 -19.37 38.02 7.33
CA GLN A 359 -18.83 39.13 8.11
C GLN A 359 -19.11 38.99 9.60
N GLN A 360 -19.81 37.93 10.01
CA GLN A 360 -19.80 37.55 11.41
C GLN A 360 -18.66 36.56 11.65
N PRO A 361 -18.23 36.41 12.90
CA PRO A 361 -16.99 35.65 13.15
C PRO A 361 -17.18 34.15 13.27
N LEU A 362 -18.04 33.71 14.19
CA LEU A 362 -18.22 32.29 14.48
C LEU A 362 -19.11 31.67 13.40
N ASN A 363 -18.49 31.40 12.25
CA ASN A 363 -19.24 31.04 11.06
C ASN A 363 -19.86 29.65 11.16
N TRP A 364 -19.15 28.70 11.77
CA TRP A 364 -19.66 27.34 11.94
C TRP A 364 -19.59 26.98 13.41
N VAL A 365 -20.73 26.62 14.01
CA VAL A 365 -20.77 26.30 15.42
C VAL A 365 -21.58 25.04 15.64
N GLN A 366 -21.07 24.13 16.47
CA GLN A 366 -21.83 22.96 16.88
C GLN A 366 -21.42 22.59 18.31
N THR A 367 -22.24 21.76 18.94
CA THR A 367 -21.97 21.31 20.30
C THR A 367 -21.07 20.07 20.28
N HIS A 368 -19.98 20.13 21.05
CA HIS A 368 -19.05 19.01 21.17
C HIS A 368 -19.49 18.02 22.25
N ASP A 369 -19.87 18.53 23.42
CA ASP A 369 -20.45 17.70 24.46
C ASP A 369 -21.24 18.57 25.42
N TYR A 370 -22.17 17.94 26.12
CA TYR A 370 -23.13 18.63 26.97
C TYR A 370 -23.45 17.76 28.17
N SER A 371 -23.56 18.41 29.34
CA SER A 371 -23.99 17.73 30.56
C SER A 371 -24.30 18.80 31.59
N ASP A 372 -25.34 18.54 32.40
CA ASP A 372 -25.78 19.54 33.38
C ASP A 372 -24.65 20.00 34.29
N GLU A 373 -23.72 19.10 34.63
CA GLU A 373 -22.63 19.42 35.52
C GLU A 373 -21.45 20.02 34.77
N LEU A 374 -20.98 19.35 33.73
CA LEU A 374 -19.86 19.88 32.94
C LEU A 374 -20.20 21.24 32.37
N GLY A 375 -21.41 21.40 31.85
CA GLY A 375 -21.78 22.62 31.14
C GLY A 375 -21.91 22.37 29.66
N THR A 376 -21.43 23.32 28.84
CA THR A 376 -21.49 23.17 27.40
C THR A 376 -20.12 23.40 26.80
N ILE A 377 -19.75 22.58 25.82
CA ILE A 377 -18.54 22.78 25.03
C ILE A 377 -18.95 23.05 23.58
N LEU A 378 -18.49 24.18 23.06
CA LEU A 378 -18.77 24.64 21.71
C LEU A 378 -17.55 24.36 20.82
N SER A 379 -17.72 23.52 19.81
CA SER A 379 -16.75 23.43 18.73
C SER A 379 -17.13 24.45 17.67
N ILE A 380 -16.15 25.17 17.15
CA ILE A 380 -16.44 26.27 16.24
C ILE A 380 -15.31 26.39 15.23
N THR A 381 -15.69 26.61 13.98
CA THR A 381 -14.76 26.94 12.91
C THR A 381 -15.04 28.35 12.43
N ILE A 382 -13.97 29.13 12.29
CA ILE A 382 -14.04 30.51 11.81
C ILE A 382 -13.44 30.55 10.41
N ALA A 383 -14.19 31.11 9.46
CA ALA A 383 -13.72 31.16 8.09
C ALA A 383 -12.55 32.13 7.91
N ARG A 384 -12.57 33.25 8.64
CA ARG A 384 -11.52 34.24 8.55
C ARG A 384 -11.11 34.67 9.95
N LYS A 385 -9.81 34.67 10.23
CA LYS A 385 -9.33 35.04 11.55
C LYS A 385 -9.43 36.53 11.80
N GLU A 386 -9.47 37.35 10.74
CA GLU A 386 -9.60 38.79 10.92
C GLU A 386 -10.98 39.22 11.40
N THR A 387 -11.92 38.28 11.50
CA THR A 387 -13.26 38.58 12.00
C THR A 387 -13.37 38.42 13.51
N ILE A 388 -12.50 37.61 14.10
CA ILE A 388 -12.49 37.35 15.54
C ILE A 388 -11.05 37.01 15.92
N ASP A 389 -10.56 37.59 17.01
CA ASP A 389 -9.23 37.20 17.48
C ASP A 389 -9.39 36.40 18.76
N VAL A 390 -9.39 35.08 18.60
CA VAL A 390 -9.41 34.11 19.68
C VAL A 390 -8.27 34.41 20.63
N ASN A 391 -7.38 35.32 20.21
CA ASN A 391 -6.40 35.96 21.08
C ASN A 391 -7.08 36.45 22.35
N ASP A 392 -8.36 36.79 22.24
CA ASP A 392 -9.08 37.57 23.25
C ASP A 392 -10.23 36.73 23.82
N ARG A 393 -10.07 36.25 25.06
CA ARG A 393 -11.20 35.63 25.73
C ARG A 393 -12.35 36.61 25.90
N ASP A 394 -12.04 37.90 26.06
CA ASP A 394 -13.09 38.92 26.07
C ASP A 394 -13.83 38.93 24.74
N ALA A 395 -13.08 38.89 23.63
CA ALA A 395 -13.73 38.92 22.31
C ALA A 395 -14.52 37.64 22.06
N VAL A 396 -13.97 36.49 22.43
CA VAL A 396 -14.70 35.23 22.22
C VAL A 396 -15.97 35.22 23.05
N THR A 397 -15.90 35.67 24.31
CA THR A 397 -17.08 35.74 25.15
C THR A 397 -18.11 36.68 24.55
N ARG A 398 -17.69 37.88 24.16
CA ARG A 398 -18.59 38.83 23.51
C ARG A 398 -19.31 38.19 22.33
N GLU A 399 -18.54 37.62 21.40
CA GLU A 399 -19.11 37.15 20.14
C GLU A 399 -20.00 35.93 20.34
N VAL A 400 -19.66 35.04 21.27
CA VAL A 400 -20.55 33.90 21.49
C VAL A 400 -21.81 34.33 22.25
N GLN A 401 -21.69 35.33 23.13
CA GLN A 401 -22.88 35.85 23.80
C GLN A 401 -23.83 36.50 22.80
N LYS A 402 -23.30 37.06 21.72
CA LYS A 402 -24.14 37.61 20.65
C LYS A 402 -25.05 36.56 20.03
N MET A 403 -24.77 35.28 20.25
CA MET A 403 -25.55 34.18 19.69
C MET A 403 -26.23 33.32 20.74
N PHE A 404 -25.66 33.21 21.94
CA PHE A 404 -26.27 32.52 23.07
C PHE A 404 -26.31 33.50 24.25
N PRO A 405 -27.18 34.50 24.18
CA PRO A 405 -27.16 35.57 25.20
C PRO A 405 -27.22 35.01 26.61
N GLY A 406 -26.40 35.57 27.49
CA GLY A 406 -26.37 35.19 28.88
C GLY A 406 -25.64 33.89 29.15
N VAL A 407 -24.41 33.79 28.63
CA VAL A 407 -23.59 32.59 28.78
C VAL A 407 -22.31 32.96 29.52
N GLU A 408 -21.92 32.11 30.47
CA GLU A 408 -20.70 32.29 31.25
C GLU A 408 -19.59 31.45 30.62
N VAL A 409 -18.53 32.11 30.16
CA VAL A 409 -17.44 31.43 29.48
C VAL A 409 -16.43 30.96 30.51
N LEU A 410 -16.25 29.64 30.59
CA LEU A 410 -15.29 29.04 31.52
C LEU A 410 -13.91 28.86 30.90
N GLY A 411 -13.86 28.36 29.68
CA GLY A 411 -12.58 28.02 29.06
C GLY A 411 -12.57 28.30 27.57
N THR A 412 -11.35 28.52 27.06
CA THR A 412 -11.14 28.77 25.64
C THR A 412 -9.90 28.00 25.18
N ALA A 413 -9.98 27.44 23.97
CA ALA A 413 -8.84 26.79 23.32
C ALA A 413 -8.92 27.10 21.84
N ALA A 414 -7.79 27.42 21.23
CA ALA A 414 -7.83 27.92 19.86
C ALA A 414 -6.59 27.50 19.09
N TYR A 415 -6.78 27.32 17.78
CA TYR A 415 -5.68 27.20 16.84
C TYR A 415 -5.91 28.19 15.70
N ASP A 416 -4.96 29.10 15.52
CA ASP A 416 -4.97 30.11 14.46
C ASP A 416 -4.08 29.57 13.34
N TRP A 417 -4.66 28.75 12.47
CA TRP A 417 -3.89 28.19 11.36
C TRP A 417 -3.35 29.29 10.45
N THR A 418 -4.05 30.42 10.36
CA THR A 418 -3.55 31.54 9.58
C THR A 418 -2.24 32.07 10.12
N ALA A 419 -2.06 32.02 11.44
CA ALA A 419 -0.85 32.54 12.06
C ALA A 419 0.30 31.55 12.08
N ASP A 420 -0.01 30.25 12.08
CA ASP A 420 1.03 29.23 12.07
C ASP A 420 1.92 29.40 10.84
N PRO A 421 3.22 29.59 11.01
CA PRO A 421 4.09 29.80 9.83
C PRO A 421 4.09 28.63 8.87
N PHE A 422 3.81 27.42 9.36
CA PHE A 422 3.89 26.22 8.54
C PHE A 422 2.51 25.76 8.06
N SER A 423 1.54 26.66 8.03
CA SER A 423 0.25 26.39 7.41
C SER A 423 -0.25 27.66 6.73
N LEU A 424 -0.05 28.80 7.39
CA LEU A 424 -0.42 30.11 6.84
C LEU A 424 -1.79 30.07 6.19
N GLY A 425 -2.73 29.43 6.86
CA GLY A 425 -4.04 29.20 6.30
C GLY A 425 -4.61 27.88 6.81
N ALA A 426 -5.81 27.57 6.34
CA ALA A 426 -6.45 26.29 6.68
C ALA A 426 -6.54 25.34 5.51
N TRP A 427 -7.72 24.75 5.33
CA TRP A 427 -7.92 23.78 4.29
C TRP A 427 -7.70 24.43 2.93
N ALA A 428 -7.58 23.59 1.91
CA ALA A 428 -7.44 24.07 0.55
C ALA A 428 -8.74 24.69 0.07
N ALA A 429 -8.63 25.88 -0.52
CA ALA A 429 -9.79 26.59 -1.05
C ALA A 429 -9.36 27.36 -2.29
N TYR A 430 -9.86 26.96 -3.45
CA TYR A 430 -9.42 27.54 -4.72
C TYR A 430 -10.13 28.87 -4.97
N GLY A 431 -9.34 29.87 -5.36
CA GLY A 431 -9.91 31.13 -5.82
C GLY A 431 -10.33 31.05 -7.27
N VAL A 432 -10.99 32.12 -7.72
CA VAL A 432 -11.49 32.15 -9.09
C VAL A 432 -10.33 31.95 -10.06
N GLY A 433 -10.51 31.03 -11.00
CA GLY A 433 -9.54 30.79 -12.06
C GLY A 433 -8.36 29.93 -11.66
N GLN A 434 -8.29 29.44 -10.41
CA GLN A 434 -7.13 28.68 -9.98
C GLN A 434 -7.21 27.23 -10.43
N LEU A 435 -8.35 26.57 -10.20
CA LEU A 435 -8.46 25.14 -10.46
C LEU A 435 -8.02 24.79 -11.89
N SER A 436 -8.41 25.62 -12.86
CA SER A 436 -8.17 25.29 -14.27
C SER A 436 -6.69 25.15 -14.61
N ARG A 437 -5.80 25.76 -13.82
CA ARG A 437 -4.37 25.64 -14.06
C ARG A 437 -3.68 24.80 -12.99
N LEU A 438 -4.44 24.03 -12.22
CA LEU A 438 -3.91 23.17 -11.18
C LEU A 438 -2.70 22.37 -11.68
N LYS A 439 -2.70 22.03 -12.97
CA LYS A 439 -1.61 21.23 -13.52
C LYS A 439 -0.24 21.84 -13.20
N ASP A 440 -0.12 23.15 -13.31
CA ASP A 440 1.17 23.79 -13.07
C ASP A 440 1.69 23.48 -11.68
N LEU A 441 0.79 23.41 -10.69
CA LEU A 441 1.22 23.10 -9.33
C LEU A 441 1.56 21.62 -9.17
N GLN A 442 0.98 20.75 -9.99
CA GLN A 442 1.23 19.32 -9.87
C GLN A 442 2.53 18.92 -10.56
N ALA A 443 2.84 19.56 -11.69
CA ALA A 443 3.97 19.13 -12.51
C ALA A 443 5.26 19.11 -11.69
N ALA A 444 5.99 18.00 -11.80
CA ALA A 444 7.31 17.91 -11.19
C ALA A 444 8.30 18.78 -11.95
N GLU A 445 9.21 19.42 -11.22
CA GLU A 445 10.21 20.32 -11.80
C GLU A 445 11.59 19.70 -11.58
N GLY A 446 12.10 19.04 -12.61
CA GLY A 446 13.38 18.36 -12.52
C GLY A 446 13.31 17.18 -11.56
N ARG A 447 14.13 17.22 -10.51
CA ARG A 447 14.10 16.19 -9.47
C ARG A 447 13.37 16.67 -8.22
N ILE A 448 12.39 17.55 -8.40
CA ILE A 448 11.57 18.08 -7.31
C ILE A 448 10.12 17.71 -7.59
N LEU A 449 9.52 16.95 -6.68
CA LEU A 449 8.14 16.48 -6.82
C LEU A 449 7.25 17.19 -5.81
N PHE A 450 6.03 17.49 -6.23
CA PHE A 450 5.10 18.31 -5.45
C PHE A 450 3.84 17.53 -5.14
N ALA A 451 3.57 17.34 -3.85
CA ALA A 451 2.33 16.74 -3.37
C ALA A 451 1.70 17.69 -2.35
N GLY A 452 0.57 17.27 -1.80
CA GLY A 452 -0.17 18.09 -0.84
C GLY A 452 -1.61 18.25 -1.25
N ALA A 453 -2.49 18.37 -0.25
CA ALA A 453 -3.93 18.42 -0.46
C ALA A 453 -4.32 19.37 -1.58
N GLU A 454 -3.67 20.54 -1.65
CA GLU A 454 -4.01 21.51 -2.67
C GLU A 454 -3.65 21.05 -4.08
N THR A 455 -2.77 20.05 -4.19
CA THR A 455 -2.33 19.55 -5.49
C THR A 455 -3.09 18.30 -5.94
N SER A 456 -4.07 17.85 -5.16
CA SER A 456 -4.82 16.67 -5.52
C SER A 456 -5.93 17.01 -6.52
N ASN A 457 -6.49 15.97 -7.13
CA ASN A 457 -7.54 16.12 -8.13
C ASN A 457 -8.94 15.89 -7.57
N GLY A 458 -9.07 15.08 -6.52
CA GLY A 458 -10.37 14.76 -5.97
C GLY A 458 -10.74 15.59 -4.76
N TRP A 459 -10.85 14.94 -3.60
CA TRP A 459 -11.16 15.62 -2.35
C TRP A 459 -9.97 16.49 -1.97
N HIS A 460 -9.88 17.65 -2.63
CA HIS A 460 -8.74 18.54 -2.42
C HIS A 460 -8.80 19.27 -1.08
N ALA A 461 -9.99 19.39 -0.48
CA ALA A 461 -10.19 20.20 0.71
C ALA A 461 -10.13 19.39 2.00
N VAL A 462 -9.70 18.13 1.95
CA VAL A 462 -9.62 17.32 3.16
C VAL A 462 -8.45 16.35 3.09
N ILE A 463 -8.41 15.40 4.03
CA ILE A 463 -7.25 14.51 4.18
C ILE A 463 -7.07 13.63 2.95
N ASP A 464 -8.19 13.18 2.35
CA ASP A 464 -8.12 12.27 1.22
C ASP A 464 -7.28 12.86 0.09
N GLY A 465 -7.43 14.15 -0.17
CA GLY A 465 -6.59 14.80 -1.16
C GLY A 465 -5.11 14.64 -0.85
N ALA A 466 -4.75 14.72 0.44
CA ALA A 466 -3.35 14.56 0.82
C ALA A 466 -2.87 13.13 0.60
N VAL A 467 -3.69 12.14 0.97
CA VAL A 467 -3.29 10.75 0.76
C VAL A 467 -3.09 10.49 -0.74
N GLU A 468 -3.98 11.03 -1.57
CA GLU A 468 -3.85 10.86 -3.02
C GLU A 468 -2.59 11.56 -3.54
N SER A 469 -2.33 12.77 -3.03
CA SER A 469 -1.07 13.43 -3.32
C SER A 469 0.12 12.51 -3.04
N GLY A 470 0.13 11.87 -1.87
CA GLY A 470 1.25 11.02 -1.52
C GLY A 470 1.40 9.83 -2.44
N LEU A 471 0.28 9.20 -2.79
CA LEU A 471 0.33 8.07 -3.72
C LEU A 471 0.92 8.49 -5.07
N ARG A 472 0.46 9.62 -5.60
CA ARG A 472 1.01 10.11 -6.87
C ARG A 472 2.49 10.40 -6.75
N ALA A 473 2.90 11.02 -5.63
CA ALA A 473 4.31 11.33 -5.44
C ALA A 473 5.16 10.08 -5.41
N GLY A 474 4.68 9.03 -4.73
CA GLY A 474 5.41 7.78 -4.72
C GLY A 474 5.52 7.17 -6.10
N ARG A 475 4.44 7.24 -6.89
CA ARG A 475 4.51 6.78 -8.27
C ARG A 475 5.61 7.51 -9.03
N GLU A 476 5.66 8.84 -8.91
CA GLU A 476 6.65 9.61 -9.65
C GLU A 476 8.06 9.31 -9.17
N VAL A 477 8.22 9.05 -7.87
CA VAL A 477 9.53 8.71 -7.34
C VAL A 477 10.02 7.39 -7.93
N LYS A 478 9.16 6.37 -7.88
CA LYS A 478 9.49 5.11 -8.56
C LYS A 478 9.88 5.36 -10.00
N GLN A 479 9.11 6.21 -10.70
CA GLN A 479 9.42 6.51 -12.09
C GLN A 479 10.85 7.02 -12.25
N LEU A 480 11.20 8.06 -11.50
CA LEU A 480 12.50 8.69 -11.66
C LEU A 480 13.63 7.97 -10.95
N LEU A 481 13.37 6.86 -10.25
CA LEU A 481 14.44 6.13 -9.59
C LEU A 481 14.51 4.68 -10.04
N SER A 482 14.06 4.38 -11.25
CA SER A 482 14.11 3.00 -11.75
C SER A 482 14.64 2.93 -13.18
N GLY B 51 33.16 24.04 18.21
CA GLY B 51 32.00 24.30 17.37
C GLY B 51 31.36 23.04 16.83
N PHE B 52 30.86 22.21 17.74
CA PHE B 52 30.24 20.94 17.36
C PHE B 52 28.87 21.17 16.73
N ASP B 53 28.32 20.10 16.17
CA ASP B 53 27.00 20.17 15.56
C ASP B 53 25.96 20.62 16.59
N TYR B 54 26.05 20.12 17.81
CA TYR B 54 25.10 20.45 18.86
C TYR B 54 25.84 20.61 20.18
N ASP B 55 25.17 21.29 21.12
CA ASP B 55 25.67 21.31 22.48
C ASP B 55 25.48 19.96 23.16
N VAL B 56 24.25 19.45 23.13
CA VAL B 56 23.89 18.20 23.80
C VAL B 56 23.25 17.26 22.79
N VAL B 57 23.66 16.00 22.85
CA VAL B 57 22.94 14.89 22.21
C VAL B 57 22.38 14.01 23.32
N VAL B 58 21.15 13.54 23.12
CA VAL B 58 20.49 12.66 24.07
C VAL B 58 20.11 11.39 23.32
N VAL B 59 20.77 10.28 23.64
CA VAL B 59 20.46 9.00 23.03
C VAL B 59 19.32 8.37 23.82
N GLY B 60 18.20 8.11 23.15
CA GLY B 60 17.06 7.50 23.80
C GLY B 60 15.87 8.42 23.92
N GLY B 61 14.72 7.96 23.43
CA GLY B 61 13.51 8.75 23.48
C GLY B 61 12.51 8.27 24.51
N GLY B 62 13.02 7.68 25.58
CA GLY B 62 12.20 7.30 26.71
C GLY B 62 11.93 8.47 27.63
N PHE B 63 11.40 8.15 28.82
CA PHE B 63 11.11 9.21 29.78
C PHE B 63 12.40 9.85 30.30
N ALA B 64 13.45 9.04 30.50
CA ALA B 64 14.74 9.61 30.87
C ALA B 64 15.25 10.56 29.80
N GLY B 65 15.24 10.10 28.54
CA GLY B 65 15.71 10.95 27.46
C GLY B 65 14.87 12.19 27.28
N ALA B 66 13.54 12.05 27.36
CA ALA B 66 12.67 13.21 27.20
C ALA B 66 12.88 14.22 28.32
N THR B 67 13.01 13.74 29.56
CA THR B 67 13.25 14.63 30.69
C THR B 67 14.56 15.38 30.51
N ALA B 68 15.65 14.65 30.23
CA ALA B 68 16.94 15.31 30.05
C ALA B 68 16.91 16.28 28.89
N ALA B 69 16.19 15.94 27.82
CA ALA B 69 16.10 16.81 26.66
C ALA B 69 15.38 18.10 27.00
N ARG B 70 14.27 18.02 27.73
CA ARG B 70 13.62 19.26 28.17
C ARG B 70 14.54 20.06 29.07
N GLU B 71 15.26 19.38 29.97
CA GLU B 71 16.15 20.09 30.89
C GLU B 71 17.16 20.93 30.13
N CYS B 72 17.86 20.32 29.18
CA CYS B 72 18.90 21.02 28.44
C CYS B 72 18.34 22.02 27.44
N GLY B 73 17.21 21.68 26.80
CA GLY B 73 16.62 22.59 25.85
C GLY B 73 16.14 23.87 26.51
N LEU B 74 15.46 23.76 27.65
CA LEU B 74 15.01 24.94 28.36
C LEU B 74 16.15 25.78 28.91
N GLN B 75 17.36 25.22 28.97
CA GLN B 75 18.55 25.97 29.40
C GLN B 75 19.22 26.71 28.25
N GLY B 76 18.64 26.67 27.05
CA GLY B 76 19.18 27.38 25.91
C GLY B 76 20.18 26.59 25.08
N TYR B 77 20.53 25.37 25.48
CA TYR B 77 21.49 24.57 24.74
C TYR B 77 20.90 24.14 23.40
N ARG B 78 21.79 23.81 22.47
CA ARG B 78 21.40 23.20 21.20
C ARG B 78 21.29 21.69 21.42
N THR B 79 20.06 21.21 21.55
CA THR B 79 19.80 19.82 21.93
C THR B 79 19.29 19.04 20.73
N LEU B 80 19.85 17.85 20.54
CA LEU B 80 19.34 16.88 19.58
C LEU B 80 19.09 15.56 20.30
N LEU B 81 17.93 14.95 20.07
CA LEU B 81 17.61 13.65 20.64
C LEU B 81 17.52 12.62 19.52
N LEU B 82 18.21 11.50 19.70
CA LEU B 82 18.24 10.42 18.72
C LEU B 82 17.49 9.21 19.28
N GLU B 83 16.46 8.77 18.58
CA GLU B 83 15.66 7.62 18.97
C GLU B 83 15.84 6.50 17.95
N ALA B 84 16.02 5.27 18.45
CA ALA B 84 16.30 4.14 17.57
C ALA B 84 15.04 3.61 16.90
N ARG B 85 13.98 3.38 17.67
CA ARG B 85 12.72 2.95 17.11
C ARG B 85 12.12 4.07 16.24
N SER B 86 11.01 3.75 15.57
CA SER B 86 10.24 4.75 14.85
C SER B 86 9.18 5.38 15.74
N ARG B 87 9.23 5.14 17.04
CA ARG B 87 8.30 5.71 18.00
C ARG B 87 9.08 6.16 19.23
N LEU B 88 8.48 7.07 19.98
CA LEU B 88 9.01 7.47 21.27
C LEU B 88 8.29 6.68 22.37
N GLY B 89 8.75 6.85 23.61
CA GLY B 89 8.15 6.19 24.75
C GLY B 89 8.96 5.04 25.31
N GLY B 90 9.83 4.43 24.51
CA GLY B 90 10.71 3.38 25.01
C GLY B 90 9.91 2.21 25.55
N ARG B 91 10.13 1.88 26.83
CA ARG B 91 9.48 0.74 27.45
C ARG B 91 8.05 1.04 27.88
N THR B 92 7.53 2.22 27.54
CA THR B 92 6.10 2.48 27.56
C THR B 92 5.59 2.47 26.12
N PHE B 93 4.38 1.95 25.92
CA PHE B 93 3.87 1.81 24.56
C PHE B 93 2.37 1.57 24.62
N THR B 94 1.59 2.55 24.18
CA THR B 94 0.16 2.40 24.06
C THR B 94 -0.20 1.98 22.63
N SER B 95 -1.08 0.99 22.52
CA SER B 95 -1.56 0.52 21.23
C SER B 95 -3.04 0.20 21.37
N ARG B 96 -3.59 -0.53 20.40
CA ARG B 96 -5.00 -0.88 20.42
C ARG B 96 -5.15 -2.38 20.16
N PHE B 97 -6.12 -2.99 20.83
CA PHE B 97 -6.39 -4.41 20.72
C PHE B 97 -7.86 -4.65 21.00
N ALA B 98 -8.51 -5.44 20.14
CA ALA B 98 -9.92 -5.79 20.30
C ALA B 98 -10.78 -4.54 20.48
N GLY B 99 -10.40 -3.45 19.82
CA GLY B 99 -11.16 -2.23 19.86
C GLY B 99 -10.96 -1.37 21.10
N GLN B 100 -9.97 -1.67 21.92
CA GLN B 100 -9.72 -0.91 23.14
C GLN B 100 -8.26 -0.49 23.20
N GLU B 101 -8.02 0.64 23.87
CA GLU B 101 -6.66 1.05 24.15
C GLU B 101 -6.02 0.08 25.13
N ILE B 102 -4.78 -0.32 24.85
CA ILE B 102 -4.03 -1.23 25.70
C ILE B 102 -2.62 -0.67 25.87
N GLU B 103 -1.95 -1.14 26.92
CA GLU B 103 -0.58 -0.72 27.23
C GLU B 103 0.33 -1.94 27.20
N PHE B 104 1.36 -1.88 26.36
CA PHE B 104 2.33 -2.97 26.26
C PHE B 104 3.47 -2.83 27.24
N GLY B 105 3.72 -1.64 27.76
CA GLY B 105 4.78 -1.40 28.71
C GLY B 105 4.22 -0.73 29.95
N GLY B 106 4.99 0.25 30.45
CA GLY B 106 4.61 0.95 31.67
C GLY B 106 3.65 2.09 31.37
N ALA B 107 2.72 2.33 32.30
CA ALA B 107 1.74 3.38 32.08
C ALA B 107 1.03 3.82 33.35
N TRP B 108 1.24 3.13 34.47
CA TRP B 108 0.53 3.43 35.71
C TRP B 108 1.44 4.17 36.67
N VAL B 109 0.98 5.33 37.13
CA VAL B 109 1.75 6.20 38.01
C VAL B 109 0.98 6.46 39.29
N HIS B 110 1.52 7.31 40.15
CA HIS B 110 0.88 7.65 41.42
C HIS B 110 1.59 8.86 42.02
N TRP B 111 0.85 9.61 42.84
CA TRP B 111 1.40 10.88 43.35
C TRP B 111 2.53 10.64 44.34
N LEU B 112 2.55 9.48 45.01
CA LEU B 112 3.68 9.16 45.88
C LEU B 112 4.98 8.97 45.09
N GLN B 113 4.94 9.11 43.78
CA GLN B 113 6.11 9.09 42.92
C GLN B 113 6.42 10.54 42.54
N PRO B 114 7.39 11.19 43.19
CA PRO B 114 7.42 12.67 43.16
C PRO B 114 7.79 13.26 41.82
N HIS B 115 8.70 12.65 41.07
CA HIS B 115 9.22 13.28 39.86
C HIS B 115 8.17 13.32 38.75
N VAL B 116 7.64 12.15 38.38
CA VAL B 116 6.62 12.10 37.33
C VAL B 116 5.39 12.90 37.76
N TRP B 117 5.08 12.90 39.05
CA TRP B 117 3.94 13.67 39.53
C TRP B 117 4.18 15.17 39.34
N ALA B 118 5.39 15.63 39.67
CA ALA B 118 5.72 17.04 39.45
C ALA B 118 5.62 17.38 37.97
N GLU B 119 6.04 16.46 37.10
CA GLU B 119 5.89 16.69 35.66
C GLU B 119 4.44 16.85 35.27
N MET B 120 3.58 15.95 35.76
CA MET B 120 2.15 16.04 35.47
C MET B 120 1.58 17.37 35.95
N GLN B 121 2.02 17.83 37.13
CA GLN B 121 1.58 19.14 37.62
C GLN B 121 2.05 20.25 36.71
N ARG B 122 3.29 20.15 36.21
CA ARG B 122 3.81 21.18 35.32
C ARG B 122 2.99 21.27 34.05
N TYR B 123 2.56 20.13 33.50
CA TYR B 123 1.88 20.13 32.22
C TYR B 123 0.37 19.98 32.35
N GLY B 124 -0.17 20.08 33.56
CA GLY B 124 -1.61 20.06 33.74
C GLY B 124 -2.29 18.76 33.36
N LEU B 125 -1.55 17.65 33.35
CA LEU B 125 -2.15 16.36 33.07
C LEU B 125 -2.72 15.77 34.36
N GLY B 126 -3.98 15.36 34.29
CA GLY B 126 -4.62 14.66 35.40
C GLY B 126 -4.40 13.17 35.32
N VAL B 127 -5.12 12.45 36.18
CA VAL B 127 -5.04 10.99 36.22
C VAL B 127 -6.37 10.41 35.77
N VAL B 128 -6.31 9.21 35.22
CA VAL B 128 -7.47 8.41 34.87
C VAL B 128 -7.42 7.16 35.73
N GLU B 129 -8.47 6.91 36.50
CA GLU B 129 -8.52 5.74 37.36
C GLU B 129 -9.17 4.57 36.63
N ASP B 130 -8.65 3.38 36.91
CA ASP B 130 -9.29 2.18 36.42
C ASP B 130 -9.89 1.41 37.59
N PRO B 131 -11.05 0.77 37.40
CA PRO B 131 -11.62 -0.05 38.47
C PRO B 131 -10.59 -1.04 39.01
N LEU B 132 -10.61 -1.24 40.32
CA LEU B 132 -9.53 -2.00 40.95
C LEU B 132 -10.00 -2.65 42.25
N THR B 133 -11.22 -3.17 42.27
CA THR B 133 -11.65 -3.98 43.41
C THR B 133 -13.05 -4.55 43.23
N ASN B 134 -13.49 -5.35 44.21
CA ASN B 134 -14.71 -6.12 44.10
C ASN B 134 -14.56 -7.17 43.01
N LEU B 135 -13.60 -8.08 43.19
CA LEU B 135 -13.29 -9.08 42.18
C LEU B 135 -14.26 -10.25 42.24
N ASP B 136 -14.56 -10.81 41.07
CA ASP B 136 -15.43 -11.97 40.97
C ASP B 136 -14.69 -13.28 41.15
N LYS B 137 -13.37 -13.29 40.99
CA LYS B 137 -12.59 -14.51 41.16
C LYS B 137 -11.12 -14.16 41.38
N THR B 138 -10.49 -14.90 42.29
CA THR B 138 -9.07 -14.75 42.59
C THR B 138 -8.44 -16.13 42.58
N LEU B 139 -7.38 -16.30 41.79
CA LEU B 139 -6.78 -17.60 41.58
C LEU B 139 -5.28 -17.55 41.85
N ILE B 140 -4.73 -18.70 42.24
CA ILE B 140 -3.28 -18.87 42.32
C ILE B 140 -2.92 -20.23 41.75
N MET B 141 -1.98 -20.24 40.81
CA MET B 141 -1.43 -21.47 40.26
C MET B 141 -0.04 -21.69 40.84
N TYR B 142 0.22 -22.93 41.26
CA TYR B 142 1.51 -23.28 41.82
C TYR B 142 2.47 -23.73 40.72
N ASN B 143 3.74 -23.89 41.10
CA ASN B 143 4.76 -24.29 40.14
C ASN B 143 4.43 -25.59 39.44
N ASP B 144 3.59 -26.43 40.03
CA ASP B 144 3.28 -27.75 39.47
C ASP B 144 2.13 -27.71 38.47
N GLY B 145 1.35 -26.64 38.45
CA GLY B 145 0.19 -26.52 37.59
C GLY B 145 -1.14 -26.48 38.32
N SER B 146 -1.22 -27.01 39.54
CA SER B 146 -2.46 -26.95 40.30
C SER B 146 -2.90 -25.50 40.47
N VAL B 147 -4.18 -25.25 40.22
CA VAL B 147 -4.77 -23.92 40.29
C VAL B 147 -5.87 -23.94 41.35
N GLU B 148 -5.71 -23.12 42.39
CA GLU B 148 -6.69 -23.04 43.46
C GLU B 148 -7.36 -21.67 43.42
N SER B 149 -8.69 -21.69 43.51
CA SER B 149 -9.50 -20.47 43.48
C SER B 149 -9.77 -20.05 44.92
N ILE B 150 -9.07 -19.01 45.37
CA ILE B 150 -9.30 -18.48 46.71
C ILE B 150 -10.55 -17.61 46.70
N SER B 151 -11.08 -17.37 47.88
CA SER B 151 -12.03 -16.29 47.65
C SER B 151 -11.34 -14.96 47.93
N PRO B 152 -11.72 -13.91 47.18
CA PRO B 152 -10.91 -12.67 47.18
C PRO B 152 -10.50 -12.18 48.56
N ASP B 153 -11.39 -12.20 49.55
CA ASP B 153 -11.04 -11.72 50.88
C ASP B 153 -9.82 -12.46 51.42
N GLU B 154 -9.88 -13.79 51.43
CA GLU B 154 -8.76 -14.60 51.92
C GLU B 154 -7.50 -14.31 51.12
N PHE B 155 -7.64 -14.21 49.79
CA PHE B 155 -6.48 -13.95 48.94
C PHE B 155 -5.79 -12.65 49.34
N GLY B 156 -6.56 -11.58 49.51
CA GLY B 156 -5.98 -10.31 49.89
C GLY B 156 -5.31 -10.36 51.24
N LYS B 157 -5.99 -10.94 52.23
CA LYS B 157 -5.41 -11.02 53.56
C LYS B 157 -4.09 -11.80 53.54
N ASN B 158 -4.06 -12.93 52.82
CA ASN B 158 -2.87 -13.76 52.80
C ASN B 158 -1.72 -13.06 52.07
N ILE B 159 -2.00 -12.43 50.93
CA ILE B 159 -0.93 -11.75 50.22
C ILE B 159 -0.40 -10.57 51.03
N ARG B 160 -1.28 -9.89 51.77
CA ARG B 160 -0.80 -8.81 52.63
C ARG B 160 0.11 -9.33 53.73
N ILE B 161 -0.29 -10.44 54.36
CA ILE B 161 0.57 -11.04 55.38
C ILE B 161 1.93 -11.38 54.80
N ALA B 162 1.92 -12.01 53.62
CA ALA B 162 3.18 -12.40 52.98
C ALA B 162 4.06 -11.18 52.71
N PHE B 163 3.47 -10.12 52.14
CA PHE B 163 4.26 -8.95 51.80
C PHE B 163 4.81 -8.25 53.05
N GLU B 164 3.97 -8.09 54.08
CA GLU B 164 4.41 -7.37 55.27
C GLU B 164 5.48 -8.16 56.02
N LYS B 165 5.36 -9.49 56.06
CA LYS B 165 6.43 -10.28 56.65
C LYS B 165 7.68 -10.27 55.79
N LEU B 166 7.53 -10.10 54.47
CA LEU B 166 8.68 -9.94 53.60
C LEU B 166 9.39 -8.62 53.88
N CYS B 167 8.64 -7.53 54.03
CA CYS B 167 9.19 -6.19 54.23
C CYS B 167 9.12 -5.78 55.69
N HIS B 168 9.55 -6.65 56.60
CA HIS B 168 9.45 -6.35 58.03
C HIS B 168 10.51 -5.35 58.47
N ASP B 169 11.69 -5.36 57.85
CA ASP B 169 12.80 -4.53 58.27
C ASP B 169 13.04 -3.34 57.36
N ALA B 170 12.16 -3.11 56.39
CA ALA B 170 12.40 -2.05 55.40
C ALA B 170 12.63 -0.70 56.07
N TRP B 171 11.83 -0.38 57.09
CA TRP B 171 11.89 0.95 57.68
C TRP B 171 13.27 1.22 58.30
N GLU B 172 13.74 0.31 59.15
CA GLU B 172 15.01 0.54 59.82
C GLU B 172 16.18 0.45 58.86
N VAL B 173 16.08 -0.42 57.84
CA VAL B 173 17.19 -0.59 56.91
C VAL B 173 17.16 0.48 55.81
N PHE B 174 15.98 1.02 55.51
CA PHE B 174 15.83 2.03 54.45
C PHE B 174 15.06 3.22 54.99
N PRO B 175 15.64 3.97 55.93
CA PRO B 175 14.98 5.20 56.38
C PRO B 175 14.95 6.26 55.30
N ARG B 176 16.00 6.35 54.48
CA ARG B 176 16.06 7.28 53.36
C ARG B 176 16.06 6.49 52.06
N PRO B 177 14.88 6.08 51.56
CA PRO B 177 14.84 5.24 50.35
C PRO B 177 15.62 5.82 49.18
N HIS B 178 15.74 7.14 49.08
CA HIS B 178 16.47 7.74 47.98
C HIS B 178 17.98 7.73 48.19
N GLU B 179 18.44 7.36 49.39
CA GLU B 179 19.85 7.05 49.65
C GLU B 179 19.88 5.58 50.05
N PRO B 180 19.81 4.67 49.07
CA PRO B 180 19.58 3.25 49.41
C PRO B 180 20.63 2.67 50.35
N MET B 181 21.92 2.84 50.04
CA MET B 181 22.99 2.29 50.87
C MET B 181 23.31 3.17 52.07
N PHE B 182 22.31 3.82 52.65
CA PHE B 182 22.56 4.72 53.77
C PHE B 182 22.91 3.94 55.04
N THR B 183 22.18 2.87 55.32
CA THR B 183 22.45 2.04 56.48
C THR B 183 23.45 0.93 56.13
N GLU B 184 24.16 0.46 57.14
CA GLU B 184 25.12 -0.62 56.93
C GLU B 184 24.42 -1.97 56.76
N ARG B 185 23.34 -2.19 57.52
CA ARG B 185 22.60 -3.43 57.39
C ARG B 185 22.05 -3.61 55.98
N ALA B 186 21.68 -2.50 55.32
CA ALA B 186 21.19 -2.61 53.95
C ALA B 186 22.29 -3.07 53.01
N ARG B 187 23.48 -2.48 53.14
CA ARG B 187 24.62 -2.91 52.31
C ARG B 187 25.00 -4.35 52.59
N GLU B 188 24.75 -4.83 53.81
CA GLU B 188 24.96 -6.25 54.09
C GLU B 188 23.88 -7.10 53.43
N LEU B 189 22.62 -6.69 53.56
CA LEU B 189 21.52 -7.42 52.92
C LEU B 189 21.73 -7.54 51.43
N ASP B 190 22.40 -6.56 50.81
CA ASP B 190 22.62 -6.61 49.36
C ASP B 190 23.40 -7.85 48.96
N LYS B 191 23.79 -8.67 49.92
CA LYS B 191 24.39 -9.97 49.66
C LYS B 191 23.37 -11.11 49.70
N SER B 192 22.11 -10.81 50.00
CA SER B 192 21.05 -11.80 50.07
C SER B 192 20.09 -11.64 48.90
N SER B 193 19.37 -12.71 48.61
CA SER B 193 18.28 -12.70 47.65
C SER B 193 16.95 -12.60 48.37
N VAL B 194 15.90 -12.26 47.61
CA VAL B 194 14.57 -12.20 48.22
C VAL B 194 14.12 -13.60 48.64
N LEU B 195 14.56 -14.64 47.93
CA LEU B 195 14.25 -15.99 48.37
C LEU B 195 14.99 -16.35 49.66
N ASP B 196 16.20 -15.82 49.84
CA ASP B 196 16.88 -15.98 51.12
C ASP B 196 16.01 -15.46 52.26
N ARG B 197 15.22 -14.42 52.01
CA ARG B 197 14.31 -13.90 53.02
C ARG B 197 13.04 -14.74 53.10
N ILE B 198 12.52 -15.17 51.95
CA ILE B 198 11.29 -15.96 51.94
C ILE B 198 11.46 -17.26 52.71
N LYS B 199 12.65 -17.85 52.64
CA LYS B 199 12.90 -19.08 53.40
C LYS B 199 12.91 -18.84 54.90
N THR B 200 13.03 -17.59 55.34
CA THR B 200 13.18 -17.28 56.76
C THR B 200 11.90 -16.76 57.39
N LEU B 201 10.79 -16.75 56.66
CA LEU B 201 9.56 -16.13 57.14
C LEU B 201 8.45 -17.11 57.49
N GLY B 202 8.64 -18.40 57.22
CA GLY B 202 7.67 -19.43 57.58
C GLY B 202 6.25 -19.07 57.20
N LEU B 203 5.97 -18.98 55.91
CA LEU B 203 4.63 -18.67 55.41
C LEU B 203 3.91 -19.96 55.05
N SER B 204 2.58 -19.86 55.00
CA SER B 204 1.78 -20.96 54.49
C SER B 204 2.06 -21.17 53.02
N ARG B 205 1.83 -22.40 52.55
CA ARG B 205 2.06 -22.72 51.14
C ARG B 205 1.42 -21.67 50.23
N LEU B 206 0.17 -21.31 50.52
CA LEU B 206 -0.53 -20.30 49.73
C LEU B 206 0.22 -18.97 49.75
N GLN B 207 0.59 -18.51 50.94
CA GLN B 207 1.25 -17.21 51.06
C GLN B 207 2.61 -17.21 50.37
N GLN B 208 3.35 -18.31 50.51
CA GLN B 208 4.66 -18.39 49.84
C GLN B 208 4.49 -18.37 48.33
N ALA B 209 3.56 -19.18 47.81
CA ALA B 209 3.29 -19.13 46.37
C ALA B 209 2.91 -17.72 45.94
N GLN B 210 2.06 -17.04 46.72
CA GLN B 210 1.62 -15.69 46.35
C GLN B 210 2.80 -14.73 46.28
N ILE B 211 3.56 -14.61 47.37
CA ILE B 211 4.63 -13.63 47.40
C ILE B 211 5.75 -14.01 46.46
N ASN B 212 5.94 -15.31 46.18
CA ASN B 212 6.95 -15.71 45.21
C ASN B 212 6.49 -15.38 43.79
N SER B 213 5.21 -15.58 43.47
CA SER B 213 4.78 -15.19 42.14
C SER B 213 4.87 -13.69 41.95
N TYR B 214 4.37 -12.91 42.91
CA TYR B 214 4.35 -11.46 42.75
C TYR B 214 5.77 -10.87 42.66
N MET B 215 6.67 -11.24 43.61
CA MET B 215 8.03 -10.72 43.65
C MET B 215 8.86 -11.19 42.49
N ALA B 216 8.70 -12.45 42.11
CA ALA B 216 9.25 -12.95 40.85
C ALA B 216 8.78 -12.10 39.67
N LEU B 217 7.48 -11.83 39.58
CA LEU B 217 7.02 -10.85 38.61
C LEU B 217 7.83 -9.56 38.76
N TYR B 218 8.14 -9.15 39.98
CA TYR B 218 8.96 -7.95 40.10
C TYR B 218 10.36 -8.18 39.55
N ALA B 219 10.89 -9.40 39.59
CA ALA B 219 12.28 -9.58 39.17
C ALA B 219 12.44 -9.83 37.68
N GLY B 220 11.37 -10.14 36.96
CA GLY B 220 11.58 -10.63 35.59
C GLY B 220 12.52 -11.80 35.54
N GLU B 221 12.47 -12.65 36.57
CA GLU B 221 13.44 -13.71 36.81
C GLU B 221 12.96 -14.54 37.98
N THR B 222 13.68 -15.60 38.35
CA THR B 222 13.25 -16.44 39.45
C THR B 222 13.76 -15.88 40.78
N THR B 223 12.94 -16.08 41.82
CA THR B 223 13.18 -15.46 43.12
C THR B 223 14.58 -15.69 43.66
N ASP B 224 15.32 -16.67 43.14
CA ASP B 224 16.65 -16.96 43.67
C ASP B 224 17.70 -15.98 43.18
N LYS B 225 17.46 -15.29 42.07
CA LYS B 225 18.39 -14.30 41.55
C LYS B 225 18.01 -12.87 41.94
N PHE B 226 16.89 -12.69 42.63
CA PHE B 226 16.36 -11.36 42.89
C PHE B 226 17.01 -10.73 44.11
N GLY B 227 17.40 -9.46 43.99
CA GLY B 227 18.06 -8.77 45.09
C GLY B 227 17.06 -8.27 46.13
N LEU B 228 17.37 -8.54 47.40
CA LEU B 228 16.44 -8.16 48.47
C LEU B 228 16.42 -6.66 48.71
N PRO B 229 17.57 -5.96 48.82
CA PRO B 229 17.53 -4.52 49.13
C PRO B 229 16.73 -3.71 48.12
N GLY B 230 16.67 -4.13 46.85
CA GLY B 230 15.92 -3.35 45.88
C GLY B 230 14.44 -3.31 46.18
N VAL B 231 13.84 -4.47 46.41
CA VAL B 231 12.42 -4.51 46.76
C VAL B 231 12.18 -3.81 48.08
N LEU B 232 13.10 -3.98 49.04
CA LEU B 232 12.92 -3.29 50.31
C LEU B 232 12.93 -1.78 50.12
N LYS B 233 13.83 -1.27 49.28
CA LYS B 233 13.91 0.17 49.03
C LYS B 233 12.68 0.67 48.28
N LEU B 234 12.15 -0.13 47.36
CA LEU B 234 10.92 0.24 46.68
C LEU B 234 9.78 0.39 47.68
N PHE B 235 9.59 -0.62 48.54
CA PHE B 235 8.58 -0.51 49.57
C PHE B 235 8.81 0.73 50.43
N ALA B 236 10.07 1.02 50.75
CA ALA B 236 10.39 2.22 51.52
C ALA B 236 9.88 3.47 50.82
N CYS B 237 10.29 3.70 49.58
CA CYS B 237 9.76 4.83 48.81
C CYS B 237 8.25 4.90 48.90
N GLY B 238 7.58 3.75 49.00
CA GLY B 238 6.13 3.73 49.09
C GLY B 238 5.61 4.22 50.42
N GLY B 239 6.49 4.80 51.23
CA GLY B 239 6.12 5.29 52.54
C GLY B 239 6.14 4.26 53.63
N TRP B 240 6.68 3.07 53.37
CA TRP B 240 6.75 1.97 54.32
C TRP B 240 5.39 1.41 54.68
N ASN B 241 4.34 1.76 53.94
CA ASN B 241 2.98 1.33 54.24
C ASN B 241 2.45 0.47 53.10
N TYR B 242 1.89 -0.69 53.45
CA TYR B 242 1.43 -1.64 52.45
C TYR B 242 0.34 -1.05 51.58
N ASP B 243 -0.70 -0.48 52.19
CA ASP B 243 -1.82 0.03 51.43
C ASP B 243 -1.41 1.16 50.48
N ALA B 244 -0.62 2.10 50.99
CA ALA B 244 -0.16 3.21 50.15
C ALA B 244 0.63 2.69 48.95
N PHE B 245 1.63 1.83 49.20
CA PHE B 245 2.41 1.27 48.12
C PHE B 245 1.52 0.59 47.09
N MET B 246 0.68 -0.34 47.54
CA MET B 246 -0.16 -1.09 46.62
C MET B 246 -1.11 -0.18 45.84
N ASP B 247 -1.47 0.96 46.42
CA ASP B 247 -2.32 1.91 45.72
C ASP B 247 -1.68 2.44 44.44
N THR B 248 -0.38 2.22 44.25
CA THR B 248 0.36 2.75 43.13
C THR B 248 0.61 1.73 42.02
N GLU B 249 0.34 0.45 42.26
CA GLU B 249 0.73 -0.60 41.33
C GLU B 249 0.13 -0.43 39.95
N THR B 250 -1.19 -0.52 39.84
CA THR B 250 -1.86 -0.35 38.56
C THR B 250 -3.21 0.31 38.78
N HIS B 251 -3.23 1.46 39.45
CA HIS B 251 -4.45 2.15 39.83
C HIS B 251 -4.77 3.32 38.90
N TYR B 252 -3.78 4.15 38.60
CA TYR B 252 -3.99 5.38 37.85
C TYR B 252 -3.05 5.44 36.66
N ARG B 253 -3.58 5.93 35.54
CA ARG B 253 -2.81 6.22 34.34
C ARG B 253 -2.81 7.73 34.11
N ILE B 254 -1.93 8.18 33.22
CA ILE B 254 -1.81 9.61 32.95
C ILE B 254 -2.87 10.03 31.94
N GLN B 255 -3.61 11.08 32.27
CA GLN B 255 -4.55 11.65 31.32
C GLN B 255 -3.81 12.09 30.06
N GLY B 256 -4.27 11.63 28.91
CA GLY B 256 -3.60 11.88 27.66
C GLY B 256 -2.53 10.86 27.30
N GLY B 257 -2.07 10.08 28.26
CA GLY B 257 -1.20 8.96 27.99
C GLY B 257 0.27 9.26 28.27
N THR B 258 1.03 8.18 28.53
CA THR B 258 2.48 8.32 28.67
C THR B 258 3.07 9.05 27.48
N ILE B 259 2.60 8.72 26.27
CA ILE B 259 3.06 9.44 25.08
C ILE B 259 2.65 10.90 25.16
N GLY B 260 1.50 11.18 25.77
CA GLY B 260 1.12 12.58 25.96
C GLY B 260 2.14 13.35 26.77
N LEU B 261 2.59 12.76 27.87
CA LEU B 261 3.61 13.40 28.70
C LEU B 261 4.94 13.51 27.96
N ILE B 262 5.34 12.45 27.26
CA ILE B 262 6.59 12.48 26.50
C ILE B 262 6.53 13.62 25.48
N ASN B 263 5.41 13.74 24.78
CA ASN B 263 5.27 14.77 23.76
C ASN B 263 5.26 16.17 24.38
N ALA B 264 4.59 16.32 25.52
CA ALA B 264 4.63 17.61 26.22
C ALA B 264 6.08 17.99 26.53
N MET B 265 6.83 17.06 27.12
CA MET B 265 8.22 17.35 27.48
C MET B 265 9.05 17.69 26.25
N LEU B 266 8.90 16.91 25.18
CA LEU B 266 9.76 17.11 24.01
C LEU B 266 9.37 18.36 23.23
N THR B 267 8.09 18.71 23.20
CA THR B 267 7.67 19.96 22.57
C THR B 267 8.15 21.15 23.38
N ASP B 268 8.15 21.02 24.71
CA ASP B 268 8.76 22.04 25.54
C ASP B 268 10.25 22.16 25.24
N SER B 269 10.91 21.03 25.01
CA SER B 269 12.36 21.01 24.83
C SER B 269 12.82 22.02 23.80
N GLY B 270 12.14 22.08 22.65
CA GLY B 270 12.68 22.76 21.50
C GLY B 270 13.75 22.00 20.76
N ALA B 271 14.11 20.81 21.23
CA ALA B 271 15.19 20.04 20.66
C ALA B 271 14.76 19.34 19.39
N GLU B 272 15.72 19.17 18.47
CA GLU B 272 15.48 18.36 17.29
C GLU B 272 15.39 16.90 17.67
N VAL B 273 14.44 16.18 17.06
CA VAL B 273 14.16 14.80 17.40
C VAL B 273 14.19 13.96 16.13
N ARG B 274 15.14 13.04 16.04
CA ARG B 274 15.24 12.09 14.94
C ARG B 274 14.84 10.70 15.43
N MET B 275 14.08 9.99 14.61
CA MET B 275 13.62 8.65 14.96
C MET B 275 14.14 7.65 13.93
N SER B 276 14.22 6.39 14.35
CA SER B 276 14.82 5.33 13.53
C SER B 276 16.28 5.63 13.22
N VAL B 277 16.98 6.25 14.16
CA VAL B 277 18.40 6.56 14.02
C VAL B 277 19.16 5.88 15.16
N PRO B 278 19.40 4.58 15.08
CA PRO B 278 20.13 3.90 16.15
C PRO B 278 21.57 4.37 16.24
N VAL B 279 22.09 4.36 17.47
CA VAL B 279 23.46 4.77 17.75
C VAL B 279 24.29 3.53 18.02
N THR B 280 25.43 3.41 17.36
CA THR B 280 26.29 2.23 17.48
C THR B 280 27.60 2.49 18.21
N ALA B 281 28.09 3.73 18.23
CA ALA B 281 29.37 4.01 18.86
C ALA B 281 29.42 5.47 19.31
N VAL B 282 30.28 5.72 20.28
CA VAL B 282 30.51 7.06 20.83
C VAL B 282 32.00 7.21 21.15
N GLU B 283 32.60 8.31 20.72
CA GLU B 283 34.00 8.60 20.95
C GLU B 283 34.14 9.97 21.62
N GLN B 284 34.78 10.00 22.80
CA GLN B 284 35.10 11.26 23.47
C GLN B 284 36.52 11.75 23.11
N VAL B 285 36.61 12.85 22.32
CA VAL B 285 37.85 13.51 21.90
C VAL B 285 37.60 14.98 21.57
N ASN B 286 38.60 15.85 21.74
CA ASN B 286 38.49 17.26 21.35
C ASN B 286 37.52 18.02 22.24
N GLY B 287 37.55 17.74 23.54
CA GLY B 287 36.64 18.40 24.47
C GLY B 287 35.18 18.15 24.19
N GLY B 288 34.84 17.08 23.48
CA GLY B 288 33.47 16.77 23.16
C GLY B 288 33.28 15.30 22.90
N VAL B 289 32.25 14.93 22.13
CA VAL B 289 31.97 13.55 21.79
C VAL B 289 31.52 13.47 20.35
N LYS B 290 31.92 12.38 19.69
CA LYS B 290 31.49 12.05 18.34
C LYS B 290 30.61 10.81 18.41
N ILE B 291 29.37 10.94 17.94
CA ILE B 291 28.37 9.88 18.02
C ILE B 291 28.21 9.27 16.64
N LYS B 292 28.28 7.94 16.57
CA LYS B 292 28.18 7.21 15.32
C LYS B 292 26.79 6.60 15.21
N THR B 293 26.09 6.91 14.13
CA THR B 293 24.81 6.29 13.83
C THR B 293 25.05 4.98 13.07
N ASP B 294 24.02 4.15 13.04
CA ASP B 294 24.18 2.89 12.30
C ASP B 294 24.16 3.10 10.79
N ASP B 295 24.14 4.35 10.34
CA ASP B 295 24.37 4.70 8.94
C ASP B 295 25.81 5.15 8.70
N ASP B 296 26.68 5.00 9.69
CA ASP B 296 28.07 5.43 9.66
C ASP B 296 28.21 6.95 9.71
N GLU B 297 27.10 7.69 9.68
CA GLU B 297 27.17 9.13 9.92
C GLU B 297 27.60 9.40 11.36
N ILE B 298 28.33 10.49 11.54
CA ILE B 298 28.80 10.91 12.84
C ILE B 298 28.31 12.33 13.11
N ILE B 299 27.84 12.55 14.34
CA ILE B 299 27.39 13.86 14.78
C ILE B 299 28.22 14.25 16.00
N THR B 300 28.67 15.50 16.03
CA THR B 300 29.54 15.98 17.11
C THR B 300 28.75 16.83 18.09
N ALA B 301 28.96 16.59 19.38
CA ALA B 301 28.27 17.36 20.41
C ALA B 301 29.24 17.65 21.55
N GLY B 302 28.96 18.72 22.28
CA GLY B 302 29.75 19.04 23.45
C GLY B 302 29.63 17.96 24.52
N VAL B 303 28.43 17.40 24.68
CA VAL B 303 28.17 16.34 25.65
C VAL B 303 27.02 15.49 25.13
N VAL B 304 26.97 14.24 25.59
CA VAL B 304 25.90 13.32 25.23
C VAL B 304 25.43 12.59 26.47
N VAL B 305 24.12 12.39 26.55
CA VAL B 305 23.48 11.68 27.66
C VAL B 305 22.97 10.35 27.11
N MET B 306 23.53 9.26 27.63
CA MET B 306 23.07 7.92 27.28
C MET B 306 21.93 7.52 28.20
N THR B 307 20.76 7.27 27.63
CA THR B 307 19.60 6.84 28.38
C THR B 307 19.09 5.47 27.94
N VAL B 308 19.80 4.81 27.03
CA VAL B 308 19.39 3.52 26.49
C VAL B 308 19.34 2.49 27.62
N PRO B 309 18.45 1.52 27.57
CA PRO B 309 18.38 0.51 28.63
C PRO B 309 19.73 -0.15 28.85
N LEU B 310 20.04 -0.45 30.11
CA LEU B 310 21.32 -1.05 30.46
C LEU B 310 21.63 -2.26 29.57
N ASN B 311 20.68 -3.19 29.47
CA ASN B 311 20.91 -4.45 28.76
C ASN B 311 21.26 -4.26 27.28
N THR B 312 21.16 -3.05 26.75
CA THR B 312 21.48 -2.79 25.36
C THR B 312 22.84 -2.13 25.16
N TYR B 313 23.45 -1.63 26.24
CA TYR B 313 24.74 -0.95 26.10
C TYR B 313 25.76 -1.84 25.39
N LYS B 314 25.69 -3.15 25.64
CA LYS B 314 26.65 -4.08 25.03
C LYS B 314 26.72 -3.95 23.52
N HIS B 315 25.68 -3.44 22.88
CA HIS B 315 25.67 -3.24 21.44
C HIS B 315 26.20 -1.88 21.03
N ILE B 316 26.84 -1.15 21.93
CA ILE B 316 27.36 0.18 21.66
C ILE B 316 28.84 0.20 22.02
N GLY B 317 29.66 0.70 21.10
CA GLY B 317 31.09 0.82 21.34
C GLY B 317 31.43 2.19 21.91
N PHE B 318 32.42 2.20 22.80
CA PHE B 318 32.88 3.44 23.43
C PHE B 318 34.37 3.58 23.25
N THR B 319 34.82 4.77 22.85
CA THR B 319 36.23 5.05 22.63
C THR B 319 36.60 6.37 23.30
N PRO B 320 37.41 6.36 24.36
CA PRO B 320 38.08 5.18 24.95
C PRO B 320 37.15 4.35 25.82
N ALA B 321 37.64 3.19 26.26
CA ALA B 321 36.84 2.30 27.07
C ALA B 321 36.36 3.00 28.33
N LEU B 322 35.17 2.63 28.79
CA LEU B 322 34.61 3.19 30.00
C LEU B 322 35.20 2.48 31.23
N SER B 323 35.07 3.15 32.37
CA SER B 323 35.53 2.59 33.63
C SER B 323 35.00 1.17 33.79
N LYS B 324 35.69 0.38 34.60
CA LYS B 324 35.39 -1.04 34.67
C LYS B 324 34.15 -1.36 35.51
N GLY B 325 33.72 -0.43 36.37
CA GLY B 325 32.42 -0.60 37.00
C GLY B 325 31.28 -0.48 36.01
N LYS B 326 31.36 0.56 35.16
CA LYS B 326 30.40 0.69 34.07
C LYS B 326 30.45 -0.53 33.15
N GLN B 327 31.65 -1.04 32.88
CA GLN B 327 31.77 -2.22 32.01
C GLN B 327 31.16 -3.45 32.69
N ARG B 328 31.35 -3.60 33.99
CA ARG B 328 30.73 -4.69 34.73
C ARG B 328 29.22 -4.61 34.61
N PHE B 329 28.65 -3.43 34.84
CA PHE B 329 27.20 -3.28 34.72
C PHE B 329 26.73 -3.58 33.30
N ILE B 330 27.50 -3.14 32.30
CA ILE B 330 27.12 -3.35 30.91
C ILE B 330 27.12 -4.84 30.58
N LYS B 331 28.12 -5.57 31.09
CA LYS B 331 28.25 -6.99 30.76
C LYS B 331 27.26 -7.86 31.52
N GLU B 332 26.96 -7.49 32.77
CA GLU B 332 25.98 -8.24 33.54
C GLU B 332 24.54 -7.79 33.29
N GLY B 333 24.35 -6.50 33.01
CA GLY B 333 23.00 -5.99 32.81
C GLY B 333 22.12 -6.25 34.02
N GLN B 334 20.83 -5.97 33.82
CA GLN B 334 19.82 -6.23 34.84
C GLN B 334 19.02 -7.47 34.48
N LEU B 335 18.24 -7.95 35.47
CA LEU B 335 17.71 -9.31 35.41
C LEU B 335 16.46 -9.42 34.54
N SER B 336 15.49 -8.52 34.75
CA SER B 336 14.16 -8.67 34.17
C SER B 336 14.21 -9.13 32.72
N LYS B 337 13.31 -10.04 32.38
CA LYS B 337 13.15 -10.54 31.01
C LYS B 337 11.71 -11.02 30.83
N GLY B 338 10.75 -10.12 31.06
CA GLY B 338 9.35 -10.45 30.94
C GLY B 338 8.72 -9.94 29.65
N ALA B 339 7.45 -10.28 29.48
CA ALA B 339 6.69 -9.89 28.30
C ALA B 339 5.26 -9.59 28.69
N LYS B 340 4.56 -8.87 27.80
CA LYS B 340 3.19 -8.46 28.03
C LYS B 340 2.28 -9.12 27.01
N LEU B 341 1.07 -9.49 27.44
CA LEU B 341 0.19 -10.29 26.58
C LEU B 341 -1.26 -10.03 26.94
N TYR B 342 -2.06 -9.67 25.95
CA TYR B 342 -3.50 -9.52 26.10
C TYR B 342 -4.21 -10.62 25.34
N VAL B 343 -5.24 -11.19 25.97
CA VAL B 343 -5.98 -12.34 25.45
C VAL B 343 -7.46 -12.00 25.45
N HIS B 344 -8.07 -11.96 24.26
CA HIS B 344 -9.50 -11.70 24.14
C HIS B 344 -10.24 -13.04 24.07
N VAL B 345 -11.13 -13.26 25.04
CA VAL B 345 -11.91 -14.48 25.19
C VAL B 345 -13.38 -14.14 24.99
N LYS B 346 -14.11 -15.12 24.44
CA LYS B 346 -15.54 -14.93 24.19
C LYS B 346 -16.38 -15.00 25.46
N GLN B 347 -15.89 -15.66 26.51
CA GLN B 347 -16.64 -15.81 27.74
C GLN B 347 -16.42 -14.63 28.66
N ASN B 348 -17.48 -14.22 29.36
CA ASN B 348 -17.40 -13.18 30.37
C ASN B 348 -17.01 -13.82 31.70
N LEU B 349 -15.79 -13.55 32.15
CA LEU B 349 -15.30 -14.05 33.43
C LEU B 349 -15.41 -13.03 34.55
N GLY B 350 -16.00 -11.86 34.29
CA GLY B 350 -16.07 -10.84 35.29
C GLY B 350 -14.69 -10.27 35.61
N ARG B 351 -14.61 -9.59 36.75
CA ARG B 351 -13.35 -9.04 37.22
C ARG B 351 -12.58 -10.13 37.96
N VAL B 352 -11.51 -10.62 37.35
CA VAL B 352 -10.72 -11.71 37.91
C VAL B 352 -9.27 -11.28 38.04
N PHE B 353 -8.60 -11.83 39.05
CA PHE B 353 -7.16 -11.67 39.22
C PHE B 353 -6.55 -13.03 39.54
N ALA B 354 -5.31 -13.22 39.08
CA ALA B 354 -4.65 -14.49 39.32
C ALA B 354 -3.13 -14.32 39.37
N PHE B 355 -2.52 -15.03 40.32
CA PHE B 355 -1.08 -15.16 40.46
C PHE B 355 -0.64 -16.53 39.97
N ALA B 356 0.59 -16.61 39.48
CA ALA B 356 1.17 -17.88 39.03
C ALA B 356 2.65 -17.89 39.36
N ASP B 357 3.11 -18.94 40.03
CA ASP B 357 4.48 -18.98 40.50
C ASP B 357 5.47 -18.99 39.33
N GLU B 358 6.76 -18.87 39.67
CA GLU B 358 7.78 -18.52 38.70
C GLU B 358 8.04 -19.58 37.64
N GLN B 359 7.50 -20.79 37.79
CA GLN B 359 7.72 -21.84 36.81
C GLN B 359 6.59 -21.97 35.79
N GLN B 360 5.56 -21.12 35.88
CA GLN B 360 4.49 -21.09 34.89
C GLN B 360 4.39 -19.69 34.29
N PRO B 361 3.88 -19.58 33.06
CA PRO B 361 4.00 -18.32 32.31
C PRO B 361 3.11 -17.18 32.81
N LEU B 362 1.82 -17.47 33.01
CA LEU B 362 0.84 -16.42 33.31
C LEU B 362 1.01 -15.97 34.76
N ASN B 363 2.15 -15.32 35.02
CA ASN B 363 2.52 -14.95 36.38
C ASN B 363 1.56 -13.93 36.97
N TRP B 364 1.20 -12.90 36.21
CA TRP B 364 0.27 -11.88 36.66
C TRP B 364 -0.86 -11.79 35.64
N VAL B 365 -2.10 -12.01 36.07
CA VAL B 365 -3.22 -11.94 35.13
C VAL B 365 -4.35 -11.14 35.77
N GLN B 366 -4.96 -10.26 34.96
CA GLN B 366 -5.94 -9.29 35.44
C GLN B 366 -7.02 -9.12 34.37
N THR B 367 -8.25 -8.86 34.83
CA THR B 367 -9.34 -8.57 33.90
C THR B 367 -9.21 -7.14 33.39
N HIS B 368 -8.93 -6.98 32.09
CA HIS B 368 -8.85 -5.66 31.48
C HIS B 368 -10.23 -5.07 31.24
N ASP B 369 -11.10 -5.81 30.55
CA ASP B 369 -12.47 -5.39 30.33
C ASP B 369 -13.35 -6.63 30.19
N TYR B 370 -14.64 -6.45 30.47
CA TYR B 370 -15.56 -7.58 30.49
C TYR B 370 -16.98 -7.09 30.21
N SER B 371 -17.71 -7.86 29.41
CA SER B 371 -19.12 -7.64 29.15
C SER B 371 -19.65 -8.82 28.36
N ASP B 372 -20.95 -9.08 28.50
CA ASP B 372 -21.55 -10.25 27.85
C ASP B 372 -21.41 -10.14 26.33
N GLU B 373 -21.52 -8.94 25.78
CA GLU B 373 -21.35 -8.76 24.35
C GLU B 373 -19.88 -8.93 23.94
N LEU B 374 -18.98 -8.22 24.63
CA LEU B 374 -17.57 -8.24 24.26
C LEU B 374 -16.93 -9.58 24.60
N GLY B 375 -17.31 -10.18 25.71
CA GLY B 375 -16.53 -11.25 26.31
C GLY B 375 -15.69 -10.72 27.45
N THR B 376 -14.40 -11.05 27.43
CA THR B 376 -13.47 -10.40 28.35
C THR B 376 -12.08 -10.35 27.75
N ILE B 377 -11.38 -9.26 28.05
CA ILE B 377 -9.97 -9.13 27.74
C ILE B 377 -9.17 -9.40 29.00
N LEU B 378 -8.06 -10.14 28.86
CA LEU B 378 -7.18 -10.46 29.96
C LEU B 378 -5.83 -9.82 29.69
N SER B 379 -5.38 -8.98 30.63
CA SER B 379 -4.04 -8.42 30.59
C SER B 379 -3.13 -9.28 31.44
N ILE B 380 -1.99 -9.70 30.88
CA ILE B 380 -1.12 -10.69 31.51
C ILE B 380 0.32 -10.23 31.38
N THR B 381 1.04 -10.29 32.49
CA THR B 381 2.47 -10.07 32.54
C THR B 381 3.16 -11.38 32.86
N ILE B 382 4.12 -11.77 32.02
CA ILE B 382 4.91 -12.97 32.22
C ILE B 382 6.32 -12.54 32.63
N ALA B 383 6.79 -13.08 33.75
CA ALA B 383 8.06 -12.63 34.31
C ALA B 383 9.24 -13.00 33.42
N ARG B 384 9.18 -14.14 32.74
CA ARG B 384 10.29 -14.62 31.93
C ARG B 384 9.76 -15.05 30.57
N LYS B 385 10.34 -14.50 29.51
CA LYS B 385 9.83 -14.74 28.16
C LYS B 385 9.99 -16.21 27.78
N GLU B 386 11.07 -16.85 28.21
CA GLU B 386 11.27 -18.26 27.93
C GLU B 386 10.14 -19.13 28.48
N THR B 387 9.26 -18.55 29.31
CA THR B 387 8.15 -19.34 29.83
C THR B 387 7.22 -19.77 28.72
N ILE B 388 6.99 -18.88 27.76
CA ILE B 388 5.97 -19.13 26.76
C ILE B 388 6.28 -18.28 25.57
N ASP B 389 6.09 -18.83 24.39
CA ASP B 389 6.25 -18.03 23.18
C ASP B 389 4.92 -17.35 22.90
N VAL B 390 4.87 -16.05 23.18
CA VAL B 390 3.62 -15.31 23.18
C VAL B 390 3.00 -15.25 21.80
N ASN B 391 3.78 -15.47 20.73
CA ASN B 391 3.31 -15.27 19.38
C ASN B 391 2.82 -16.56 18.71
N ASP B 392 2.52 -17.59 19.50
CA ASP B 392 1.81 -18.77 19.04
C ASP B 392 0.49 -18.83 19.79
N ARG B 393 -0.61 -18.51 19.12
CA ARG B 393 -1.86 -18.24 19.83
C ARG B 393 -2.40 -19.48 20.55
N ASP B 394 -2.15 -20.68 20.02
CA ASP B 394 -2.76 -21.86 20.64
C ASP B 394 -1.96 -22.40 21.81
N ALA B 395 -0.64 -22.16 21.86
CA ALA B 395 0.07 -22.40 23.10
C ALA B 395 -0.41 -21.46 24.20
N VAL B 396 -0.67 -20.19 23.83
CA VAL B 396 -1.33 -19.26 24.74
C VAL B 396 -2.68 -19.81 25.16
N THR B 397 -3.44 -20.38 24.23
CA THR B 397 -4.73 -20.97 24.57
C THR B 397 -4.57 -22.09 25.58
N ARG B 398 -3.60 -22.96 25.37
CA ARG B 398 -3.32 -24.05 26.30
C ARG B 398 -3.04 -23.49 27.70
N GLU B 399 -2.01 -22.66 27.82
CA GLU B 399 -1.61 -22.19 29.15
C GLU B 399 -2.63 -21.25 29.77
N VAL B 400 -3.55 -20.70 28.98
CA VAL B 400 -4.59 -19.84 29.55
C VAL B 400 -5.75 -20.67 30.05
N GLN B 401 -6.15 -21.70 29.28
CA GLN B 401 -7.24 -22.57 29.71
C GLN B 401 -6.85 -23.38 30.95
N LYS B 402 -5.56 -23.64 31.15
CA LYS B 402 -5.09 -24.35 32.32
C LYS B 402 -5.40 -23.55 33.59
N MET B 403 -5.87 -22.31 33.40
CA MET B 403 -6.27 -21.42 34.49
C MET B 403 -7.74 -21.01 34.42
N PHE B 404 -8.31 -20.87 33.22
CA PHE B 404 -9.73 -20.64 33.03
C PHE B 404 -10.21 -21.71 32.08
N PRO B 405 -10.42 -22.93 32.58
CA PRO B 405 -10.69 -24.07 31.69
C PRO B 405 -11.83 -23.77 30.73
N GLY B 406 -11.65 -24.19 29.47
CA GLY B 406 -12.66 -24.00 28.46
C GLY B 406 -12.99 -22.54 28.19
N VAL B 407 -12.09 -21.84 27.52
CA VAL B 407 -12.31 -20.45 27.14
C VAL B 407 -11.96 -20.29 25.67
N GLU B 408 -12.89 -19.72 24.90
CA GLU B 408 -12.68 -19.50 23.48
C GLU B 408 -11.75 -18.30 23.31
N VAL B 409 -10.54 -18.54 22.79
CA VAL B 409 -9.56 -17.48 22.57
C VAL B 409 -9.92 -16.80 21.25
N LEU B 410 -10.57 -15.64 21.34
CA LEU B 410 -10.88 -14.88 20.13
C LEU B 410 -9.66 -14.19 19.55
N GLY B 411 -8.72 -13.77 20.40
CA GLY B 411 -7.54 -13.11 19.86
C GLY B 411 -6.46 -12.95 20.89
N THR B 412 -5.28 -12.54 20.41
CA THR B 412 -4.16 -12.24 21.30
C THR B 412 -3.32 -11.13 20.72
N ALA B 413 -2.66 -10.40 21.61
CA ALA B 413 -1.62 -9.44 21.26
C ALA B 413 -0.51 -9.56 22.29
N ALA B 414 0.71 -9.23 21.90
CA ALA B 414 1.81 -9.40 22.83
C ALA B 414 3.00 -8.55 22.42
N TYR B 415 3.74 -8.10 23.44
CA TYR B 415 5.01 -7.43 23.25
C TYR B 415 6.08 -8.18 24.02
N ASP B 416 7.12 -8.64 23.31
CA ASP B 416 8.25 -9.35 23.90
C ASP B 416 9.38 -8.35 24.07
N TRP B 417 9.46 -7.75 25.26
CA TRP B 417 10.49 -6.75 25.52
C TRP B 417 11.88 -7.35 25.56
N THR B 418 12.00 -8.66 25.77
CA THR B 418 13.31 -9.30 25.81
C THR B 418 13.89 -9.52 24.42
N ALA B 419 13.03 -9.66 23.41
CA ALA B 419 13.50 -9.82 22.03
C ALA B 419 13.72 -8.49 21.34
N ASP B 420 13.08 -7.43 21.78
CA ASP B 420 13.27 -6.12 21.18
C ASP B 420 14.75 -5.74 21.26
N PRO B 421 15.42 -5.55 20.12
CA PRO B 421 16.84 -5.18 20.18
C PRO B 421 17.12 -3.96 21.05
N PHE B 422 16.12 -3.09 21.31
CA PHE B 422 16.35 -1.82 21.96
C PHE B 422 15.76 -1.76 23.37
N SER B 423 15.48 -2.91 23.99
CA SER B 423 15.31 -3.02 25.44
C SER B 423 15.94 -4.29 25.98
N LEU B 424 15.72 -5.41 25.30
CA LEU B 424 16.31 -6.68 25.67
C LEU B 424 16.05 -6.96 27.15
N GLY B 425 14.77 -6.93 27.52
CA GLY B 425 14.38 -7.02 28.91
C GLY B 425 13.20 -6.11 29.20
N ALA B 426 12.79 -6.07 30.47
CA ALA B 426 11.66 -5.23 30.84
C ALA B 426 12.09 -4.12 31.79
N TRP B 427 11.31 -3.93 32.85
CA TRP B 427 11.64 -2.94 33.86
C TRP B 427 12.96 -3.27 34.55
N ALA B 428 13.49 -2.28 35.27
CA ALA B 428 14.73 -2.46 36.01
C ALA B 428 14.50 -3.42 37.17
N ALA B 429 15.31 -4.48 37.20
CA ALA B 429 15.28 -5.46 38.29
C ALA B 429 16.71 -5.77 38.67
N TYR B 430 17.06 -5.55 39.93
CA TYR B 430 18.44 -5.70 40.40
C TYR B 430 18.70 -7.12 40.86
N GLY B 431 19.82 -7.70 40.40
CA GLY B 431 20.33 -8.93 40.98
C GLY B 431 21.04 -8.66 42.30
N VAL B 432 21.38 -9.75 43.01
CA VAL B 432 21.98 -9.60 44.33
C VAL B 432 23.37 -8.98 44.20
N GLY B 433 23.66 -7.99 45.04
CA GLY B 433 24.95 -7.33 44.97
C GLY B 433 25.05 -6.19 43.99
N GLN B 434 24.00 -5.91 43.23
CA GLN B 434 24.05 -4.85 42.23
C GLN B 434 23.80 -3.48 42.86
N LEU B 435 22.74 -3.37 43.67
CA LEU B 435 22.32 -2.07 44.20
C LEU B 435 23.48 -1.34 44.86
N SER B 436 24.26 -2.06 45.68
CA SER B 436 25.38 -1.43 46.38
C SER B 436 26.39 -0.82 45.41
N ARG B 437 26.44 -1.29 44.17
CA ARG B 437 27.37 -0.78 43.16
C ARG B 437 26.71 0.22 42.22
N LEU B 438 25.48 0.65 42.52
CA LEU B 438 24.73 1.47 41.56
C LEU B 438 25.51 2.69 41.10
N LYS B 439 26.35 3.26 41.97
CA LYS B 439 27.08 4.47 41.60
C LYS B 439 27.97 4.26 40.39
N ASP B 440 28.53 3.06 40.24
CA ASP B 440 29.35 2.77 39.05
C ASP B 440 28.56 3.01 37.77
N LEU B 441 27.24 2.75 37.80
CA LEU B 441 26.41 3.01 36.64
C LEU B 441 26.06 4.47 36.51
N GLN B 442 26.00 5.21 37.62
CA GLN B 442 25.61 6.61 37.58
C GLN B 442 26.77 7.53 37.21
N ALA B 443 28.00 7.13 37.55
CA ALA B 443 29.14 8.02 37.40
C ALA B 443 29.32 8.46 35.95
N ALA B 444 29.41 9.78 35.76
CA ALA B 444 29.72 10.30 34.43
C ALA B 444 31.08 9.80 33.98
N GLU B 445 31.16 9.43 32.70
CA GLU B 445 32.41 8.96 32.10
C GLU B 445 32.89 10.04 31.14
N GLY B 446 33.61 11.01 31.66
CA GLY B 446 34.04 12.13 30.83
C GLY B 446 32.84 12.98 30.46
N ARG B 447 32.76 13.34 29.18
CA ARG B 447 31.63 14.10 28.66
C ARG B 447 30.45 13.23 28.29
N ILE B 448 30.46 11.95 28.69
CA ILE B 448 29.35 11.05 28.47
C ILE B 448 28.58 10.92 29.78
N LEU B 449 27.29 11.21 29.75
CA LEU B 449 26.44 11.15 30.93
C LEU B 449 25.45 9.99 30.79
N PHE B 450 25.00 9.47 31.93
CA PHE B 450 24.23 8.24 31.97
C PHE B 450 22.97 8.45 32.78
N ALA B 451 21.81 8.18 32.16
CA ALA B 451 20.52 8.22 32.85
C ALA B 451 19.70 7.03 32.39
N GLY B 452 18.55 6.87 33.02
CA GLY B 452 17.66 5.74 32.77
C GLY B 452 17.14 5.20 34.08
N ALA B 453 15.98 4.52 33.99
CA ALA B 453 15.35 3.98 35.19
C ALA B 453 16.32 3.17 36.03
N GLU B 454 17.24 2.47 35.37
CA GLU B 454 18.20 1.64 36.10
C GLU B 454 19.17 2.48 36.93
N THR B 455 19.39 3.74 36.53
CA THR B 455 20.38 4.59 37.17
C THR B 455 19.80 5.46 38.28
N SER B 456 18.50 5.38 38.54
CA SER B 456 17.89 6.22 39.55
C SER B 456 18.18 5.66 40.95
N ASN B 457 17.86 6.48 41.97
CA ASN B 457 18.05 6.10 43.36
C ASN B 457 16.77 5.68 44.05
N GLY B 458 15.62 6.19 43.60
CA GLY B 458 14.35 5.89 44.26
C GLY B 458 13.51 4.86 43.54
N TRP B 459 12.46 5.30 42.85
CA TRP B 459 11.56 4.42 42.12
C TRP B 459 12.28 3.96 40.85
N HIS B 460 13.15 2.96 41.02
CA HIS B 460 13.97 2.50 39.91
C HIS B 460 13.18 1.65 38.92
N ALA B 461 12.12 1.01 39.38
CA ALA B 461 11.42 0.01 38.58
C ALA B 461 10.28 0.59 37.75
N VAL B 462 10.15 1.92 37.67
CA VAL B 462 9.05 2.50 36.93
C VAL B 462 9.44 3.85 36.31
N ILE B 463 8.44 4.62 35.86
CA ILE B 463 8.68 5.84 35.10
C ILE B 463 9.31 6.92 35.96
N ASP B 464 8.97 6.96 37.25
CA ASP B 464 9.52 8.00 38.13
C ASP B 464 11.04 7.94 38.17
N GLY B 465 11.61 6.73 38.19
CA GLY B 465 13.06 6.62 38.19
C GLY B 465 13.69 7.20 36.94
N ALA B 466 13.06 6.96 35.78
CA ALA B 466 13.58 7.53 34.54
C ALA B 466 13.50 9.05 34.57
N VAL B 467 12.41 9.61 35.09
CA VAL B 467 12.29 11.06 35.16
C VAL B 467 13.37 11.65 36.08
N GLU B 468 13.60 10.99 37.23
CA GLU B 468 14.63 11.46 38.15
C GLU B 468 16.01 11.39 37.50
N SER B 469 16.29 10.29 36.79
CA SER B 469 17.55 10.20 36.05
C SER B 469 17.67 11.34 35.05
N GLY B 470 16.58 11.67 34.37
CA GLY B 470 16.62 12.78 33.43
C GLY B 470 16.97 14.09 34.10
N LEU B 471 16.43 14.33 35.30
CA LEU B 471 16.78 15.54 36.03
C LEU B 471 18.27 15.57 36.36
N ARG B 472 18.77 14.49 36.97
CA ARG B 472 20.19 14.45 37.32
C ARG B 472 21.08 14.65 36.09
N ALA B 473 20.66 14.09 34.95
CA ALA B 473 21.45 14.21 33.73
C ALA B 473 21.42 15.62 33.19
N GLY B 474 20.24 16.26 33.19
CA GLY B 474 20.16 17.65 32.79
C GLY B 474 21.10 18.53 33.60
N ARG B 475 21.23 18.25 34.89
CA ARG B 475 22.10 19.11 35.69
C ARG B 475 23.58 18.74 35.55
N GLU B 476 23.90 17.46 35.31
CA GLU B 476 25.27 17.15 34.95
C GLU B 476 25.66 17.85 33.64
N VAL B 477 24.70 17.95 32.72
CA VAL B 477 24.92 18.72 31.49
C VAL B 477 25.20 20.18 31.83
N LYS B 478 24.31 20.79 32.61
CA LYS B 478 24.52 22.16 33.05
C LYS B 478 25.92 22.35 33.62
N GLN B 479 26.35 21.40 34.47
CA GLN B 479 27.66 21.52 35.11
C GLN B 479 28.78 21.46 34.08
N LEU B 480 28.62 20.62 33.06
CA LEU B 480 29.69 20.50 32.06
C LEU B 480 29.75 21.73 31.14
N LEU B 481 28.60 22.26 30.75
CA LEU B 481 28.53 23.30 29.72
C LEU B 481 28.29 24.69 30.30
N SER B 482 28.89 25.01 31.44
CA SER B 482 28.73 26.33 32.03
C SER B 482 30.02 26.84 32.66
N GLY C 51 13.48 -23.70 8.93
CA GLY C 51 13.17 -22.64 7.99
C GLY C 51 12.36 -23.13 6.79
N PHE C 52 11.09 -22.71 6.74
CA PHE C 52 10.19 -23.15 5.68
C PHE C 52 10.71 -22.77 4.31
N ASP C 53 9.97 -23.14 3.25
CA ASP C 53 10.35 -22.76 1.90
C ASP C 53 10.12 -21.27 1.67
N TYR C 54 8.94 -20.77 2.04
CA TYR C 54 8.60 -19.37 1.88
C TYR C 54 7.94 -18.86 3.15
N ASP C 55 8.04 -17.55 3.37
CA ASP C 55 7.33 -16.93 4.47
C ASP C 55 5.82 -17.07 4.29
N VAL C 56 5.31 -16.62 3.14
CA VAL C 56 3.88 -16.64 2.86
C VAL C 56 3.64 -17.24 1.48
N VAL C 57 2.51 -17.95 1.35
CA VAL C 57 2.07 -18.50 0.08
C VAL C 57 0.63 -18.06 -0.17
N VAL C 58 0.38 -17.44 -1.31
CA VAL C 58 -0.93 -16.93 -1.68
C VAL C 58 -1.51 -17.86 -2.73
N VAL C 59 -2.58 -18.56 -2.37
CA VAL C 59 -3.29 -19.42 -3.30
C VAL C 59 -4.24 -18.56 -4.12
N GLY C 60 -3.99 -18.47 -5.42
CA GLY C 60 -4.84 -17.71 -6.31
C GLY C 60 -4.15 -16.54 -6.97
N GLY C 61 -4.42 -16.33 -8.26
CA GLY C 61 -3.85 -15.23 -9.00
C GLY C 61 -4.87 -14.17 -9.35
N GLY C 62 -5.93 -14.07 -8.54
CA GLY C 62 -6.93 -13.05 -8.73
C GLY C 62 -6.54 -11.74 -8.09
N PHE C 63 -7.48 -10.80 -8.10
CA PHE C 63 -7.22 -9.49 -7.51
C PHE C 63 -6.99 -9.61 -6.01
N ALA C 64 -7.72 -10.49 -5.33
CA ALA C 64 -7.44 -10.75 -3.92
C ALA C 64 -6.04 -11.30 -3.74
N GLY C 65 -5.69 -12.35 -4.49
CA GLY C 65 -4.36 -12.93 -4.38
C GLY C 65 -3.27 -11.96 -4.77
N ALA C 66 -3.48 -11.19 -5.84
CA ALA C 66 -2.47 -10.22 -6.27
C ALA C 66 -2.27 -9.13 -5.23
N THR C 67 -3.38 -8.61 -4.67
CA THR C 67 -3.27 -7.59 -3.63
C THR C 67 -2.54 -8.13 -2.40
N ALA C 68 -2.87 -9.34 -1.98
CA ALA C 68 -2.21 -9.92 -0.82
C ALA C 68 -0.72 -10.14 -1.09
N ALA C 69 -0.39 -10.61 -2.29
CA ALA C 69 1.01 -10.80 -2.65
C ALA C 69 1.77 -9.49 -2.64
N ARG C 70 1.16 -8.43 -3.18
CA ARG C 70 1.78 -7.11 -3.12
C ARG C 70 2.03 -6.68 -1.69
N GLU C 71 0.99 -6.75 -0.85
CA GLU C 71 1.12 -6.37 0.55
C GLU C 71 2.27 -7.10 1.21
N CYS C 72 2.30 -8.42 1.10
CA CYS C 72 3.30 -9.20 1.82
C CYS C 72 4.70 -9.01 1.24
N GLY C 73 4.82 -8.98 -0.09
CA GLY C 73 6.12 -8.83 -0.69
C GLY C 73 6.75 -7.48 -0.39
N LEU C 74 5.95 -6.41 -0.43
CA LEU C 74 6.49 -5.10 -0.07
C LEU C 74 6.84 -5.01 1.40
N GLN C 75 6.22 -5.83 2.25
CA GLN C 75 6.62 -5.94 3.65
C GLN C 75 7.92 -6.73 3.82
N GLY C 76 8.48 -7.25 2.73
CA GLY C 76 9.75 -7.95 2.78
C GLY C 76 9.67 -9.44 2.95
N TYR C 77 8.48 -9.99 3.21
CA TYR C 77 8.35 -11.43 3.39
C TYR C 77 8.73 -12.17 2.12
N ARG C 78 9.30 -13.37 2.29
CA ARG C 78 9.51 -14.28 1.16
C ARG C 78 8.14 -14.78 0.71
N THR C 79 7.67 -14.27 -0.43
CA THR C 79 6.31 -14.50 -0.88
C THR C 79 6.30 -15.40 -2.11
N LEU C 80 5.36 -16.34 -2.14
CA LEU C 80 5.11 -17.18 -3.30
C LEU C 80 3.63 -17.10 -3.64
N LEU C 81 3.31 -17.16 -4.93
CA LEU C 81 1.92 -17.17 -5.37
C LEU C 81 1.69 -18.37 -6.28
N LEU C 82 0.60 -19.09 -6.02
CA LEU C 82 0.26 -20.31 -6.77
C LEU C 82 -1.07 -20.07 -7.48
N GLU C 83 -1.05 -20.07 -8.81
CA GLU C 83 -2.23 -19.94 -9.65
C GLU C 83 -2.49 -21.23 -10.43
N ALA C 84 -3.71 -21.77 -10.32
CA ALA C 84 -4.00 -23.07 -10.93
C ALA C 84 -4.07 -22.98 -12.45
N ARG C 85 -4.73 -21.95 -12.97
CA ARG C 85 -4.87 -21.79 -14.41
C ARG C 85 -3.57 -21.29 -15.03
N SER C 86 -3.48 -21.42 -16.36
CA SER C 86 -2.34 -20.95 -17.13
C SER C 86 -2.30 -19.44 -17.25
N ARG C 87 -3.27 -18.73 -16.66
CA ARG C 87 -3.34 -17.28 -16.75
C ARG C 87 -3.70 -16.70 -15.40
N LEU C 88 -3.27 -15.46 -15.17
CA LEU C 88 -3.69 -14.72 -13.99
C LEU C 88 -5.03 -14.05 -14.29
N GLY C 89 -5.51 -13.21 -13.36
CA GLY C 89 -6.73 -12.46 -13.53
C GLY C 89 -7.95 -13.11 -12.90
N GLY C 90 -7.95 -14.43 -12.76
CA GLY C 90 -9.07 -15.10 -12.12
C GLY C 90 -10.38 -14.82 -12.83
N ARG C 91 -11.38 -14.38 -12.07
CA ARG C 91 -12.72 -14.07 -12.56
C ARG C 91 -12.75 -12.84 -13.46
N THR C 92 -11.59 -12.29 -13.80
CA THR C 92 -11.45 -11.25 -14.81
C THR C 92 -10.53 -11.78 -15.90
N PHE C 93 -10.96 -11.65 -17.15
CA PHE C 93 -10.21 -12.17 -18.28
C PHE C 93 -10.54 -11.33 -19.50
N THR C 94 -9.55 -10.59 -20.01
CA THR C 94 -9.72 -9.81 -21.23
C THR C 94 -9.11 -10.58 -22.40
N SER C 95 -9.83 -10.60 -23.51
CA SER C 95 -9.43 -11.37 -24.68
C SER C 95 -9.77 -10.55 -25.92
N ARG C 96 -9.85 -11.21 -27.07
CA ARG C 96 -10.20 -10.55 -28.33
C ARG C 96 -11.39 -11.24 -28.96
N PHE C 97 -12.21 -10.47 -29.67
CA PHE C 97 -13.34 -11.01 -30.40
C PHE C 97 -13.63 -10.09 -31.58
N ALA C 98 -14.03 -10.70 -32.70
CA ALA C 98 -14.44 -9.98 -33.90
C ALA C 98 -13.55 -8.78 -34.21
N GLY C 99 -12.27 -8.86 -33.88
CA GLY C 99 -11.30 -7.88 -34.31
C GLY C 99 -10.79 -6.92 -33.25
N GLN C 100 -11.38 -6.90 -32.06
CA GLN C 100 -10.90 -5.97 -31.04
C GLN C 100 -11.17 -6.55 -29.65
N GLU C 101 -10.70 -5.82 -28.64
CA GLU C 101 -10.67 -6.35 -27.28
C GLU C 101 -12.07 -6.52 -26.70
N ILE C 102 -12.20 -7.50 -25.82
CA ILE C 102 -13.42 -7.76 -25.06
C ILE C 102 -13.01 -8.23 -23.67
N GLU C 103 -13.98 -8.28 -22.76
CA GLU C 103 -13.75 -8.71 -21.39
C GLU C 103 -14.73 -9.83 -21.05
N PHE C 104 -14.18 -10.99 -20.65
CA PHE C 104 -15.00 -12.14 -20.32
C PHE C 104 -15.46 -12.17 -18.87
N GLY C 105 -14.79 -11.41 -18.00
CA GLY C 105 -15.17 -11.38 -16.61
C GLY C 105 -15.43 -9.97 -16.11
N GLY C 106 -14.84 -9.62 -14.96
CA GLY C 106 -15.04 -8.32 -14.37
C GLY C 106 -13.97 -7.34 -14.84
N ALA C 107 -14.39 -6.13 -15.22
CA ALA C 107 -13.43 -5.12 -15.66
C ALA C 107 -13.85 -3.70 -15.31
N TRP C 108 -15.14 -3.39 -15.45
CA TRP C 108 -15.63 -2.03 -15.24
C TRP C 108 -15.57 -1.68 -13.76
N VAL C 109 -15.16 -0.45 -13.47
CA VAL C 109 -14.88 -0.02 -12.10
C VAL C 109 -15.36 1.42 -11.96
N HIS C 110 -15.24 1.95 -10.75
CA HIS C 110 -15.68 3.31 -10.50
C HIS C 110 -14.96 3.84 -9.27
N TRP C 111 -14.81 5.17 -9.19
CA TRP C 111 -14.08 5.78 -8.09
C TRP C 111 -14.85 5.72 -6.78
N LEU C 112 -16.17 5.54 -6.82
CA LEU C 112 -16.94 5.33 -5.60
C LEU C 112 -16.59 4.04 -4.90
N GLN C 113 -15.68 3.25 -5.48
CA GLN C 113 -15.21 2.00 -4.87
C GLN C 113 -13.77 2.21 -4.40
N PRO C 114 -13.53 2.31 -3.10
CA PRO C 114 -12.30 2.94 -2.61
C PRO C 114 -11.01 2.18 -2.90
N HIS C 115 -10.98 0.88 -2.61
CA HIS C 115 -9.72 0.16 -2.65
C HIS C 115 -9.15 0.08 -4.06
N VAL C 116 -9.97 -0.30 -5.04
CA VAL C 116 -9.48 -0.44 -6.40
C VAL C 116 -9.12 0.92 -6.99
N TRP C 117 -9.90 1.95 -6.68
CA TRP C 117 -9.56 3.29 -7.16
C TRP C 117 -8.24 3.76 -6.56
N ALA C 118 -8.00 3.46 -5.29
CA ALA C 118 -6.72 3.82 -4.67
C ALA C 118 -5.58 3.07 -5.33
N GLU C 119 -5.78 1.79 -5.64
CA GLU C 119 -4.76 1.05 -6.38
C GLU C 119 -4.48 1.69 -7.74
N MET C 120 -5.53 2.11 -8.44
CA MET C 120 -5.35 2.77 -9.73
C MET C 120 -4.58 4.07 -9.56
N GLN C 121 -4.81 4.78 -8.46
CA GLN C 121 -4.01 5.97 -8.16
C GLN C 121 -2.55 5.58 -7.96
N ARG C 122 -2.30 4.47 -7.26
CA ARG C 122 -0.92 4.06 -6.99
C ARG C 122 -0.16 3.81 -8.28
N TYR C 123 -0.74 3.03 -9.19
CA TYR C 123 -0.07 2.59 -10.40
C TYR C 123 -0.42 3.45 -11.62
N GLY C 124 -0.98 4.63 -11.41
CA GLY C 124 -1.18 5.58 -12.48
C GLY C 124 -2.08 5.09 -13.60
N LEU C 125 -3.12 4.32 -13.25
CA LEU C 125 -4.04 3.78 -14.24
C LEU C 125 -5.23 4.71 -14.38
N GLY C 126 -5.28 5.45 -15.49
CA GLY C 126 -6.45 6.22 -15.83
C GLY C 126 -7.61 5.34 -16.22
N VAL C 127 -8.71 5.98 -16.61
CA VAL C 127 -9.93 5.27 -16.95
C VAL C 127 -10.23 5.46 -18.43
N VAL C 128 -10.90 4.46 -19.01
CA VAL C 128 -11.37 4.51 -20.38
C VAL C 128 -12.89 4.38 -20.37
N GLU C 129 -13.57 5.32 -21.01
CA GLU C 129 -15.03 5.44 -20.91
C GLU C 129 -15.70 4.78 -22.11
N ASP C 130 -16.62 3.86 -21.82
CA ASP C 130 -17.51 3.34 -22.85
C ASP C 130 -18.77 4.19 -22.88
N PRO C 131 -19.08 4.86 -24.00
CA PRO C 131 -20.32 5.64 -24.07
C PRO C 131 -21.51 4.78 -23.67
N LEU C 132 -22.44 5.38 -22.91
CA LEU C 132 -23.53 4.64 -22.31
C LEU C 132 -24.78 5.50 -22.19
N THR C 133 -25.19 6.13 -23.27
CA THR C 133 -26.45 6.88 -23.30
C THR C 133 -26.78 7.19 -24.76
N ASN C 134 -27.87 7.93 -24.96
CA ASN C 134 -28.37 8.21 -26.31
C ASN C 134 -28.64 6.91 -27.06
N LEU C 135 -29.13 5.91 -26.34
CA LEU C 135 -29.36 4.59 -26.92
C LEU C 135 -30.33 4.68 -28.10
N ASP C 136 -30.17 3.74 -29.02
CA ASP C 136 -31.05 3.66 -30.20
C ASP C 136 -32.26 2.80 -29.93
N LYS C 137 -32.17 1.85 -29.01
CA LYS C 137 -33.26 0.92 -28.76
C LYS C 137 -33.21 0.41 -27.33
N THR C 138 -34.39 0.17 -26.78
CA THR C 138 -34.56 -0.28 -25.40
C THR C 138 -35.64 -1.35 -25.32
N LEU C 139 -35.23 -2.55 -24.88
CA LEU C 139 -36.08 -3.74 -24.92
C LEU C 139 -36.23 -4.36 -23.53
N ILE C 140 -37.40 -4.96 -23.30
CA ILE C 140 -37.68 -5.75 -22.12
C ILE C 140 -38.37 -7.03 -22.56
N MET C 141 -37.75 -8.17 -22.28
CA MET C 141 -38.33 -9.48 -22.58
C MET C 141 -38.77 -10.13 -21.27
N TYR C 142 -40.05 -10.46 -21.18
CA TYR C 142 -40.61 -11.02 -19.97
C TYR C 142 -40.31 -12.53 -19.87
N ASN C 143 -40.63 -13.10 -18.72
CA ASN C 143 -40.42 -14.53 -18.51
C ASN C 143 -41.09 -15.36 -19.60
N ASP C 144 -42.13 -14.82 -20.23
CA ASP C 144 -42.90 -15.53 -21.25
C ASP C 144 -42.34 -15.36 -22.65
N GLY C 145 -41.17 -14.74 -22.79
CA GLY C 145 -40.59 -14.50 -24.09
C GLY C 145 -41.10 -13.25 -24.79
N SER C 146 -42.24 -12.71 -24.37
CA SER C 146 -42.70 -11.43 -24.89
C SER C 146 -41.59 -10.40 -24.77
N VAL C 147 -41.48 -9.54 -25.79
CA VAL C 147 -40.44 -8.52 -25.83
C VAL C 147 -41.07 -7.22 -26.30
N GLU C 148 -41.10 -6.22 -25.42
CA GLU C 148 -41.59 -4.89 -25.75
C GLU C 148 -40.40 -3.94 -25.87
N SER C 149 -40.38 -3.15 -26.94
CA SER C 149 -39.35 -2.14 -27.18
C SER C 149 -39.91 -0.80 -26.74
N ILE C 150 -39.62 -0.40 -25.51
CA ILE C 150 -40.14 0.87 -25.01
C ILE C 150 -39.36 1.98 -25.69
N SER C 151 -39.59 3.21 -25.28
CA SER C 151 -38.71 4.24 -25.81
C SER C 151 -37.74 4.69 -24.73
N PRO C 152 -36.45 4.85 -25.08
CA PRO C 152 -35.43 5.08 -24.06
C PRO C 152 -35.55 6.42 -23.35
N ASP C 153 -36.77 6.93 -23.18
CA ASP C 153 -36.99 8.15 -22.40
C ASP C 153 -37.71 7.91 -21.09
N GLU C 154 -38.45 6.80 -20.96
CA GLU C 154 -39.07 6.42 -19.70
C GLU C 154 -38.76 5.00 -19.28
N PHE C 155 -38.21 4.17 -20.17
CA PHE C 155 -37.62 2.90 -19.74
C PHE C 155 -36.65 3.13 -18.58
N GLY C 156 -35.74 4.09 -18.74
CA GLY C 156 -34.84 4.43 -17.66
C GLY C 156 -35.57 4.99 -16.45
N LYS C 157 -36.58 5.83 -16.68
CA LYS C 157 -37.37 6.35 -15.57
C LYS C 157 -38.04 5.23 -14.81
N ASN C 158 -38.54 4.22 -15.52
CA ASN C 158 -39.23 3.11 -14.86
C ASN C 158 -38.26 2.25 -14.08
N ILE C 159 -37.11 1.93 -14.66
CA ILE C 159 -36.11 1.18 -13.92
C ILE C 159 -35.66 1.98 -12.69
N ARG C 160 -35.59 3.31 -12.82
CA ARG C 160 -35.24 4.14 -11.68
C ARG C 160 -36.27 3.99 -10.57
N ILE C 161 -37.56 4.14 -10.90
CA ILE C 161 -38.60 4.01 -9.89
C ILE C 161 -38.51 2.64 -9.20
N ALA C 162 -38.41 1.58 -10.01
CA ALA C 162 -38.38 0.24 -9.46
C ALA C 162 -37.21 0.05 -8.51
N PHE C 163 -36.01 0.39 -8.96
CA PHE C 163 -34.83 0.22 -8.10
C PHE C 163 -34.94 1.10 -6.85
N GLU C 164 -35.34 2.36 -7.02
CA GLU C 164 -35.44 3.27 -5.89
C GLU C 164 -36.33 2.68 -4.79
N LYS C 165 -37.53 2.23 -5.16
CA LYS C 165 -38.40 1.68 -4.13
C LYS C 165 -37.91 0.33 -3.62
N LEU C 166 -37.21 -0.42 -4.46
CA LEU C 166 -36.59 -1.66 -3.97
C LEU C 166 -35.64 -1.37 -2.83
N CYS C 167 -34.93 -0.23 -2.88
CA CYS C 167 -33.96 0.16 -1.89
C CYS C 167 -34.46 1.31 -1.03
N HIS C 168 -35.74 1.26 -0.64
CA HIS C 168 -36.33 2.37 0.09
C HIS C 168 -35.68 2.55 1.46
N ASP C 169 -35.32 1.46 2.12
CA ASP C 169 -34.83 1.49 3.49
C ASP C 169 -33.31 1.38 3.59
N ALA C 170 -32.60 1.47 2.46
CA ALA C 170 -31.16 1.26 2.48
C ALA C 170 -30.47 2.26 3.39
N TRP C 171 -30.90 3.53 3.38
CA TRP C 171 -30.25 4.52 4.22
C TRP C 171 -30.52 4.27 5.70
N GLU C 172 -31.64 3.65 6.03
CA GLU C 172 -31.94 3.34 7.43
C GLU C 172 -31.17 2.12 7.91
N VAL C 173 -31.24 1.02 7.15
CA VAL C 173 -30.72 -0.26 7.62
C VAL C 173 -29.23 -0.45 7.38
N PHE C 174 -28.61 0.38 6.54
CA PHE C 174 -27.18 0.30 6.26
C PHE C 174 -26.57 1.70 6.30
N PRO C 175 -26.47 2.30 7.48
CA PRO C 175 -25.73 3.56 7.59
C PRO C 175 -24.23 3.36 7.46
N ARG C 176 -23.74 2.16 7.76
CA ARG C 176 -22.33 1.80 7.64
C ARG C 176 -22.23 0.62 6.68
N PRO C 177 -22.26 0.88 5.38
CA PRO C 177 -22.23 -0.23 4.41
C PRO C 177 -21.05 -1.17 4.60
N HIS C 178 -19.90 -0.65 5.01
CA HIS C 178 -18.74 -1.48 5.28
C HIS C 178 -18.80 -2.17 6.64
N GLU C 179 -19.88 -1.96 7.39
CA GLU C 179 -20.23 -2.76 8.56
C GLU C 179 -21.62 -3.33 8.27
N PRO C 180 -21.71 -4.40 7.49
CA PRO C 180 -23.01 -4.84 7.00
C PRO C 180 -24.02 -5.14 8.11
N MET C 181 -23.60 -5.86 9.14
CA MET C 181 -24.56 -6.20 10.19
C MET C 181 -24.53 -5.22 11.34
N PHE C 182 -24.34 -3.93 11.03
CA PHE C 182 -24.33 -2.91 12.07
C PHE C 182 -25.71 -2.76 12.71
N THR C 183 -26.71 -2.40 11.91
CA THR C 183 -28.07 -2.28 12.41
C THR C 183 -28.68 -3.66 12.64
N GLU C 184 -29.63 -3.72 13.58
CA GLU C 184 -30.31 -4.98 13.87
C GLU C 184 -31.31 -5.33 12.78
N ARG C 185 -31.87 -4.32 12.11
CA ARG C 185 -32.82 -4.57 11.04
C ARG C 185 -32.16 -5.14 9.79
N ALA C 186 -30.87 -4.89 9.58
CA ALA C 186 -30.16 -5.60 8.51
C ALA C 186 -30.16 -7.09 8.78
N ARG C 187 -29.81 -7.49 9.99
CA ARG C 187 -29.81 -8.90 10.34
C ARG C 187 -31.21 -9.49 10.31
N GLU C 188 -32.23 -8.73 10.71
CA GLU C 188 -33.59 -9.24 10.61
C GLU C 188 -33.97 -9.48 9.15
N LEU C 189 -33.81 -8.46 8.30
CA LEU C 189 -34.14 -8.60 6.89
C LEU C 189 -33.25 -9.61 6.17
N ASP C 190 -32.16 -10.05 6.79
CA ASP C 190 -31.35 -11.08 6.15
C ASP C 190 -32.04 -12.43 6.05
N LYS C 191 -33.28 -12.57 6.53
CA LYS C 191 -34.03 -13.80 6.30
C LYS C 191 -35.09 -13.63 5.22
N SER C 192 -35.28 -12.42 4.70
CA SER C 192 -36.06 -12.20 3.51
C SER C 192 -35.15 -12.19 2.29
N SER C 193 -35.75 -12.23 1.11
CA SER C 193 -35.02 -12.23 -0.14
C SER C 193 -35.56 -11.14 -1.05
N VAL C 194 -34.80 -10.86 -2.11
CA VAL C 194 -35.12 -9.73 -2.99
C VAL C 194 -36.53 -9.87 -3.57
N LEU C 195 -36.97 -11.11 -3.85
CA LEU C 195 -38.33 -11.29 -4.35
C LEU C 195 -39.36 -11.05 -3.27
N ASP C 196 -39.06 -11.45 -2.03
CA ASP C 196 -39.93 -11.11 -0.91
C ASP C 196 -40.22 -9.62 -0.88
N ARG C 197 -39.20 -8.80 -1.14
CA ARG C 197 -39.38 -7.35 -1.17
C ARG C 197 -40.08 -6.89 -2.43
N ILE C 198 -39.70 -7.43 -3.59
CA ILE C 198 -40.31 -7.05 -4.85
C ILE C 198 -41.82 -7.23 -4.79
N LYS C 199 -42.28 -8.28 -4.13
CA LYS C 199 -43.71 -8.50 -3.98
C LYS C 199 -44.38 -7.50 -3.05
N THR C 200 -43.61 -6.73 -2.29
CA THR C 200 -44.16 -5.82 -1.29
C THR C 200 -44.37 -4.41 -1.81
N LEU C 201 -43.89 -4.08 -3.01
CA LEU C 201 -43.78 -2.70 -3.45
C LEU C 201 -44.72 -2.36 -4.62
N GLY C 202 -45.69 -3.21 -4.91
CA GLY C 202 -46.69 -2.92 -5.93
C GLY C 202 -46.17 -2.24 -7.18
N LEU C 203 -45.24 -2.91 -7.87
CA LEU C 203 -44.65 -2.33 -9.06
C LEU C 203 -45.52 -2.61 -10.29
N SER C 204 -45.35 -1.76 -11.30
CA SER C 204 -45.93 -2.05 -12.60
C SER C 204 -45.43 -3.40 -13.11
N ARG C 205 -46.17 -3.97 -14.07
CA ARG C 205 -45.70 -5.18 -14.72
C ARG C 205 -44.34 -4.95 -15.37
N LEU C 206 -44.22 -3.84 -16.10
CA LEU C 206 -42.95 -3.50 -16.74
C LEU C 206 -41.85 -3.26 -15.70
N GLN C 207 -42.15 -2.46 -14.68
CA GLN C 207 -41.15 -2.18 -13.65
C GLN C 207 -40.77 -3.46 -12.90
N GLN C 208 -41.75 -4.31 -12.60
CA GLN C 208 -41.44 -5.58 -11.94
C GLN C 208 -40.52 -6.42 -12.80
N ALA C 209 -40.84 -6.55 -14.10
CA ALA C 209 -39.97 -7.32 -14.99
C ALA C 209 -38.57 -6.73 -15.01
N GLN C 210 -38.45 -5.41 -15.12
CA GLN C 210 -37.15 -4.76 -15.20
C GLN C 210 -36.31 -5.05 -13.95
N ILE C 211 -36.87 -4.75 -12.78
CA ILE C 211 -36.10 -4.90 -11.55
C ILE C 211 -35.83 -6.37 -11.26
N ASN C 212 -36.74 -7.26 -11.64
CA ASN C 212 -36.52 -8.68 -11.43
C ASN C 212 -35.39 -9.20 -12.31
N SER C 213 -35.36 -8.77 -13.58
CA SER C 213 -34.23 -9.12 -14.45
C SER C 213 -32.94 -8.59 -13.86
N TYR C 214 -32.95 -7.33 -13.40
CA TYR C 214 -31.77 -6.75 -12.76
C TYR C 214 -31.28 -7.61 -11.61
N MET C 215 -32.19 -7.97 -10.70
CA MET C 215 -31.79 -8.69 -9.49
C MET C 215 -31.35 -10.11 -9.81
N ALA C 216 -32.02 -10.76 -10.76
CA ALA C 216 -31.59 -12.10 -11.16
C ALA C 216 -30.20 -12.06 -11.78
N LEU C 217 -29.93 -11.04 -12.62
CA LEU C 217 -28.59 -10.86 -13.14
C LEU C 217 -27.59 -10.71 -12.00
N TYR C 218 -27.91 -9.86 -11.02
CA TYR C 218 -26.99 -9.65 -9.90
C TYR C 218 -26.79 -10.92 -9.09
N ALA C 219 -27.78 -11.80 -9.05
CA ALA C 219 -27.70 -13.02 -8.26
C ALA C 219 -27.19 -14.22 -9.03
N GLY C 220 -27.16 -14.16 -10.35
CA GLY C 220 -26.82 -15.35 -11.13
C GLY C 220 -27.73 -16.52 -10.80
N GLU C 221 -28.99 -16.24 -10.50
CA GLU C 221 -29.98 -17.23 -10.08
C GLU C 221 -31.34 -16.53 -10.08
N THR C 222 -32.36 -17.21 -9.57
CA THR C 222 -33.70 -16.64 -9.56
C THR C 222 -33.97 -15.91 -8.26
N THR C 223 -34.82 -14.88 -8.35
CA THR C 223 -35.05 -13.96 -7.25
C THR C 223 -35.35 -14.67 -5.94
N ASP C 224 -35.99 -15.85 -6.01
CA ASP C 224 -36.41 -16.54 -4.79
C ASP C 224 -35.25 -17.00 -3.92
N LYS C 225 -34.02 -16.98 -4.43
CA LYS C 225 -32.86 -17.42 -3.67
C LYS C 225 -31.95 -16.28 -3.23
N PHE C 226 -32.24 -15.05 -3.63
CA PHE C 226 -31.29 -13.95 -3.53
C PHE C 226 -31.44 -13.22 -2.20
N GLY C 227 -30.34 -13.12 -1.45
CA GLY C 227 -30.37 -12.34 -0.23
C GLY C 227 -30.60 -10.87 -0.52
N LEU C 228 -31.42 -10.25 0.32
CA LEU C 228 -31.85 -8.86 0.24
C LEU C 228 -30.80 -7.91 0.85
N PRO C 229 -30.33 -8.22 2.07
CA PRO C 229 -29.36 -7.33 2.71
C PRO C 229 -28.12 -7.10 1.87
N GLY C 230 -27.65 -8.13 1.17
CA GLY C 230 -26.46 -7.96 0.34
C GLY C 230 -26.67 -6.95 -0.78
N VAL C 231 -27.74 -7.12 -1.55
CA VAL C 231 -27.98 -6.21 -2.67
C VAL C 231 -28.08 -4.77 -2.18
N LEU C 232 -28.79 -4.56 -1.08
CA LEU C 232 -28.95 -3.15 -0.75
C LEU C 232 -27.83 -2.60 0.16
N LYS C 233 -27.00 -3.47 0.74
CA LYS C 233 -25.71 -3.00 1.22
C LYS C 233 -24.84 -2.55 0.07
N LEU C 234 -24.93 -3.24 -1.07
CA LEU C 234 -24.21 -2.78 -2.27
C LEU C 234 -24.75 -1.43 -2.73
N PHE C 235 -26.08 -1.26 -2.70
CA PHE C 235 -26.65 0.05 -3.02
C PHE C 235 -26.13 1.11 -2.06
N ALA C 236 -26.01 0.78 -0.77
CA ALA C 236 -25.44 1.73 0.19
C ALA C 236 -24.00 2.08 -0.17
N CYS C 237 -23.18 1.07 -0.45
CA CYS C 237 -21.78 1.30 -0.81
C CYS C 237 -21.65 2.36 -1.89
N GLY C 238 -22.65 2.51 -2.74
CA GLY C 238 -22.66 3.48 -3.80
C GLY C 238 -23.17 4.85 -3.43
N GLY C 239 -23.38 5.11 -2.13
CA GLY C 239 -23.87 6.41 -1.70
C GLY C 239 -25.37 6.53 -1.58
N TRP C 240 -26.08 5.41 -1.41
CA TRP C 240 -27.54 5.41 -1.27
C TRP C 240 -28.23 6.16 -2.40
N ASN C 241 -27.52 6.38 -3.51
CA ASN C 241 -28.01 7.20 -4.61
C ASN C 241 -28.15 6.34 -5.86
N TYR C 242 -29.28 6.48 -6.56
CA TYR C 242 -29.52 5.70 -7.76
C TYR C 242 -28.55 6.10 -8.87
N ASP C 243 -28.44 7.40 -9.14
CA ASP C 243 -27.67 7.86 -10.29
C ASP C 243 -26.20 7.49 -10.15
N ALA C 244 -25.62 7.70 -8.97
CA ALA C 244 -24.21 7.38 -8.77
C ALA C 244 -23.97 5.87 -8.84
N PHE C 245 -24.79 5.10 -8.13
CA PHE C 245 -24.64 3.64 -8.14
C PHE C 245 -24.74 3.09 -9.56
N MET C 246 -25.64 3.67 -10.37
CA MET C 246 -25.75 3.24 -11.76
C MET C 246 -24.57 3.72 -12.59
N ASP C 247 -23.99 4.87 -12.24
CA ASP C 247 -22.79 5.33 -12.93
C ASP C 247 -21.62 4.38 -12.68
N THR C 248 -21.65 3.64 -11.56
CA THR C 248 -20.69 2.58 -11.34
C THR C 248 -20.92 1.38 -12.25
N GLU C 249 -22.00 1.40 -13.03
CA GLU C 249 -22.46 0.23 -13.78
C GLU C 249 -21.91 0.27 -15.20
N THR C 250 -20.96 -0.61 -15.49
CA THR C 250 -20.52 -0.90 -16.85
C THR C 250 -20.30 0.37 -17.67
N HIS C 251 -19.72 1.39 -17.02
CA HIS C 251 -19.41 2.65 -17.69
C HIS C 251 -17.93 2.84 -17.95
N TYR C 252 -17.08 2.60 -16.96
CA TYR C 252 -15.66 2.88 -17.06
C TYR C 252 -14.84 1.62 -16.86
N ARG C 253 -13.84 1.42 -17.72
CA ARG C 253 -12.88 0.34 -17.60
C ARG C 253 -11.52 0.91 -17.23
N ILE C 254 -10.63 0.03 -16.79
CA ILE C 254 -9.28 0.44 -16.43
C ILE C 254 -8.45 0.57 -17.69
N GLN C 255 -7.73 1.69 -17.81
CA GLN C 255 -6.79 1.85 -18.90
C GLN C 255 -5.69 0.79 -18.79
N GLY C 256 -5.54 -0.01 -19.84
CA GLY C 256 -4.61 -1.13 -19.81
C GLY C 256 -5.22 -2.44 -19.40
N GLY C 257 -6.34 -2.42 -18.68
CA GLY C 257 -7.12 -3.61 -18.42
C GLY C 257 -6.85 -4.20 -17.05
N THR C 258 -7.79 -5.06 -16.62
CA THR C 258 -7.65 -5.76 -15.35
C THR C 258 -6.30 -6.47 -15.27
N ILE C 259 -5.87 -7.10 -16.36
CA ILE C 259 -4.56 -7.74 -16.36
C ILE C 259 -3.45 -6.71 -16.20
N GLY C 260 -3.67 -5.48 -16.69
CA GLY C 260 -2.68 -4.43 -16.48
C GLY C 260 -2.48 -4.14 -15.00
N LEU C 261 -3.57 -3.95 -14.27
CA LEU C 261 -3.46 -3.69 -12.83
C LEU C 261 -2.91 -4.91 -12.08
N ILE C 262 -3.34 -6.11 -12.48
CA ILE C 262 -2.83 -7.32 -11.85
C ILE C 262 -1.32 -7.40 -12.01
N ASN C 263 -0.83 -7.13 -13.22
CA ASN C 263 0.60 -7.19 -13.47
C ASN C 263 1.34 -6.08 -12.73
N ALA C 264 0.75 -4.89 -12.69
CA ALA C 264 1.34 -3.83 -11.87
C ALA C 264 1.54 -4.31 -10.43
N MET C 265 0.48 -4.82 -9.82
CA MET C 265 0.56 -5.29 -8.44
C MET C 265 1.63 -6.37 -8.28
N LEU C 266 1.58 -7.40 -9.13
CA LEU C 266 2.46 -8.55 -8.95
C LEU C 266 3.92 -8.18 -9.20
N THR C 267 4.19 -7.41 -10.25
CA THR C 267 5.54 -6.92 -10.48
C THR C 267 6.01 -6.06 -9.31
N ASP C 268 5.10 -5.31 -8.69
CA ASP C 268 5.47 -4.55 -7.50
C ASP C 268 5.86 -5.47 -6.35
N SER C 269 5.13 -6.57 -6.18
CA SER C 269 5.34 -7.44 -5.03
C SER C 269 6.74 -8.05 -5.04
N GLY C 270 7.24 -8.42 -6.22
CA GLY C 270 8.45 -9.20 -6.30
C GLY C 270 8.29 -10.65 -5.91
N ALA C 271 7.10 -11.07 -5.52
CA ALA C 271 6.87 -12.45 -5.12
C ALA C 271 7.07 -13.39 -6.29
N GLU C 272 7.40 -14.64 -5.97
CA GLU C 272 7.45 -15.68 -6.99
C GLU C 272 6.04 -16.11 -7.37
N VAL C 273 5.87 -16.46 -8.64
CA VAL C 273 4.56 -16.76 -9.20
C VAL C 273 4.64 -18.05 -10.00
N ARG C 274 3.77 -19.01 -9.69
CA ARG C 274 3.72 -20.30 -10.37
C ARG C 274 2.33 -20.49 -10.96
N MET C 275 2.27 -20.66 -12.28
CA MET C 275 1.02 -20.82 -12.99
C MET C 275 0.84 -22.27 -13.42
N SER C 276 -0.42 -22.68 -13.53
CA SER C 276 -0.76 -24.07 -13.86
C SER C 276 -0.35 -25.02 -12.74
N VAL C 277 -0.50 -24.56 -11.50
CA VAL C 277 -0.11 -25.34 -10.33
C VAL C 277 -1.24 -25.29 -9.30
N PRO C 278 -2.30 -26.08 -9.48
CA PRO C 278 -3.41 -26.04 -8.53
C PRO C 278 -3.03 -26.62 -7.19
N VAL C 279 -3.59 -26.05 -6.13
CA VAL C 279 -3.38 -26.53 -4.76
C VAL C 279 -4.48 -27.52 -4.44
N THR C 280 -4.09 -28.74 -4.05
CA THR C 280 -5.04 -29.79 -3.74
C THR C 280 -5.39 -29.86 -2.26
N ALA C 281 -4.39 -29.67 -1.38
CA ALA C 281 -4.63 -29.80 0.05
C ALA C 281 -3.65 -28.92 0.82
N VAL C 282 -4.06 -28.58 2.04
CA VAL C 282 -3.28 -27.71 2.92
C VAL C 282 -3.20 -28.37 4.29
N GLU C 283 -1.98 -28.73 4.71
CA GLU C 283 -1.73 -29.28 6.03
C GLU C 283 -1.11 -28.22 6.93
N GLN C 284 -1.45 -28.28 8.22
CA GLN C 284 -1.10 -27.24 9.19
C GLN C 284 -0.44 -27.89 10.40
N VAL C 285 0.89 -27.96 10.38
CA VAL C 285 1.67 -28.52 11.48
C VAL C 285 3.05 -27.86 11.48
N ASN C 286 3.73 -27.93 12.63
CA ASN C 286 5.07 -27.38 12.84
C ASN C 286 5.07 -25.89 13.09
N GLY C 287 3.94 -25.30 13.48
CA GLY C 287 3.85 -23.86 13.47
C GLY C 287 3.94 -23.31 12.07
N GLY C 288 3.28 -23.95 11.12
CA GLY C 288 3.32 -23.54 9.74
C GLY C 288 2.26 -24.25 8.94
N VAL C 289 2.47 -24.31 7.63
CA VAL C 289 1.53 -24.96 6.72
C VAL C 289 2.30 -25.63 5.59
N LYS C 290 1.82 -26.81 5.20
CA LYS C 290 2.35 -27.54 4.05
C LYS C 290 1.29 -27.55 2.96
N ILE C 291 1.65 -27.04 1.79
CA ILE C 291 0.75 -26.99 0.63
C ILE C 291 1.13 -28.13 -0.30
N LYS C 292 0.12 -28.90 -0.74
CA LYS C 292 0.30 -29.97 -1.70
C LYS C 292 -0.29 -29.53 -3.02
N THR C 293 0.46 -29.74 -4.11
CA THR C 293 0.00 -29.43 -5.45
C THR C 293 -0.55 -30.69 -6.12
N ASP C 294 -1.34 -30.48 -7.18
CA ASP C 294 -1.91 -31.61 -7.90
C ASP C 294 -0.85 -32.51 -8.52
N ASP C 295 0.42 -32.12 -8.48
CA ASP C 295 1.52 -33.00 -8.80
C ASP C 295 2.09 -33.69 -7.57
N ASP C 296 1.49 -33.47 -6.40
CA ASP C 296 1.82 -34.14 -5.15
C ASP C 296 3.10 -33.61 -4.51
N GLU C 297 3.58 -32.45 -4.91
CA GLU C 297 4.74 -31.87 -4.24
C GLU C 297 4.30 -31.11 -2.99
N ILE C 298 5.25 -30.93 -2.07
CA ILE C 298 5.02 -30.26 -0.81
C ILE C 298 5.83 -28.97 -0.78
N ILE C 299 5.18 -27.87 -0.41
CA ILE C 299 5.83 -26.59 -0.20
C ILE C 299 5.51 -26.11 1.21
N THR C 300 6.54 -25.81 1.99
CA THR C 300 6.36 -25.41 3.38
C THR C 300 6.41 -23.89 3.49
N ALA C 301 5.44 -23.31 4.18
CA ALA C 301 5.41 -21.88 4.41
C ALA C 301 4.95 -21.62 5.84
N GLY C 302 5.15 -20.38 6.30
CA GLY C 302 4.65 -19.99 7.61
C GLY C 302 3.17 -19.70 7.62
N VAL C 303 2.65 -19.17 6.51
CA VAL C 303 1.23 -18.82 6.41
C VAL C 303 0.81 -18.91 4.96
N VAL C 304 -0.46 -19.24 4.74
CA VAL C 304 -1.05 -19.29 3.41
C VAL C 304 -2.31 -18.44 3.43
N VAL C 305 -2.54 -17.72 2.33
CA VAL C 305 -3.75 -16.91 2.13
C VAL C 305 -4.54 -17.57 1.01
N MET C 306 -5.67 -18.18 1.37
CA MET C 306 -6.55 -18.80 0.37
C MET C 306 -7.44 -17.72 -0.23
N THR C 307 -7.26 -17.45 -1.52
CA THR C 307 -8.07 -16.48 -2.23
C THR C 307 -9.01 -17.14 -3.23
N VAL C 308 -9.06 -18.47 -3.27
CA VAL C 308 -9.83 -19.20 -4.27
C VAL C 308 -11.31 -18.90 -4.12
N PRO C 309 -12.09 -18.95 -5.20
CA PRO C 309 -13.53 -18.72 -5.09
C PRO C 309 -14.15 -19.66 -4.07
N LEU C 310 -15.25 -19.21 -3.47
CA LEU C 310 -15.92 -20.03 -2.46
C LEU C 310 -16.34 -21.37 -3.02
N ASN C 311 -17.07 -21.36 -4.15
CA ASN C 311 -17.59 -22.59 -4.73
C ASN C 311 -16.49 -23.57 -5.11
N THR C 312 -15.23 -23.16 -5.12
CA THR C 312 -14.13 -24.05 -5.45
C THR C 312 -13.50 -24.71 -4.23
N TYR C 313 -13.76 -24.20 -3.02
CA TYR C 313 -13.25 -24.83 -1.81
C TYR C 313 -13.67 -26.30 -1.73
N LYS C 314 -14.68 -26.71 -2.48
CA LYS C 314 -15.08 -28.11 -2.51
C LYS C 314 -13.92 -29.03 -2.86
N HIS C 315 -12.93 -28.52 -3.61
CA HIS C 315 -11.91 -29.37 -4.21
C HIS C 315 -10.54 -29.24 -3.56
N ILE C 316 -10.46 -28.75 -2.33
CA ILE C 316 -9.20 -28.68 -1.59
C ILE C 316 -9.43 -29.26 -0.20
N GLY C 317 -8.57 -30.20 0.18
CA GLY C 317 -8.61 -30.76 1.52
C GLY C 317 -7.83 -29.92 2.50
N PHE C 318 -8.26 -29.97 3.76
CA PHE C 318 -7.64 -29.18 4.82
C PHE C 318 -7.38 -30.08 6.02
N THR C 319 -6.19 -29.97 6.58
CA THR C 319 -5.79 -30.76 7.75
C THR C 319 -5.20 -29.81 8.79
N PRO C 320 -5.82 -29.66 9.96
CA PRO C 320 -7.09 -30.31 10.33
C PRO C 320 -8.29 -29.71 9.61
N ALA C 321 -9.50 -30.12 10.02
CA ALA C 321 -10.71 -29.61 9.38
C ALA C 321 -10.90 -28.14 9.69
N LEU C 322 -11.77 -27.50 8.90
CA LEU C 322 -12.02 -26.07 9.03
C LEU C 322 -13.15 -25.83 10.03
N SER C 323 -13.45 -24.54 10.26
CA SER C 323 -14.51 -24.18 11.19
C SER C 323 -15.86 -24.72 10.69
N LYS C 324 -16.74 -25.03 11.65
CA LYS C 324 -18.07 -25.50 11.30
C LYS C 324 -18.78 -24.50 10.39
N GLY C 325 -18.72 -23.21 10.75
CA GLY C 325 -19.31 -22.19 9.89
C GLY C 325 -18.65 -22.13 8.53
N LYS C 326 -17.31 -22.15 8.50
CA LYS C 326 -16.60 -22.12 7.23
C LYS C 326 -16.87 -23.38 6.41
N GLN C 327 -17.00 -24.52 7.08
CA GLN C 327 -17.31 -25.76 6.37
C GLN C 327 -18.70 -25.68 5.74
N ARG C 328 -19.70 -25.23 6.50
CA ARG C 328 -21.04 -25.10 5.94
C ARG C 328 -21.07 -24.03 4.86
N PHE C 329 -20.17 -23.05 4.90
CA PHE C 329 -20.09 -22.06 3.84
C PHE C 329 -19.55 -22.69 2.56
N ILE C 330 -18.44 -23.44 2.67
CA ILE C 330 -17.92 -24.13 1.50
C ILE C 330 -18.95 -25.09 0.94
N LYS C 331 -19.77 -25.70 1.81
CA LYS C 331 -20.78 -26.63 1.35
C LYS C 331 -21.94 -25.91 0.66
N GLU C 332 -22.33 -24.74 1.17
CA GLU C 332 -23.38 -23.96 0.53
C GLU C 332 -22.87 -23.26 -0.72
N GLY C 333 -21.68 -22.66 -0.64
CA GLY C 333 -21.20 -21.83 -1.72
C GLY C 333 -22.11 -20.64 -1.95
N GLN C 334 -21.81 -19.83 -2.95
CA GLN C 334 -22.70 -18.76 -3.37
C GLN C 334 -23.49 -19.19 -4.60
N LEU C 335 -24.53 -18.42 -4.91
CA LEU C 335 -25.55 -18.85 -5.85
C LEU C 335 -25.31 -18.42 -7.30
N SER C 336 -24.38 -17.50 -7.55
CA SER C 336 -24.18 -17.02 -8.91
C SER C 336 -23.86 -18.17 -9.84
N LYS C 337 -24.42 -18.13 -11.05
CA LYS C 337 -24.28 -19.22 -12.01
C LYS C 337 -24.32 -18.67 -13.43
N GLY C 338 -23.74 -17.49 -13.64
CA GLY C 338 -23.84 -16.80 -14.91
C GLY C 338 -22.65 -17.04 -15.81
N ALA C 339 -22.75 -16.48 -17.01
CA ALA C 339 -21.68 -16.54 -18.00
C ALA C 339 -21.76 -15.29 -18.85
N LYS C 340 -20.75 -15.08 -19.69
CA LYS C 340 -20.78 -13.91 -20.56
C LYS C 340 -20.56 -14.31 -22.01
N LEU C 341 -21.20 -13.59 -22.91
CA LEU C 341 -21.33 -14.01 -24.29
C LEU C 341 -21.30 -12.80 -25.22
N TYR C 342 -20.44 -12.86 -26.23
CA TYR C 342 -20.34 -11.79 -27.22
C TYR C 342 -20.86 -12.30 -28.56
N VAL C 343 -21.76 -11.52 -29.16
CA VAL C 343 -22.40 -11.86 -30.43
C VAL C 343 -21.99 -10.81 -31.45
N HIS C 344 -21.73 -11.23 -32.68
CA HIS C 344 -21.38 -10.29 -33.74
C HIS C 344 -22.52 -10.21 -34.74
N VAL C 345 -23.01 -9.04 -34.98
CA VAL C 345 -24.10 -8.83 -35.93
C VAL C 345 -23.58 -8.27 -37.22
N LYS C 346 -24.13 -8.79 -38.29
CA LYS C 346 -24.01 -8.24 -39.62
C LYS C 346 -24.94 -7.05 -39.87
N GLN C 347 -26.02 -6.89 -39.10
CA GLN C 347 -26.94 -5.75 -39.24
C GLN C 347 -26.64 -4.71 -38.16
N ASN C 348 -26.54 -3.44 -38.56
CA ASN C 348 -26.25 -2.39 -37.59
C ASN C 348 -27.49 -2.10 -36.76
N LEU C 349 -27.32 -2.03 -35.43
CA LEU C 349 -28.39 -1.63 -34.53
C LEU C 349 -28.07 -0.38 -33.74
N GLY C 350 -26.84 0.15 -33.85
CA GLY C 350 -26.47 1.27 -33.02
C GLY C 350 -26.45 0.87 -31.55
N ARG C 351 -26.51 1.87 -30.70
CA ARG C 351 -26.57 1.63 -29.26
C ARG C 351 -27.92 1.05 -28.89
N VAL C 352 -27.91 -0.06 -28.15
CA VAL C 352 -29.14 -0.76 -27.75
C VAL C 352 -28.92 -1.37 -26.37
N PHE C 353 -30.00 -1.41 -25.59
CA PHE C 353 -29.97 -2.09 -24.29
C PHE C 353 -31.23 -2.92 -24.12
N ALA C 354 -31.09 -4.03 -23.39
CA ALA C 354 -32.19 -4.95 -23.21
C ALA C 354 -32.11 -5.70 -21.89
N PHE C 355 -33.24 -5.76 -21.20
CA PHE C 355 -33.46 -6.57 -20.01
C PHE C 355 -34.26 -7.81 -20.37
N ALA C 356 -34.07 -8.87 -19.57
CA ALA C 356 -34.85 -10.10 -19.75
C ALA C 356 -34.96 -10.80 -18.40
N ASP C 357 -36.19 -11.16 -18.02
CA ASP C 357 -36.43 -11.77 -16.72
C ASP C 357 -35.67 -13.08 -16.59
N GLU C 358 -35.78 -13.74 -15.43
CA GLU C 358 -34.90 -14.85 -15.08
C GLU C 358 -35.23 -16.15 -15.80
N GLN C 359 -36.33 -16.21 -16.55
CA GLN C 359 -36.70 -17.44 -17.24
C GLN C 359 -36.26 -17.46 -18.70
N GLN C 360 -35.56 -16.42 -19.16
CA GLN C 360 -34.96 -16.38 -20.48
C GLN C 360 -33.46 -16.15 -20.35
N PRO C 361 -32.68 -16.52 -21.36
CA PRO C 361 -31.22 -16.58 -21.19
C PRO C 361 -30.51 -15.24 -21.24
N LEU C 362 -30.81 -14.42 -22.26
CA LEU C 362 -30.11 -13.18 -22.48
C LEU C 362 -30.65 -12.12 -21.51
N ASN C 363 -30.17 -12.21 -20.27
CA ASN C 363 -30.69 -11.35 -19.21
C ASN C 363 -30.22 -9.91 -19.38
N TRP C 364 -28.91 -9.71 -19.53
CA TRP C 364 -28.36 -8.36 -19.69
C TRP C 364 -27.77 -8.25 -21.10
N VAL C 365 -28.34 -7.40 -21.94
CA VAL C 365 -27.85 -7.21 -23.30
C VAL C 365 -27.49 -5.74 -23.48
N GLN C 366 -26.30 -5.47 -24.00
CA GLN C 366 -25.96 -4.09 -24.31
C GLN C 366 -24.99 -4.04 -25.47
N THR C 367 -25.10 -2.96 -26.25
CA THR C 367 -24.24 -2.78 -27.41
C THR C 367 -22.77 -2.65 -27.01
N HIS C 368 -21.89 -3.00 -27.94
CA HIS C 368 -20.46 -3.12 -27.75
C HIS C 368 -19.69 -2.13 -28.61
N ASP C 369 -19.98 -2.08 -29.91
CA ASP C 369 -19.50 -1.04 -30.81
C ASP C 369 -19.92 -1.42 -32.23
N TYR C 370 -20.27 -0.43 -33.06
CA TYR C 370 -20.97 -0.72 -34.30
C TYR C 370 -20.45 0.16 -35.43
N SER C 371 -20.78 -0.26 -36.64
CA SER C 371 -20.36 0.34 -37.89
C SER C 371 -21.22 -0.23 -39.01
N ASP C 372 -21.52 0.61 -40.02
CA ASP C 372 -22.42 0.17 -41.06
C ASP C 372 -21.84 -0.98 -41.89
N GLU C 373 -20.52 -0.99 -42.08
CA GLU C 373 -19.89 -2.13 -42.74
C GLU C 373 -19.71 -3.29 -41.77
N LEU C 374 -19.22 -3.01 -40.57
CA LEU C 374 -19.01 -4.06 -39.58
C LEU C 374 -20.33 -4.69 -39.18
N GLY C 375 -21.27 -3.87 -38.75
CA GLY C 375 -22.48 -4.36 -38.14
C GLY C 375 -22.64 -3.83 -36.73
N THR C 376 -22.37 -4.71 -35.78
CA THR C 376 -22.58 -4.38 -34.37
C THR C 376 -21.95 -5.51 -33.57
N ILE C 377 -21.59 -5.25 -32.32
CA ILE C 377 -21.28 -6.32 -31.38
C ILE C 377 -22.20 -6.14 -30.17
N LEU C 378 -22.68 -7.26 -29.64
CA LEU C 378 -23.58 -7.25 -28.51
C LEU C 378 -22.95 -8.07 -27.39
N SER C 379 -22.70 -7.43 -26.26
CA SER C 379 -22.16 -8.12 -25.09
C SER C 379 -23.32 -8.44 -24.15
N ILE C 380 -23.35 -9.68 -23.67
CA ILE C 380 -24.50 -10.25 -23.00
C ILE C 380 -24.01 -10.94 -21.74
N THR C 381 -24.76 -10.76 -20.66
CA THR C 381 -24.54 -11.46 -19.41
C THR C 381 -25.74 -12.37 -19.15
N ILE C 382 -25.45 -13.66 -19.00
CA ILE C 382 -26.44 -14.70 -18.72
C ILE C 382 -26.45 -14.92 -17.21
N ALA C 383 -27.61 -14.68 -16.59
CA ALA C 383 -27.73 -14.88 -15.14
C ALA C 383 -27.45 -16.33 -14.77
N ARG C 384 -28.03 -17.27 -15.51
CA ARG C 384 -27.87 -18.69 -15.24
C ARG C 384 -27.45 -19.41 -16.50
N LYS C 385 -26.35 -20.16 -16.42
CA LYS C 385 -25.82 -20.86 -17.58
C LYS C 385 -26.77 -21.94 -18.08
N GLU C 386 -27.48 -22.61 -17.17
CA GLU C 386 -28.42 -23.67 -17.56
C GLU C 386 -29.54 -23.17 -18.44
N THR C 387 -29.71 -21.85 -18.58
CA THR C 387 -30.76 -21.29 -19.41
C THR C 387 -30.41 -21.27 -20.89
N ILE C 388 -29.16 -21.54 -21.25
CA ILE C 388 -28.72 -21.42 -22.64
C ILE C 388 -27.40 -22.13 -22.79
N ASP C 389 -27.24 -22.84 -23.91
CA ASP C 389 -25.97 -23.45 -24.28
C ASP C 389 -25.23 -22.45 -25.15
N VAL C 390 -24.42 -21.61 -24.51
CA VAL C 390 -23.73 -20.52 -25.21
C VAL C 390 -22.80 -21.04 -26.28
N ASN C 391 -22.40 -22.31 -26.23
CA ASN C 391 -21.45 -22.87 -27.17
C ASN C 391 -22.12 -23.62 -28.33
N ASP C 392 -23.43 -23.46 -28.50
CA ASP C 392 -24.15 -23.98 -29.66
C ASP C 392 -24.70 -22.77 -30.41
N ARG C 393 -23.98 -22.35 -31.45
CA ARG C 393 -24.27 -21.06 -32.07
C ARG C 393 -25.69 -20.97 -32.59
N ASP C 394 -26.31 -22.10 -32.95
CA ASP C 394 -27.67 -22.06 -33.48
C ASP C 394 -28.66 -21.64 -32.40
N ALA C 395 -28.58 -22.26 -31.21
CA ALA C 395 -29.44 -21.86 -30.11
C ALA C 395 -29.19 -20.41 -29.71
N VAL C 396 -27.92 -20.00 -29.73
CA VAL C 396 -27.59 -18.61 -29.39
C VAL C 396 -28.23 -17.66 -30.39
N THR C 397 -28.18 -17.99 -31.68
CA THR C 397 -28.80 -17.14 -32.69
C THR C 397 -30.31 -17.07 -32.49
N ARG C 398 -30.95 -18.23 -32.33
CA ARG C 398 -32.38 -18.27 -32.06
C ARG C 398 -32.75 -17.35 -30.91
N GLU C 399 -32.11 -17.55 -29.75
CA GLU C 399 -32.38 -16.69 -28.61
C GLU C 399 -32.02 -15.23 -28.90
N VAL C 400 -31.02 -15.00 -29.75
CA VAL C 400 -30.52 -13.65 -29.97
C VAL C 400 -31.58 -12.81 -30.67
N GLN C 401 -32.02 -13.26 -31.84
CA GLN C 401 -33.02 -12.48 -32.57
C GLN C 401 -34.45 -12.90 -32.24
N LYS C 402 -34.64 -13.79 -31.26
CA LYS C 402 -35.91 -13.80 -30.54
C LYS C 402 -36.18 -12.44 -29.89
N MET C 403 -35.15 -11.59 -29.82
CA MET C 403 -35.24 -10.22 -29.37
C MET C 403 -34.95 -9.21 -30.48
N PHE C 404 -34.14 -9.59 -31.47
CA PHE C 404 -33.82 -8.75 -32.61
C PHE C 404 -34.22 -9.49 -33.89
N PRO C 405 -35.52 -9.70 -34.10
CA PRO C 405 -35.97 -10.59 -35.19
C PRO C 405 -35.32 -10.25 -36.52
N GLY C 406 -34.71 -11.25 -37.14
CA GLY C 406 -34.11 -11.09 -38.45
C GLY C 406 -32.76 -10.41 -38.43
N VAL C 407 -31.78 -11.03 -37.78
CA VAL C 407 -30.41 -10.55 -37.78
C VAL C 407 -29.48 -11.73 -37.99
N GLU C 408 -28.41 -11.51 -38.76
CA GLU C 408 -27.44 -12.55 -39.06
C GLU C 408 -26.28 -12.44 -38.09
N VAL C 409 -26.03 -13.52 -37.34
CA VAL C 409 -24.96 -13.58 -36.35
C VAL C 409 -23.74 -14.21 -37.01
N LEU C 410 -22.65 -13.44 -37.10
CA LEU C 410 -21.46 -13.94 -37.78
C LEU C 410 -20.59 -14.77 -36.85
N GLY C 411 -20.34 -14.28 -35.64
CA GLY C 411 -19.49 -14.98 -34.70
C GLY C 411 -19.92 -14.76 -33.27
N THR C 412 -19.64 -15.74 -32.43
CA THR C 412 -19.91 -15.66 -31.00
C THR C 412 -18.70 -16.13 -30.22
N ALA C 413 -18.57 -15.61 -29.00
CA ALA C 413 -17.48 -16.00 -28.10
C ALA C 413 -17.98 -15.89 -26.67
N ALA C 414 -17.97 -17.02 -25.95
CA ALA C 414 -18.55 -17.06 -24.62
C ALA C 414 -17.54 -17.58 -23.61
N TYR C 415 -17.80 -17.25 -22.34
CA TYR C 415 -17.11 -17.83 -21.20
C TYR C 415 -18.16 -18.31 -20.22
N ASP C 416 -18.13 -19.61 -19.92
CA ASP C 416 -19.04 -20.27 -18.98
C ASP C 416 -18.31 -20.38 -17.66
N TRP C 417 -18.42 -19.33 -16.84
CA TRP C 417 -17.73 -19.32 -15.56
C TRP C 417 -18.21 -20.44 -14.64
N THR C 418 -19.46 -20.87 -14.79
CA THR C 418 -19.97 -21.98 -13.99
C THR C 418 -19.35 -23.31 -14.38
N ALA C 419 -18.82 -23.43 -15.59
CA ALA C 419 -18.17 -24.65 -16.03
C ALA C 419 -16.68 -24.68 -15.71
N ASP C 420 -16.06 -23.53 -15.50
CA ASP C 420 -14.63 -23.49 -15.19
C ASP C 420 -14.38 -24.17 -13.84
N PRO C 421 -13.45 -25.11 -13.76
CA PRO C 421 -13.22 -25.81 -12.49
C PRO C 421 -12.70 -24.91 -11.38
N PHE C 422 -12.13 -23.76 -11.70
CA PHE C 422 -11.51 -22.90 -10.71
C PHE C 422 -12.30 -21.63 -10.43
N SER C 423 -13.55 -21.58 -10.85
CA SER C 423 -14.50 -20.56 -10.42
C SER C 423 -15.84 -21.17 -10.03
N LEU C 424 -16.33 -22.16 -10.78
CA LEU C 424 -17.56 -22.87 -10.46
C LEU C 424 -18.66 -21.91 -10.06
N GLY C 425 -18.88 -20.91 -10.91
CA GLY C 425 -19.79 -19.82 -10.61
C GLY C 425 -19.22 -18.51 -11.12
N ALA C 426 -19.94 -17.41 -10.92
CA ALA C 426 -19.55 -16.09 -11.40
C ALA C 426 -19.29 -15.19 -10.22
N TRP C 427 -19.79 -13.96 -10.21
CA TRP C 427 -19.55 -13.02 -9.13
C TRP C 427 -20.24 -13.49 -7.85
N ALA C 428 -19.65 -13.13 -6.71
CA ALA C 428 -20.22 -13.51 -5.42
C ALA C 428 -21.63 -12.96 -5.28
N ALA C 429 -22.59 -13.86 -5.06
CA ALA C 429 -23.96 -13.51 -4.75
C ALA C 429 -24.40 -14.27 -3.51
N TYR C 430 -25.11 -13.59 -2.62
CA TYR C 430 -25.43 -14.13 -1.31
C TYR C 430 -26.83 -14.71 -1.26
N GLY C 431 -26.96 -15.87 -0.64
CA GLY C 431 -28.26 -16.45 -0.35
C GLY C 431 -28.87 -15.85 0.89
N VAL C 432 -30.10 -16.30 1.19
CA VAL C 432 -30.83 -15.75 2.32
C VAL C 432 -30.11 -16.10 3.63
N GLY C 433 -29.98 -15.11 4.51
CA GLY C 433 -29.36 -15.34 5.79
C GLY C 433 -27.89 -15.70 5.71
N GLN C 434 -27.24 -15.42 4.59
CA GLN C 434 -25.83 -15.71 4.43
C GLN C 434 -24.95 -14.54 4.83
N LEU C 435 -25.33 -13.33 4.42
CA LEU C 435 -24.54 -12.15 4.77
C LEU C 435 -24.38 -12.01 6.27
N SER C 436 -25.49 -12.18 7.02
CA SER C 436 -25.48 -12.02 8.46
C SER C 436 -24.61 -13.07 9.15
N ARG C 437 -23.97 -13.94 8.34
CA ARG C 437 -23.09 -14.98 8.88
C ARG C 437 -21.74 -14.96 8.18
N LEU C 438 -21.34 -13.81 7.62
CA LEU C 438 -20.14 -13.76 6.78
C LEU C 438 -18.87 -13.97 7.60
N LYS C 439 -18.89 -13.65 8.89
CA LYS C 439 -17.65 -13.50 9.64
C LYS C 439 -16.85 -14.80 9.73
N ASP C 440 -17.52 -15.94 9.97
CA ASP C 440 -16.76 -17.19 10.08
C ASP C 440 -16.13 -17.60 8.75
N LEU C 441 -16.49 -16.96 7.64
CA LEU C 441 -15.77 -17.15 6.40
C LEU C 441 -14.58 -16.21 6.27
N GLN C 442 -14.66 -15.03 6.89
CA GLN C 442 -13.48 -14.18 7.00
C GLN C 442 -12.54 -14.66 8.09
N ALA C 443 -13.11 -15.19 9.18
CA ALA C 443 -12.31 -15.60 10.33
C ALA C 443 -11.18 -16.52 9.92
N ALA C 444 -9.95 -16.09 10.19
CA ALA C 444 -8.81 -16.96 10.00
C ALA C 444 -8.94 -18.21 10.86
N GLU C 445 -8.24 -19.26 10.47
CA GLU C 445 -8.26 -20.53 11.21
C GLU C 445 -6.82 -21.03 11.26
N GLY C 446 -6.15 -20.76 12.37
CA GLY C 446 -4.73 -21.08 12.45
C GLY C 446 -3.93 -20.17 11.53
N ARG C 447 -2.92 -20.75 10.88
CA ARG C 447 -2.10 -20.02 9.93
C ARG C 447 -2.70 -20.01 8.53
N ILE C 448 -4.01 -20.18 8.41
CA ILE C 448 -4.71 -20.12 7.13
C ILE C 448 -5.57 -18.87 7.13
N LEU C 449 -5.31 -17.98 6.17
CA LEU C 449 -6.08 -16.75 6.01
C LEU C 449 -6.93 -16.86 4.75
N PHE C 450 -8.07 -16.18 4.76
CA PHE C 450 -9.09 -16.36 3.73
C PHE C 450 -9.49 -15.00 3.16
N ALA C 451 -9.08 -14.74 1.93
CA ALA C 451 -9.49 -13.57 1.17
C ALA C 451 -10.26 -14.01 -0.06
N GLY C 452 -10.89 -13.05 -0.72
CA GLY C 452 -11.70 -13.29 -1.90
C GLY C 452 -12.89 -12.35 -1.88
N ALA C 453 -13.39 -12.05 -3.07
CA ALA C 453 -14.53 -11.13 -3.18
C ALA C 453 -15.68 -11.56 -2.29
N GLU C 454 -15.85 -12.86 -2.07
CA GLU C 454 -16.90 -13.35 -1.19
C GLU C 454 -16.61 -13.02 0.27
N THR C 455 -15.34 -13.04 0.66
CA THR C 455 -14.95 -12.68 2.03
C THR C 455 -14.96 -11.19 2.28
N SER C 456 -15.42 -10.39 1.31
CA SER C 456 -15.36 -8.94 1.43
C SER C 456 -16.47 -8.43 2.36
N ASN C 457 -16.33 -7.18 2.76
CA ASN C 457 -17.31 -6.48 3.58
C ASN C 457 -18.10 -5.43 2.82
N GLY C 458 -17.47 -4.72 1.89
CA GLY C 458 -18.14 -3.67 1.16
C GLY C 458 -18.62 -4.10 -0.21
N TRP C 459 -17.97 -3.60 -1.27
CA TRP C 459 -18.31 -4.00 -2.63
C TRP C 459 -17.92 -5.45 -2.87
N HIS C 460 -18.68 -6.38 -2.28
CA HIS C 460 -18.33 -7.79 -2.36
C HIS C 460 -18.48 -8.33 -3.78
N ALA C 461 -19.43 -7.83 -4.54
CA ALA C 461 -19.78 -8.38 -5.84
C ALA C 461 -18.97 -7.77 -6.98
N VAL C 462 -17.79 -7.20 -6.70
CA VAL C 462 -16.95 -6.63 -7.74
C VAL C 462 -15.48 -6.84 -7.37
N ILE C 463 -14.58 -6.20 -8.12
CA ILE C 463 -13.14 -6.35 -7.86
C ILE C 463 -12.73 -5.62 -6.59
N ASP C 464 -13.39 -4.49 -6.31
CA ASP C 464 -13.08 -3.71 -5.12
C ASP C 464 -13.11 -4.58 -3.86
N GLY C 465 -14.14 -5.41 -3.74
CA GLY C 465 -14.21 -6.31 -2.61
C GLY C 465 -13.03 -7.26 -2.56
N ALA C 466 -12.60 -7.75 -3.73
CA ALA C 466 -11.47 -8.67 -3.79
C ALA C 466 -10.20 -8.02 -3.22
N VAL C 467 -9.88 -6.82 -3.69
CA VAL C 467 -8.62 -6.23 -3.21
C VAL C 467 -8.76 -5.66 -1.80
N GLU C 468 -9.98 -5.33 -1.35
CA GLU C 468 -10.17 -5.05 0.07
C GLU C 468 -9.85 -6.27 0.91
N SER C 469 -10.36 -7.44 0.49
CA SER C 469 -9.98 -8.69 1.13
C SER C 469 -8.48 -8.87 1.13
N GLY C 470 -7.82 -8.52 0.02
CA GLY C 470 -6.37 -8.68 -0.05
C GLY C 470 -5.64 -7.80 0.96
N LEU C 471 -6.08 -6.55 1.10
CA LEU C 471 -5.45 -5.67 2.09
C LEU C 471 -5.66 -6.21 3.50
N ARG C 472 -6.86 -6.69 3.81
CA ARG C 472 -7.08 -7.29 5.12
C ARG C 472 -6.17 -8.49 5.32
N ALA C 473 -5.98 -9.30 4.27
CA ALA C 473 -5.12 -10.47 4.38
C ALA C 473 -3.67 -10.08 4.65
N GLY C 474 -3.19 -9.05 3.95
CA GLY C 474 -1.85 -8.55 4.24
C GLY C 474 -1.71 -8.07 5.68
N ARG C 475 -2.73 -7.38 6.19
CA ARG C 475 -2.72 -6.98 7.59
C ARG C 475 -2.58 -8.19 8.50
N GLU C 476 -3.45 -9.19 8.30
CA GLU C 476 -3.40 -10.38 9.15
C GLU C 476 -2.05 -11.09 9.05
N VAL C 477 -1.46 -11.11 7.85
CA VAL C 477 -0.17 -11.77 7.68
C VAL C 477 0.90 -11.06 8.49
N LYS C 478 0.97 -9.73 8.36
CA LYS C 478 1.93 -8.99 9.17
C LYS C 478 1.67 -9.22 10.66
N GLN C 479 0.40 -9.33 11.05
CA GLN C 479 0.07 -9.69 12.43
C GLN C 479 0.72 -11.01 12.80
N LEU C 480 0.70 -11.99 11.90
CA LEU C 480 1.21 -13.31 12.21
C LEU C 480 2.74 -13.40 12.18
N LEU C 481 3.40 -12.49 11.47
CA LEU C 481 4.84 -12.62 11.26
C LEU C 481 5.65 -11.51 11.92
N SER C 482 5.32 -11.18 13.16
CA SER C 482 6.09 -10.22 13.95
C SER C 482 5.33 -9.81 15.21
N PHE D 52 12.43 -38.35 -11.20
CA PHE D 52 12.87 -36.95 -11.28
C PHE D 52 11.68 -36.00 -11.21
N ASP D 53 11.96 -34.73 -10.93
CA ASP D 53 10.89 -33.77 -10.70
C ASP D 53 10.07 -33.54 -11.97
N TYR D 54 10.74 -33.28 -13.09
CA TYR D 54 10.06 -33.04 -14.37
C TYR D 54 10.81 -33.77 -15.47
N ASP D 55 10.14 -33.90 -16.62
CA ASP D 55 10.80 -34.47 -17.79
C ASP D 55 11.75 -33.45 -18.42
N VAL D 56 11.29 -32.21 -18.58
CA VAL D 56 12.07 -31.18 -19.26
C VAL D 56 11.94 -29.87 -18.49
N VAL D 57 13.07 -29.18 -18.34
CA VAL D 57 13.10 -27.82 -17.81
C VAL D 57 13.55 -26.89 -18.93
N VAL D 58 12.86 -25.76 -19.07
CA VAL D 58 13.19 -24.75 -20.06
C VAL D 58 13.51 -23.45 -19.33
N VAL D 59 14.72 -22.95 -19.53
CA VAL D 59 15.21 -21.77 -18.83
C VAL D 59 15.01 -20.57 -19.74
N GLY D 60 13.99 -19.76 -19.44
CA GLY D 60 13.77 -18.54 -20.19
C GLY D 60 12.40 -18.43 -20.82
N GLY D 61 11.64 -17.41 -20.41
CA GLY D 61 10.31 -17.18 -20.94
C GLY D 61 10.30 -16.30 -22.18
N GLY D 62 11.43 -16.25 -22.89
CA GLY D 62 11.48 -15.58 -24.17
C GLY D 62 10.70 -16.37 -25.20
N PHE D 63 10.87 -15.95 -26.47
CA PHE D 63 10.16 -16.65 -27.54
C PHE D 63 10.77 -18.01 -27.81
N ALA D 64 12.09 -18.12 -27.79
CA ALA D 64 12.72 -19.44 -27.89
C ALA D 64 12.25 -20.37 -26.77
N GLY D 65 12.25 -19.85 -25.54
CA GLY D 65 11.84 -20.68 -24.41
C GLY D 65 10.38 -21.10 -24.51
N ALA D 66 9.50 -20.15 -24.83
CA ALA D 66 8.09 -20.49 -24.95
C ALA D 66 7.84 -21.47 -26.09
N THR D 67 8.55 -21.31 -27.20
CA THR D 67 8.41 -22.24 -28.32
C THR D 67 8.83 -23.65 -27.91
N ALA D 68 9.99 -23.78 -27.27
CA ALA D 68 10.45 -25.09 -26.83
C ALA D 68 9.48 -25.70 -25.81
N ALA D 69 8.95 -24.86 -24.92
CA ALA D 69 7.99 -25.35 -23.94
C ALA D 69 6.73 -25.87 -24.62
N ARG D 70 6.21 -25.15 -25.60
CA ARG D 70 5.06 -25.64 -26.36
C ARG D 70 5.38 -26.96 -27.02
N GLU D 71 6.54 -27.04 -27.68
CA GLU D 71 6.95 -28.27 -28.36
C GLU D 71 6.89 -29.46 -27.40
N CYS D 72 7.59 -29.35 -26.27
CA CYS D 72 7.68 -30.46 -25.32
C CYS D 72 6.33 -30.78 -24.70
N GLY D 73 5.59 -29.74 -24.28
CA GLY D 73 4.29 -29.96 -23.68
C GLY D 73 3.35 -30.71 -24.59
N LEU D 74 3.29 -30.32 -25.87
CA LEU D 74 2.44 -31.05 -26.80
C LEU D 74 2.92 -32.48 -27.02
N GLN D 75 4.20 -32.75 -26.77
CA GLN D 75 4.75 -34.09 -26.88
C GLN D 75 4.47 -34.95 -25.65
N GLY D 76 3.63 -34.47 -24.72
CA GLY D 76 3.27 -35.22 -23.55
C GLY D 76 4.25 -35.16 -22.40
N TYR D 77 5.42 -34.55 -22.57
CA TYR D 77 6.39 -34.46 -21.50
C TYR D 77 5.89 -33.54 -20.38
N ARG D 78 6.17 -33.92 -19.14
CA ARG D 78 5.92 -33.04 -18.01
C ARG D 78 6.94 -31.91 -18.03
N THR D 79 6.51 -30.73 -18.44
CA THR D 79 7.40 -29.61 -18.75
C THR D 79 7.28 -28.52 -17.69
N LEU D 80 8.41 -27.90 -17.36
CA LEU D 80 8.40 -26.73 -16.48
C LEU D 80 9.32 -25.66 -17.05
N LEU D 81 8.83 -24.42 -17.06
CA LEU D 81 9.58 -23.28 -17.55
C LEU D 81 9.90 -22.34 -16.39
N LEU D 82 11.18 -21.95 -16.28
CA LEU D 82 11.63 -21.05 -15.23
C LEU D 82 11.99 -19.70 -15.84
N GLU D 83 11.47 -18.62 -15.26
CA GLU D 83 11.69 -17.27 -15.76
C GLU D 83 12.28 -16.40 -14.66
N ALA D 84 13.41 -15.77 -14.95
CA ALA D 84 14.05 -14.89 -13.96
C ALA D 84 13.17 -13.69 -13.66
N ARG D 85 12.84 -12.90 -14.68
CA ARG D 85 12.07 -11.69 -14.49
C ARG D 85 10.70 -11.99 -13.90
N SER D 86 9.99 -10.92 -13.55
CA SER D 86 8.62 -11.00 -13.10
C SER D 86 7.63 -11.10 -14.25
N ARG D 87 8.12 -11.05 -15.49
CA ARG D 87 7.28 -11.06 -16.68
C ARG D 87 7.83 -12.07 -17.67
N LEU D 88 6.98 -12.44 -18.63
CA LEU D 88 7.41 -13.23 -19.77
C LEU D 88 7.68 -12.31 -20.96
N GLY D 89 8.23 -12.88 -22.02
CA GLY D 89 8.56 -12.14 -23.23
C GLY D 89 10.03 -11.80 -23.37
N GLY D 90 10.77 -11.74 -22.27
CA GLY D 90 12.21 -11.50 -22.35
C GLY D 90 12.52 -10.21 -23.09
N ARG D 91 13.18 -10.35 -24.25
CA ARG D 91 13.57 -9.19 -25.04
C ARG D 91 12.42 -8.60 -25.84
N THR D 92 11.19 -9.09 -25.64
CA THR D 92 9.98 -8.43 -26.08
C THR D 92 9.19 -8.02 -24.84
N PHE D 93 8.62 -6.82 -24.89
CA PHE D 93 7.88 -6.30 -23.73
C PHE D 93 6.83 -5.31 -24.24
N THR D 94 5.57 -5.74 -24.22
CA THR D 94 4.45 -4.85 -24.50
C THR D 94 4.03 -4.15 -23.21
N SER D 95 3.94 -2.84 -23.26
CA SER D 95 3.43 -2.06 -22.12
C SER D 95 2.73 -0.82 -22.67
N ARG D 96 2.60 0.21 -21.84
CA ARG D 96 1.83 1.40 -22.22
C ARG D 96 2.62 2.66 -21.93
N PHE D 97 2.58 3.59 -22.88
CA PHE D 97 3.11 4.93 -22.70
C PHE D 97 2.10 5.93 -23.25
N ALA D 98 2.02 7.08 -22.58
CA ALA D 98 1.14 8.17 -22.99
C ALA D 98 -0.22 7.65 -23.44
N GLY D 99 -0.76 6.66 -22.75
CA GLY D 99 -2.11 6.21 -22.95
C GLY D 99 -2.31 5.05 -23.90
N GLN D 100 -1.29 4.63 -24.64
CA GLN D 100 -1.49 3.58 -25.64
C GLN D 100 -0.33 2.60 -25.62
N GLU D 101 -0.51 1.51 -26.35
CA GLU D 101 0.41 0.39 -26.33
C GLU D 101 1.72 0.73 -27.05
N ILE D 102 2.81 0.18 -26.53
CA ILE D 102 4.15 0.37 -27.04
C ILE D 102 4.96 -0.90 -26.76
N GLU D 103 6.10 -1.02 -27.43
CA GLU D 103 6.96 -2.19 -27.34
C GLU D 103 8.37 -1.73 -26.98
N PHE D 104 8.85 -2.12 -25.80
CA PHE D 104 10.21 -1.79 -25.39
C PHE D 104 11.25 -2.72 -25.99
N GLY D 105 10.83 -3.79 -26.67
CA GLY D 105 11.75 -4.68 -27.32
C GLY D 105 11.28 -5.08 -28.71
N GLY D 106 11.49 -6.36 -29.07
CA GLY D 106 11.03 -6.85 -30.35
C GLY D 106 9.54 -6.69 -30.56
N ALA D 107 9.14 -6.19 -31.73
CA ALA D 107 7.73 -5.95 -31.98
C ALA D 107 7.27 -6.27 -33.40
N TRP D 108 8.11 -6.12 -34.41
CA TRP D 108 7.68 -6.19 -35.81
C TRP D 108 8.11 -7.50 -36.44
N VAL D 109 7.18 -8.13 -37.15
CA VAL D 109 7.39 -9.41 -37.81
C VAL D 109 6.95 -9.28 -39.27
N HIS D 110 7.14 -10.35 -40.03
CA HIS D 110 6.81 -10.36 -41.45
C HIS D 110 6.57 -11.79 -41.90
N TRP D 111 5.75 -11.94 -42.94
CA TRP D 111 5.45 -13.28 -43.44
C TRP D 111 6.67 -13.93 -44.08
N LEU D 112 7.65 -13.15 -44.54
CA LEU D 112 8.89 -13.71 -45.03
C LEU D 112 9.77 -14.25 -43.91
N GLN D 113 9.29 -14.20 -42.65
CA GLN D 113 9.96 -14.83 -41.53
C GLN D 113 9.24 -16.13 -41.22
N PRO D 114 9.72 -17.29 -41.69
CA PRO D 114 8.85 -18.46 -41.79
C PRO D 114 8.41 -19.03 -40.47
N HIS D 115 9.27 -19.01 -39.45
CA HIS D 115 8.94 -19.68 -38.19
C HIS D 115 7.89 -18.89 -37.41
N VAL D 116 8.13 -17.59 -37.20
CA VAL D 116 7.16 -16.79 -36.47
C VAL D 116 5.87 -16.63 -37.26
N TRP D 117 5.95 -16.58 -38.59
CA TRP D 117 4.72 -16.44 -39.37
C TRP D 117 3.93 -17.75 -39.38
N ALA D 118 4.60 -18.89 -39.47
CA ALA D 118 3.92 -20.17 -39.32
C ALA D 118 3.31 -20.31 -37.93
N GLU D 119 3.95 -19.71 -36.92
CA GLU D 119 3.37 -19.72 -35.57
C GLU D 119 2.18 -18.79 -35.47
N MET D 120 2.19 -17.70 -36.25
CA MET D 120 1.01 -16.84 -36.31
C MET D 120 -0.15 -17.54 -37.00
N GLN D 121 0.13 -18.30 -38.06
CA GLN D 121 -0.91 -19.12 -38.68
C GLN D 121 -1.44 -20.15 -37.69
N ARG D 122 -0.55 -20.74 -36.88
CA ARG D 122 -0.97 -21.71 -35.88
C ARG D 122 -1.22 -21.08 -34.51
N TYR D 123 -1.60 -19.81 -34.46
CA TYR D 123 -2.22 -19.27 -33.24
C TYR D 123 -3.21 -18.17 -33.58
N GLY D 124 -3.59 -18.06 -34.85
CA GLY D 124 -4.74 -17.30 -35.26
C GLY D 124 -4.61 -15.80 -35.20
N LEU D 125 -3.39 -15.28 -35.28
CA LEU D 125 -3.14 -13.85 -35.10
C LEU D 125 -2.80 -13.20 -36.44
N GLY D 126 -3.53 -12.13 -36.77
CA GLY D 126 -3.22 -11.31 -37.91
C GLY D 126 -2.17 -10.28 -37.57
N VAL D 127 -2.01 -9.33 -38.50
CA VAL D 127 -0.99 -8.30 -38.36
C VAL D 127 -1.65 -6.95 -38.09
N VAL D 128 -0.86 -6.04 -37.54
CA VAL D 128 -1.26 -4.67 -37.26
C VAL D 128 -0.27 -3.76 -37.97
N GLU D 129 -0.75 -2.95 -38.90
CA GLU D 129 0.11 -2.13 -39.75
C GLU D 129 0.31 -0.76 -39.12
N ASP D 130 1.56 -0.42 -38.85
CA ASP D 130 1.77 0.97 -38.48
C ASP D 130 2.12 1.80 -39.72
N PRO D 131 1.55 3.00 -39.85
CA PRO D 131 1.80 3.79 -41.05
C PRO D 131 3.28 4.08 -41.25
N LEU D 132 3.83 3.54 -42.33
CA LEU D 132 5.19 3.85 -42.76
C LEU D 132 5.21 4.26 -44.22
N THR D 133 4.08 4.81 -44.69
CA THR D 133 3.90 5.22 -46.07
C THR D 133 3.94 6.73 -46.18
N ASN D 134 4.51 7.23 -47.28
CA ASN D 134 4.46 8.64 -47.63
C ASN D 134 4.69 9.60 -46.47
N LEU D 135 5.47 9.22 -45.46
CA LEU D 135 5.52 10.09 -44.30
C LEU D 135 6.43 11.29 -44.55
N ASP D 136 6.16 12.37 -43.81
CA ASP D 136 6.31 13.73 -44.29
C ASP D 136 7.59 14.43 -43.82
N LYS D 137 8.65 13.69 -43.54
CA LYS D 137 9.90 14.34 -43.14
C LYS D 137 11.03 13.33 -43.16
N THR D 138 12.25 13.82 -42.88
CA THR D 138 13.48 13.06 -42.99
C THR D 138 14.63 13.87 -42.41
N LEU D 139 15.62 13.18 -41.83
CA LEU D 139 16.83 13.82 -41.35
C LEU D 139 17.93 12.78 -41.22
N ILE D 140 19.17 13.27 -41.23
CA ILE D 140 20.35 12.46 -41.01
C ILE D 140 21.37 13.32 -40.28
N MET D 141 21.89 12.83 -39.15
CA MET D 141 22.98 13.52 -38.47
C MET D 141 24.25 12.70 -38.53
N TYR D 142 25.38 13.41 -38.58
CA TYR D 142 26.69 12.82 -38.79
C TYR D 142 27.42 12.68 -37.46
N ASN D 143 28.56 11.98 -37.51
CA ASN D 143 29.43 11.88 -36.34
C ASN D 143 29.76 13.25 -35.78
N ASP D 144 29.89 14.25 -36.65
CA ASP D 144 30.19 15.62 -36.23
C ASP D 144 28.98 16.37 -35.70
N GLY D 145 27.82 15.73 -35.62
CA GLY D 145 26.63 16.35 -35.07
C GLY D 145 25.82 17.17 -36.04
N SER D 146 26.37 17.51 -37.21
CA SER D 146 25.63 18.32 -38.16
C SER D 146 24.40 17.56 -38.66
N VAL D 147 23.25 18.23 -38.63
CA VAL D 147 21.98 17.63 -39.02
C VAL D 147 21.62 18.09 -40.42
N GLU D 148 21.25 17.16 -41.28
CA GLU D 148 20.90 17.48 -42.66
C GLU D 148 19.49 17.01 -42.99
N SER D 149 18.60 17.96 -43.31
CA SER D 149 17.20 17.65 -43.63
C SER D 149 17.06 17.54 -45.15
N ILE D 150 17.32 16.37 -45.68
CA ILE D 150 17.13 16.14 -47.10
C ILE D 150 15.72 15.60 -47.35
N SER D 151 15.24 15.85 -48.57
CA SER D 151 13.88 15.55 -48.93
C SER D 151 13.64 14.04 -48.85
N PRO D 152 12.42 13.63 -48.55
CA PRO D 152 12.16 12.22 -48.21
C PRO D 152 12.53 11.22 -49.31
N ASP D 153 11.84 11.27 -50.45
CA ASP D 153 12.05 10.24 -51.47
C ASP D 153 13.51 10.22 -51.93
N GLU D 154 14.13 11.39 -52.08
CA GLU D 154 15.56 11.47 -52.31
C GLU D 154 16.31 10.62 -51.28
N PHE D 155 16.04 10.90 -50.01
CA PHE D 155 16.54 10.13 -48.87
C PHE D 155 16.44 8.63 -49.10
N GLY D 156 15.22 8.13 -49.31
CA GLY D 156 15.01 6.70 -49.46
C GLY D 156 15.79 6.11 -50.62
N LYS D 157 15.87 6.82 -51.73
CA LYS D 157 16.64 6.29 -52.86
C LYS D 157 18.12 6.19 -52.53
N ASN D 158 18.67 7.20 -51.86
CA ASN D 158 20.09 7.14 -51.50
C ASN D 158 20.37 6.02 -50.50
N ILE D 159 19.49 5.86 -49.51
CA ILE D 159 19.65 4.76 -48.56
C ILE D 159 19.60 3.42 -49.27
N ARG D 160 18.69 3.27 -50.24
CA ARG D 160 18.62 2.02 -50.97
C ARG D 160 19.89 1.77 -51.75
N ILE D 161 20.44 2.80 -52.42
CA ILE D 161 21.69 2.60 -53.16
C ILE D 161 22.78 2.11 -52.21
N ALA D 162 22.94 2.80 -51.08
CA ALA D 162 23.95 2.39 -50.11
C ALA D 162 23.77 0.92 -49.72
N PHE D 163 22.56 0.55 -49.33
CA PHE D 163 22.32 -0.81 -48.85
C PHE D 163 22.57 -1.83 -49.94
N GLU D 164 22.04 -1.58 -51.15
CA GLU D 164 22.15 -2.56 -52.22
C GLU D 164 23.60 -2.80 -52.62
N LYS D 165 24.41 -1.74 -52.65
CA LYS D 165 25.83 -1.96 -52.95
C LYS D 165 26.55 -2.59 -51.77
N LEU D 166 26.07 -2.37 -50.55
CA LEU D 166 26.66 -3.05 -49.40
C LEU D 166 26.51 -4.56 -49.52
N CYS D 167 25.33 -5.02 -49.95
CA CYS D 167 25.05 -6.45 -50.14
C CYS D 167 25.07 -6.83 -51.62
N HIS D 168 26.03 -6.31 -52.38
CA HIS D 168 26.09 -6.62 -53.80
C HIS D 168 26.27 -8.11 -54.06
N ASP D 169 27.00 -8.80 -53.18
CA ASP D 169 27.34 -10.21 -53.37
C ASP D 169 26.56 -11.13 -52.44
N ALA D 170 25.49 -10.64 -51.81
CA ALA D 170 24.71 -11.49 -50.94
C ALA D 170 24.12 -12.67 -51.69
N TRP D 171 23.65 -12.42 -52.92
CA TRP D 171 23.08 -13.49 -53.73
C TRP D 171 24.05 -14.65 -53.89
N GLU D 172 25.32 -14.34 -54.17
CA GLU D 172 26.30 -15.38 -54.45
C GLU D 172 26.80 -16.04 -53.17
N VAL D 173 27.16 -15.25 -52.16
CA VAL D 173 27.79 -15.79 -50.97
C VAL D 173 26.82 -16.52 -50.06
N PHE D 174 25.51 -16.24 -50.17
CA PHE D 174 24.50 -16.86 -49.31
C PHE D 174 23.35 -17.38 -50.18
N PRO D 175 23.62 -18.38 -51.02
CA PRO D 175 22.53 -19.00 -51.78
C PRO D 175 21.51 -19.69 -50.90
N ARG D 176 21.94 -20.18 -49.73
CA ARG D 176 21.04 -20.76 -48.73
C ARG D 176 21.23 -20.00 -47.43
N PRO D 177 20.46 -18.93 -47.22
CA PRO D 177 20.62 -18.14 -45.99
C PRO D 177 20.40 -18.93 -44.71
N HIS D 178 19.84 -20.13 -44.79
CA HIS D 178 19.63 -20.96 -43.61
C HIS D 178 20.73 -22.00 -43.42
N GLU D 179 21.74 -22.00 -44.29
CA GLU D 179 23.00 -22.70 -44.06
C GLU D 179 24.08 -21.64 -44.19
N PRO D 180 24.28 -20.82 -43.15
CA PRO D 180 25.17 -19.66 -43.29
C PRO D 180 26.53 -19.97 -43.87
N MET D 181 27.20 -21.02 -43.37
CA MET D 181 28.52 -21.40 -43.86
C MET D 181 28.44 -22.41 -44.99
N PHE D 182 27.45 -22.29 -45.87
CA PHE D 182 27.36 -23.15 -47.04
C PHE D 182 28.48 -22.83 -48.03
N THR D 183 28.52 -21.58 -48.49
CA THR D 183 29.61 -21.15 -49.36
C THR D 183 30.90 -21.03 -48.57
N GLU D 184 32.02 -21.27 -49.25
CA GLU D 184 33.32 -20.96 -48.65
C GLU D 184 33.60 -19.47 -48.67
N ARG D 185 33.08 -18.76 -49.68
CA ARG D 185 33.18 -17.32 -49.69
C ARG D 185 32.64 -16.71 -48.41
N ALA D 186 31.63 -17.34 -47.81
CA ALA D 186 31.00 -16.76 -46.62
C ALA D 186 31.95 -16.78 -45.42
N ARG D 187 32.56 -17.93 -45.13
CA ARG D 187 33.49 -18.03 -44.01
C ARG D 187 34.79 -17.30 -44.29
N GLU D 188 35.12 -17.11 -45.56
CA GLU D 188 36.22 -16.21 -45.89
C GLU D 188 35.86 -14.79 -45.51
N LEU D 189 34.64 -14.35 -45.87
CA LEU D 189 34.20 -13.01 -45.55
C LEU D 189 34.05 -12.79 -44.05
N ASP D 190 33.80 -13.86 -43.29
CA ASP D 190 33.68 -13.71 -41.84
C ASP D 190 34.92 -13.09 -41.20
N LYS D 191 36.00 -12.90 -41.95
CA LYS D 191 37.20 -12.25 -41.45
C LYS D 191 37.17 -10.74 -41.62
N SER D 192 36.11 -10.19 -42.22
CA SER D 192 36.02 -8.78 -42.51
C SER D 192 34.90 -8.13 -41.71
N SER D 193 34.94 -6.80 -41.64
CA SER D 193 33.95 -6.01 -40.94
C SER D 193 32.88 -5.53 -41.92
N VAL D 194 31.85 -4.89 -41.36
CA VAL D 194 30.90 -4.17 -42.20
C VAL D 194 31.54 -2.90 -42.75
N LEU D 195 32.33 -2.22 -41.92
CA LEU D 195 32.99 -0.98 -42.33
C LEU D 195 34.05 -1.25 -43.40
N ASP D 196 34.84 -2.32 -43.20
CA ASP D 196 35.79 -2.76 -44.22
C ASP D 196 35.14 -2.79 -45.60
N ARG D 197 33.86 -3.15 -45.64
CA ARG D 197 33.12 -3.18 -46.89
C ARG D 197 32.66 -1.77 -47.27
N ILE D 198 32.03 -1.08 -46.32
CA ILE D 198 31.31 0.15 -46.61
C ILE D 198 32.21 1.22 -47.19
N LYS D 199 33.52 1.15 -46.96
CA LYS D 199 34.39 2.08 -47.67
C LYS D 199 35.27 1.42 -48.72
N THR D 200 35.26 0.10 -48.85
CA THR D 200 35.66 -0.49 -50.13
C THR D 200 34.61 -0.23 -51.23
N LEU D 201 33.43 0.27 -50.88
CA LEU D 201 32.42 0.75 -51.82
C LEU D 201 32.77 2.04 -52.54
N GLY D 202 32.58 3.20 -51.89
CA GLY D 202 32.42 4.46 -52.59
C GLY D 202 30.97 4.95 -52.65
N LEU D 203 30.57 5.81 -51.70
CA LEU D 203 29.19 6.32 -51.66
C LEU D 203 29.21 7.83 -51.57
N SER D 204 28.01 8.43 -51.58
CA SER D 204 27.88 9.87 -51.44
C SER D 204 27.95 10.27 -49.98
N ARG D 205 28.56 11.43 -49.72
CA ARG D 205 28.75 11.95 -48.37
C ARG D 205 27.58 11.65 -47.44
N LEU D 206 26.37 11.62 -48.00
CA LEU D 206 25.18 11.37 -47.18
C LEU D 206 24.90 9.89 -47.02
N GLN D 207 25.04 9.12 -48.09
CA GLN D 207 24.62 7.72 -48.05
C GLN D 207 25.57 6.85 -47.24
N GLN D 208 26.86 7.22 -47.16
CA GLN D 208 27.76 6.49 -46.28
C GLN D 208 27.34 6.67 -44.82
N ALA D 209 27.07 7.91 -44.42
CA ALA D 209 26.55 8.16 -43.08
C ALA D 209 25.27 7.37 -42.85
N GLN D 210 24.37 7.36 -43.84
CA GLN D 210 23.12 6.62 -43.71
C GLN D 210 23.37 5.13 -43.46
N ILE D 211 24.19 4.52 -44.31
CA ILE D 211 24.40 3.08 -44.22
C ILE D 211 25.11 2.71 -42.93
N ASN D 212 26.05 3.55 -42.48
CA ASN D 212 26.73 3.23 -41.23
C ASN D 212 25.84 3.47 -40.03
N SER D 213 24.97 4.48 -40.05
CA SER D 213 23.97 4.59 -39.01
C SER D 213 23.13 3.31 -38.96
N TYR D 214 22.61 2.89 -40.11
CA TYR D 214 21.83 1.66 -40.18
C TYR D 214 22.59 0.47 -39.59
N MET D 215 23.84 0.29 -40.00
CA MET D 215 24.59 -0.89 -39.61
C MET D 215 24.97 -0.85 -38.12
N ALA D 216 25.37 0.33 -37.64
CA ALA D 216 25.67 0.46 -36.21
C ALA D 216 24.43 0.22 -35.38
N LEU D 217 23.27 0.68 -35.85
CA LEU D 217 22.03 0.33 -35.17
C LEU D 217 21.87 -1.19 -35.13
N TYR D 218 21.96 -1.84 -36.29
CA TYR D 218 21.79 -3.29 -36.33
C TYR D 218 22.76 -4.01 -35.41
N ALA D 219 23.96 -3.46 -35.24
CA ALA D 219 24.97 -4.11 -34.40
C ALA D 219 24.83 -3.73 -32.93
N GLY D 220 24.10 -2.66 -32.61
CA GLY D 220 24.13 -2.15 -31.26
C GLY D 220 25.53 -1.81 -30.80
N GLU D 221 26.39 -1.44 -31.74
CA GLU D 221 27.81 -1.15 -31.52
C GLU D 221 28.30 -0.39 -32.74
N THR D 222 29.58 -0.05 -32.75
CA THR D 222 30.17 0.70 -33.85
C THR D 222 30.61 -0.23 -34.97
N THR D 223 30.46 0.25 -36.22
CA THR D 223 30.76 -0.54 -37.40
C THR D 223 32.18 -1.12 -37.40
N ASP D 224 33.06 -0.66 -36.50
CA ASP D 224 34.40 -1.21 -36.45
C ASP D 224 34.41 -2.69 -36.09
N LYS D 225 33.37 -3.19 -35.43
CA LYS D 225 33.36 -4.56 -34.93
C LYS D 225 32.25 -5.43 -35.50
N PHE D 226 31.45 -4.91 -36.43
CA PHE D 226 30.28 -5.65 -36.92
C PHE D 226 30.68 -6.65 -37.99
N GLY D 227 30.25 -7.89 -37.81
CA GLY D 227 30.53 -8.92 -38.81
C GLY D 227 29.66 -8.72 -40.04
N LEU D 228 30.28 -8.90 -41.21
CA LEU D 228 29.64 -8.72 -42.51
C LEU D 228 28.83 -9.95 -42.93
N PRO D 229 29.31 -11.17 -42.64
CA PRO D 229 28.52 -12.35 -42.99
C PRO D 229 27.12 -12.32 -42.41
N GLY D 230 26.96 -11.86 -41.17
CA GLY D 230 25.64 -11.82 -40.57
C GLY D 230 24.70 -10.87 -41.30
N VAL D 231 25.19 -9.67 -41.63
CA VAL D 231 24.33 -8.69 -42.29
C VAL D 231 23.89 -9.23 -43.66
N LEU D 232 24.84 -9.79 -44.42
CA LEU D 232 24.53 -10.31 -45.76
C LEU D 232 23.61 -11.52 -45.70
N LYS D 233 23.77 -12.37 -44.70
CA LYS D 233 22.87 -13.50 -44.52
C LYS D 233 21.46 -13.03 -44.20
N LEU D 234 21.34 -12.06 -43.30
CA LEU D 234 20.02 -11.51 -43.01
C LEU D 234 19.38 -10.92 -44.25
N PHE D 235 20.15 -10.18 -45.05
CA PHE D 235 19.61 -9.66 -46.30
C PHE D 235 19.18 -10.80 -47.22
N ALA D 236 19.90 -11.92 -47.20
CA ALA D 236 19.57 -13.05 -48.05
C ALA D 236 18.26 -13.69 -47.62
N CYS D 237 18.03 -13.79 -46.31
CA CYS D 237 16.78 -14.36 -45.82
C CYS D 237 15.57 -13.58 -46.32
N GLY D 238 15.74 -12.29 -46.61
CA GLY D 238 14.66 -11.47 -47.12
C GLY D 238 14.52 -11.53 -48.63
N GLY D 239 15.08 -12.57 -49.24
CA GLY D 239 15.01 -12.74 -50.67
C GLY D 239 16.08 -12.03 -51.47
N TRP D 240 17.18 -11.62 -50.84
CA TRP D 240 18.26 -10.91 -51.53
C TRP D 240 17.76 -9.63 -52.20
N ASN D 241 16.67 -9.07 -51.69
CA ASN D 241 15.99 -7.95 -52.32
C ASN D 241 15.82 -6.83 -51.29
N TYR D 242 16.38 -5.66 -51.60
CA TYR D 242 16.36 -4.56 -50.64
C TYR D 242 14.95 -4.23 -50.17
N ASP D 243 14.03 -4.09 -51.11
CA ASP D 243 12.69 -3.63 -50.79
C ASP D 243 11.94 -4.64 -49.92
N ALA D 244 11.97 -5.91 -50.31
CA ALA D 244 11.32 -6.95 -49.52
C ALA D 244 11.90 -7.00 -48.11
N PHE D 245 13.23 -6.96 -48.00
CA PHE D 245 13.86 -6.94 -46.69
C PHE D 245 13.39 -5.74 -45.86
N MET D 246 13.37 -4.56 -46.47
CA MET D 246 12.91 -3.37 -45.78
C MET D 246 11.51 -3.55 -45.23
N ASP D 247 10.62 -4.16 -46.02
CA ASP D 247 9.23 -4.31 -45.57
C ASP D 247 9.11 -5.10 -44.27
N THR D 248 10.10 -5.92 -43.94
CA THR D 248 10.04 -6.77 -42.75
C THR D 248 10.59 -6.10 -41.50
N GLU D 249 11.04 -4.85 -41.60
CA GLU D 249 11.75 -4.21 -40.49
C GLU D 249 10.79 -3.74 -39.39
N THR D 250 10.05 -2.67 -39.64
CA THR D 250 9.21 -2.02 -38.65
C THR D 250 7.83 -1.72 -39.21
N HIS D 251 7.27 -2.66 -39.98
CA HIS D 251 6.02 -2.44 -40.69
C HIS D 251 4.81 -3.06 -39.98
N TYR D 252 4.91 -4.30 -39.54
CA TYR D 252 3.76 -5.03 -39.01
C TYR D 252 4.08 -5.57 -37.62
N ARG D 253 3.16 -5.37 -36.69
CA ARG D 253 3.20 -5.97 -35.37
C ARG D 253 2.15 -7.07 -35.28
N ILE D 254 2.17 -7.79 -34.16
CA ILE D 254 1.25 -8.91 -33.96
C ILE D 254 -0.02 -8.41 -33.28
N GLN D 255 -1.16 -8.62 -33.91
CA GLN D 255 -2.43 -8.30 -33.28
C GLN D 255 -2.56 -9.04 -31.96
N GLY D 256 -2.76 -8.30 -30.87
CA GLY D 256 -2.76 -8.87 -29.55
C GLY D 256 -1.42 -8.80 -28.84
N GLY D 257 -0.34 -8.51 -29.56
CA GLY D 257 0.96 -8.26 -28.96
C GLY D 257 1.84 -9.49 -28.94
N THR D 258 3.15 -9.25 -28.96
CA THR D 258 4.11 -10.34 -28.77
C THR D 258 3.77 -11.16 -27.54
N ILE D 259 3.32 -10.48 -26.48
CA ILE D 259 2.87 -11.21 -25.28
C ILE D 259 1.64 -12.04 -25.62
N GLY D 260 0.82 -11.59 -26.57
CA GLY D 260 -0.30 -12.41 -27.01
C GLY D 260 0.15 -13.75 -27.57
N LEU D 261 1.17 -13.74 -28.44
CA LEU D 261 1.68 -14.98 -29.01
C LEU D 261 2.39 -15.83 -27.96
N ILE D 262 3.18 -15.18 -27.09
CA ILE D 262 3.82 -15.90 -25.99
C ILE D 262 2.77 -16.65 -25.18
N ASN D 263 1.69 -15.95 -24.83
CA ASN D 263 0.63 -16.56 -24.05
C ASN D 263 -0.08 -17.66 -24.83
N ALA D 264 -0.28 -17.46 -26.12
CA ALA D 264 -0.84 -18.54 -26.94
C ALA D 264 -0.01 -19.80 -26.81
N MET D 265 1.30 -19.68 -27.05
CA MET D 265 2.17 -20.85 -27.02
C MET D 265 2.17 -21.51 -25.64
N LEU D 266 2.31 -20.71 -24.58
CA LEU D 266 2.43 -21.29 -23.24
C LEU D 266 1.10 -21.81 -22.72
N THR D 267 -0.01 -21.17 -23.07
CA THR D 267 -1.33 -21.73 -22.82
C THR D 267 -1.45 -23.10 -23.45
N ASP D 268 -1.07 -23.22 -24.73
CA ASP D 268 -1.21 -24.48 -25.42
C ASP D 268 -0.28 -25.56 -24.87
N SER D 269 0.90 -25.16 -24.38
CA SER D 269 1.89 -26.14 -23.95
C SER D 269 1.44 -26.92 -22.71
N GLY D 270 0.54 -26.38 -21.91
CA GLY D 270 0.19 -26.99 -20.64
C GLY D 270 1.29 -27.00 -19.61
N ALA D 271 2.48 -26.51 -19.96
CA ALA D 271 3.62 -26.55 -19.06
C ALA D 271 3.40 -25.63 -17.86
N GLU D 272 4.08 -25.96 -16.77
CA GLU D 272 4.09 -25.12 -15.58
C GLU D 272 5.12 -24.02 -15.76
N VAL D 273 4.74 -22.78 -15.45
CA VAL D 273 5.60 -21.62 -15.65
C VAL D 273 5.80 -20.94 -14.30
N ARG D 274 7.05 -20.85 -13.87
CA ARG D 274 7.43 -20.12 -12.66
C ARG D 274 8.20 -18.87 -13.04
N MET D 275 7.81 -17.74 -12.46
CA MET D 275 8.45 -16.47 -12.74
C MET D 275 9.09 -15.93 -11.47
N SER D 276 10.04 -15.00 -11.66
CA SER D 276 10.87 -14.50 -10.56
C SER D 276 11.70 -15.63 -9.95
N VAL D 277 12.03 -16.64 -10.76
CA VAL D 277 12.87 -17.75 -10.33
C VAL D 277 14.09 -17.82 -11.25
N PRO D 278 15.15 -17.08 -10.97
CA PRO D 278 16.36 -17.20 -11.78
C PRO D 278 17.11 -18.48 -11.48
N VAL D 279 17.78 -19.00 -12.52
CA VAL D 279 18.60 -20.19 -12.41
C VAL D 279 20.06 -19.77 -12.30
N THR D 280 20.76 -20.28 -11.29
CA THR D 280 22.13 -19.91 -11.03
C THR D 280 23.15 -20.95 -11.49
N ALA D 281 22.80 -22.23 -11.43
CA ALA D 281 23.75 -23.27 -11.77
C ALA D 281 23.02 -24.48 -12.35
N VAL D 282 23.73 -25.20 -13.21
CA VAL D 282 23.28 -26.47 -13.77
C VAL D 282 24.35 -27.52 -13.51
N GLU D 283 23.93 -28.66 -12.98
CA GLU D 283 24.81 -29.80 -12.76
C GLU D 283 24.27 -31.01 -13.51
N GLN D 284 25.09 -31.52 -14.44
CA GLN D 284 24.78 -32.73 -15.19
C GLN D 284 25.25 -33.97 -14.43
N VAL D 285 24.29 -34.88 -14.17
CA VAL D 285 24.45 -36.06 -13.33
C VAL D 285 23.33 -37.07 -13.64
N ASN D 286 23.68 -38.36 -13.57
CA ASN D 286 22.75 -39.51 -13.60
C ASN D 286 22.20 -39.66 -15.01
N GLY D 287 20.91 -39.95 -15.19
CA GLY D 287 20.35 -39.71 -16.47
C GLY D 287 19.68 -38.35 -16.63
N GLY D 288 19.69 -37.55 -15.56
CA GLY D 288 19.11 -36.24 -15.74
C GLY D 288 19.99 -35.04 -15.49
N VAL D 289 19.38 -33.98 -14.95
CA VAL D 289 20.07 -32.73 -14.65
C VAL D 289 19.53 -32.19 -13.34
N LYS D 290 20.37 -31.47 -12.61
CA LYS D 290 19.96 -30.81 -11.38
C LYS D 290 20.10 -29.30 -11.55
N ILE D 291 18.98 -28.59 -11.48
CA ILE D 291 18.93 -27.15 -11.70
C ILE D 291 18.83 -26.45 -10.35
N LYS D 292 19.63 -25.41 -10.17
CA LYS D 292 19.73 -24.66 -8.93
C LYS D 292 19.13 -23.27 -9.13
N THR D 293 18.24 -22.87 -8.22
CA THR D 293 17.64 -21.55 -8.29
C THR D 293 18.43 -20.56 -7.43
N ASP D 294 17.98 -19.30 -7.44
CA ASP D 294 18.68 -18.27 -6.67
C ASP D 294 18.43 -18.44 -5.17
N ASP D 295 17.27 -18.97 -4.79
CA ASP D 295 17.02 -19.29 -3.39
C ASP D 295 17.64 -20.60 -2.95
N ASP D 296 18.48 -21.19 -3.80
CA ASP D 296 19.24 -22.40 -3.49
C ASP D 296 18.40 -23.66 -3.52
N GLU D 297 17.21 -23.62 -4.13
CA GLU D 297 16.42 -24.82 -4.31
C GLU D 297 16.96 -25.62 -5.48
N ILE D 298 16.80 -26.94 -5.40
CA ILE D 298 17.23 -27.86 -6.44
C ILE D 298 16.00 -28.52 -7.05
N ILE D 299 15.98 -28.62 -8.37
CA ILE D 299 14.93 -29.32 -9.10
C ILE D 299 15.57 -30.23 -10.12
N THR D 300 15.17 -31.49 -10.15
CA THR D 300 15.75 -32.48 -11.04
C THR D 300 14.87 -32.67 -12.26
N ALA D 301 15.51 -32.79 -13.43
CA ALA D 301 14.78 -32.91 -14.69
C ALA D 301 15.46 -33.95 -15.57
N GLY D 302 14.72 -34.39 -16.60
CA GLY D 302 15.32 -35.29 -17.56
C GLY D 302 16.34 -34.59 -18.45
N VAL D 303 16.10 -33.32 -18.77
CA VAL D 303 17.04 -32.54 -19.56
C VAL D 303 16.67 -31.07 -19.44
N VAL D 304 17.65 -30.19 -19.64
CA VAL D 304 17.49 -28.75 -19.55
C VAL D 304 17.68 -28.17 -20.95
N VAL D 305 16.90 -27.14 -21.26
CA VAL D 305 17.08 -26.36 -22.48
C VAL D 305 17.33 -24.91 -22.05
N MET D 306 18.57 -24.46 -22.24
CA MET D 306 18.96 -23.10 -21.90
C MET D 306 18.62 -22.18 -23.07
N THR D 307 17.82 -21.16 -22.79
CA THR D 307 17.43 -20.17 -23.79
C THR D 307 17.77 -18.75 -23.36
N VAL D 308 18.36 -18.57 -22.19
CA VAL D 308 18.74 -17.26 -21.68
C VAL D 308 19.67 -16.58 -22.68
N PRO D 309 19.64 -15.25 -22.80
CA PRO D 309 20.52 -14.58 -23.76
C PRO D 309 21.97 -14.99 -23.59
N LEU D 310 22.76 -14.85 -24.66
CA LEU D 310 24.16 -15.23 -24.59
C LEU D 310 24.89 -14.44 -23.50
N ASN D 311 24.75 -13.11 -23.53
CA ASN D 311 25.45 -12.24 -22.61
C ASN D 311 25.15 -12.53 -21.15
N THR D 312 24.23 -13.47 -20.89
CA THR D 312 23.85 -13.81 -19.52
C THR D 312 24.53 -15.08 -19.01
N TYR D 313 25.02 -15.94 -19.90
CA TYR D 313 25.57 -17.23 -19.46
C TYR D 313 26.66 -17.05 -18.42
N LYS D 314 27.41 -15.94 -18.47
CA LYS D 314 28.51 -15.74 -17.52
C LYS D 314 28.04 -15.78 -16.08
N HIS D 315 26.75 -15.61 -15.82
CA HIS D 315 26.20 -15.64 -14.46
C HIS D 315 25.60 -16.99 -14.11
N ILE D 316 25.90 -18.03 -14.87
CA ILE D 316 25.40 -19.38 -14.62
C ILE D 316 26.58 -20.33 -14.56
N GLY D 317 26.64 -21.13 -13.47
CA GLY D 317 27.72 -22.07 -13.27
C GLY D 317 27.34 -23.46 -13.70
N PHE D 318 28.13 -24.02 -14.61
CA PHE D 318 27.86 -25.34 -15.20
C PHE D 318 28.91 -26.33 -14.75
N THR D 319 28.47 -27.46 -14.19
CA THR D 319 29.37 -28.56 -13.84
C THR D 319 28.80 -29.85 -14.40
N PRO D 320 29.56 -30.59 -15.23
CA PRO D 320 30.93 -30.19 -15.61
C PRO D 320 30.96 -28.96 -16.50
N ALA D 321 32.14 -28.34 -16.61
CA ALA D 321 32.28 -27.14 -17.43
C ALA D 321 31.88 -27.45 -18.87
N LEU D 322 31.32 -26.43 -19.53
CA LEU D 322 30.81 -26.60 -20.88
C LEU D 322 31.96 -26.87 -21.85
N SER D 323 31.65 -26.85 -23.15
CA SER D 323 32.64 -26.91 -24.22
C SER D 323 33.75 -25.90 -23.98
N LYS D 324 34.76 -25.91 -24.85
CA LYS D 324 35.66 -24.77 -24.98
C LYS D 324 35.18 -23.77 -26.02
N GLY D 325 34.42 -24.22 -27.02
CA GLY D 325 33.80 -23.29 -27.93
C GLY D 325 32.63 -22.55 -27.30
N LYS D 326 31.80 -23.27 -26.54
CA LYS D 326 30.77 -22.61 -25.74
C LYS D 326 31.38 -21.69 -24.71
N GLN D 327 32.42 -22.16 -24.01
CA GLN D 327 33.13 -21.30 -23.06
C GLN D 327 33.57 -20.01 -23.74
N ARG D 328 34.16 -20.13 -24.93
CA ARG D 328 34.67 -18.97 -25.66
C ARG D 328 33.53 -18.04 -26.06
N PHE D 329 32.44 -18.58 -26.61
CA PHE D 329 31.30 -17.76 -26.97
C PHE D 329 30.74 -17.02 -25.75
N ILE D 330 30.59 -17.75 -24.64
CA ILE D 330 30.03 -17.17 -23.42
C ILE D 330 30.91 -16.04 -22.91
N LYS D 331 32.24 -16.21 -23.00
CA LYS D 331 33.13 -15.15 -22.52
C LYS D 331 33.14 -13.96 -23.47
N GLU D 332 33.10 -14.20 -24.77
CA GLU D 332 33.07 -13.10 -25.73
C GLU D 332 31.73 -12.39 -25.71
N GLY D 333 30.65 -13.10 -25.39
CA GLY D 333 29.34 -12.49 -25.40
C GLY D 333 28.89 -12.13 -26.81
N GLN D 334 27.93 -11.22 -26.86
CA GLN D 334 27.35 -10.74 -28.11
C GLN D 334 27.58 -9.23 -28.22
N LEU D 335 27.44 -8.71 -29.43
CA LEU D 335 28.02 -7.42 -29.81
C LEU D 335 27.01 -6.29 -29.91
N SER D 336 25.99 -6.26 -29.05
CA SER D 336 25.00 -5.19 -29.09
C SER D 336 24.86 -4.53 -27.71
N LYS D 337 24.64 -3.22 -27.71
CA LYS D 337 24.48 -2.45 -26.48
C LYS D 337 23.44 -1.34 -26.70
N GLY D 338 22.22 -1.75 -27.04
CA GLY D 338 21.16 -0.83 -27.40
C GLY D 338 20.08 -0.70 -26.33
N ALA D 339 19.20 0.26 -26.58
CA ALA D 339 18.01 0.48 -25.76
C ALA D 339 16.93 1.09 -26.64
N LYS D 340 15.72 1.18 -26.10
CA LYS D 340 14.61 1.76 -26.84
C LYS D 340 13.93 2.83 -25.98
N LEU D 341 13.58 3.94 -26.63
CA LEU D 341 12.95 5.07 -25.96
C LEU D 341 11.76 5.54 -26.79
N TYR D 342 10.57 5.45 -26.21
CA TYR D 342 9.36 5.92 -26.86
C TYR D 342 9.00 7.33 -26.40
N PHE D 353 11.19 10.66 -39.90
CA PHE D 353 12.20 9.63 -39.71
C PHE D 353 13.59 10.27 -39.66
N ALA D 354 14.51 9.66 -38.93
CA ALA D 354 15.84 10.22 -38.76
C ALA D 354 16.89 9.12 -38.66
N PHE D 355 18.04 9.38 -39.27
CA PHE D 355 19.25 8.58 -39.09
C PHE D 355 20.26 9.40 -38.29
N ALA D 356 21.10 8.70 -37.54
CA ALA D 356 22.19 9.36 -36.82
C ALA D 356 23.38 8.41 -36.77
N ASP D 357 24.49 8.83 -37.37
CA ASP D 357 25.68 7.99 -37.40
C ASP D 357 26.05 7.56 -35.99
N GLU D 358 26.97 6.60 -35.89
CA GLU D 358 27.20 5.91 -34.61
C GLU D 358 27.48 6.87 -33.47
N GLN D 359 27.99 8.05 -33.76
CA GLN D 359 28.41 8.97 -32.70
C GLN D 359 27.26 9.72 -32.05
N GLN D 360 26.07 9.09 -31.86
CA GLN D 360 24.93 9.79 -31.29
C GLN D 360 23.72 8.92 -30.99
N PRO D 361 22.67 9.49 -30.37
CA PRO D 361 21.59 8.67 -29.82
C PRO D 361 20.31 8.68 -30.65
N LEU D 362 20.25 9.48 -31.70
CA LEU D 362 19.02 9.55 -32.47
C LEU D 362 19.13 8.77 -33.77
N ASN D 363 19.45 7.49 -33.62
CA ASN D 363 19.74 6.62 -34.76
C ASN D 363 18.49 6.20 -35.51
N TRP D 364 17.52 5.61 -34.83
CA TRP D 364 16.26 5.18 -35.41
C TRP D 364 15.10 5.83 -34.66
N VAL D 365 14.44 6.77 -35.33
CA VAL D 365 13.24 7.44 -34.86
C VAL D 365 12.09 7.07 -35.78
N GLN D 366 10.96 6.70 -35.18
CA GLN D 366 9.80 6.27 -35.94
C GLN D 366 8.54 6.97 -35.41
N THR D 367 7.37 6.43 -35.78
CA THR D 367 6.09 7.05 -35.47
C THR D 367 5.12 5.98 -34.96
N HIS D 368 4.58 6.20 -33.76
CA HIS D 368 3.36 5.55 -33.32
C HIS D 368 2.16 6.45 -33.55
N ASP D 369 2.33 7.54 -34.31
CA ASP D 369 1.35 8.62 -34.44
C ASP D 369 1.28 9.44 -33.16
N TYR D 370 2.45 9.92 -32.72
CA TYR D 370 2.52 10.84 -31.60
C TYR D 370 2.18 12.24 -32.08
N SER D 371 1.22 12.88 -31.41
CA SER D 371 0.79 14.22 -31.79
C SER D 371 1.63 15.28 -31.07
N SER D 379 8.85 6.19 -31.00
CA SER D 379 9.61 4.96 -31.14
C SER D 379 11.03 5.25 -31.62
N ILE D 380 12.00 5.13 -30.72
CA ILE D 380 13.40 5.38 -31.02
C ILE D 380 14.25 4.23 -30.51
N THR D 381 15.33 3.93 -31.23
CA THR D 381 16.24 2.87 -30.86
C THR D 381 17.66 3.42 -30.82
N ILE D 382 18.33 3.23 -29.67
CA ILE D 382 19.71 3.65 -29.48
C ILE D 382 20.61 2.44 -29.65
N ALA D 383 21.59 2.55 -30.55
CA ALA D 383 22.51 1.44 -30.80
C ALA D 383 23.38 1.16 -29.59
N ARG D 384 23.82 2.20 -28.88
CA ARG D 384 24.71 2.06 -27.74
C ARG D 384 24.18 2.87 -26.57
N LYS D 385 24.03 2.23 -25.41
CA LYS D 385 23.61 2.96 -24.22
C LYS D 385 24.70 3.89 -23.71
N GLU D 386 25.97 3.57 -24.00
CA GLU D 386 27.05 4.50 -23.74
C GLU D 386 26.87 5.80 -24.53
N THR D 387 26.00 5.79 -25.55
CA THR D 387 25.66 7.01 -26.26
C THR D 387 25.04 8.04 -25.33
N ILE D 388 24.04 7.63 -24.56
CA ILE D 388 23.20 8.57 -23.83
C ILE D 388 22.35 7.79 -22.82
N ASP D 389 22.45 8.17 -21.55
CA ASP D 389 21.63 7.56 -20.51
C ASP D 389 20.32 8.33 -20.42
N VAL D 390 19.21 7.65 -20.68
CA VAL D 390 17.89 8.27 -20.67
C VAL D 390 17.42 8.43 -19.24
N ASN D 391 18.37 8.61 -18.32
CA ASN D 391 18.04 8.89 -16.92
C ASN D 391 17.57 10.33 -16.76
N ASP D 392 18.33 11.28 -17.30
CA ASP D 392 17.94 12.67 -17.32
C ASP D 392 16.98 12.93 -18.48
N ARG D 393 16.17 13.98 -18.34
CA ARG D 393 15.32 14.45 -19.43
C ARG D 393 16.09 15.47 -20.28
N ASP D 394 17.26 15.03 -20.73
CA ASP D 394 18.15 15.86 -21.54
C ASP D 394 18.77 16.99 -20.73
N GLU D 399 19.35 14.03 -25.24
CA GLU D 399 20.08 14.75 -26.28
C GLU D 399 19.22 14.92 -27.54
N VAL D 400 17.92 15.15 -27.36
CA VAL D 400 17.03 15.31 -28.51
C VAL D 400 17.17 16.70 -29.11
N GLN D 401 17.31 17.73 -28.26
CA GLN D 401 17.36 19.11 -28.75
C GLN D 401 18.43 19.30 -29.81
N LYS D 402 19.49 18.50 -29.76
CA LYS D 402 20.60 18.68 -30.70
C LYS D 402 20.19 18.32 -32.12
N MET D 403 19.19 17.46 -32.29
CA MET D 403 18.68 17.09 -33.61
C MET D 403 17.37 17.77 -33.95
N PHE D 404 16.65 18.27 -32.96
CA PHE D 404 15.39 18.98 -33.19
C PHE D 404 15.39 20.23 -32.34
N PRO D 405 15.44 21.41 -32.96
CA PRO D 405 15.42 22.65 -32.17
C PRO D 405 14.03 22.98 -31.66
N GLY D 406 14.01 23.58 -30.47
CA GLY D 406 12.75 23.96 -29.84
C GLY D 406 11.87 22.78 -29.52
N VAL D 407 12.33 21.92 -28.61
CA VAL D 407 11.58 20.73 -28.24
C VAL D 407 10.77 20.97 -26.96
N ALA D 413 9.76 7.57 -21.50
CA ALA D 413 9.72 6.12 -21.31
C ALA D 413 10.82 5.44 -22.11
N ALA D 414 11.68 4.70 -21.43
CA ALA D 414 12.79 4.00 -22.06
C ALA D 414 13.01 2.66 -21.38
N TYR D 415 13.91 1.86 -21.97
CA TYR D 415 14.27 0.56 -21.43
C TYR D 415 15.72 0.30 -21.75
N ASP D 416 16.55 0.15 -20.71
CA ASP D 416 17.98 -0.09 -20.88
C ASP D 416 18.21 -1.59 -20.89
N TRP D 417 18.22 -2.16 -22.10
CA TRP D 417 18.43 -3.61 -22.23
C TRP D 417 19.86 -4.01 -21.85
N THR D 418 20.83 -3.13 -22.11
CA THR D 418 22.21 -3.42 -21.70
C THR D 418 22.38 -3.38 -20.20
N ALA D 419 21.43 -2.79 -19.47
CA ALA D 419 21.50 -2.73 -18.02
C ALA D 419 20.75 -3.86 -17.34
N ASP D 420 19.69 -4.36 -17.96
CA ASP D 420 18.93 -5.45 -17.37
C ASP D 420 19.82 -6.66 -17.17
N PRO D 421 19.90 -7.21 -15.95
CA PRO D 421 20.81 -8.35 -15.72
C PRO D 421 20.47 -9.59 -16.53
N PHE D 422 19.21 -9.75 -16.95
CA PHE D 422 18.79 -10.92 -17.68
C PHE D 422 18.66 -10.66 -19.18
N SER D 423 19.25 -9.56 -19.66
CA SER D 423 19.39 -9.31 -21.08
C SER D 423 20.83 -8.91 -21.38
N LEU D 424 21.33 -7.91 -20.64
CA LEU D 424 22.72 -7.45 -20.76
C LEU D 424 23.10 -7.22 -22.23
N GLY D 425 22.20 -6.57 -22.95
CA GLY D 425 22.39 -6.34 -24.36
C GLY D 425 21.04 -6.21 -25.06
N ALA D 426 21.12 -5.90 -26.35
CA ALA D 426 19.93 -5.77 -27.17
C ALA D 426 19.63 -7.05 -27.93
N TRP D 427 19.53 -6.94 -29.26
CA TRP D 427 19.34 -8.06 -30.15
C TRP D 427 20.68 -8.73 -30.44
N ALA D 428 20.61 -9.95 -30.96
CA ALA D 428 21.80 -10.68 -31.36
C ALA D 428 22.52 -9.93 -32.48
N ALA D 429 23.78 -9.60 -32.22
CA ALA D 429 24.66 -8.98 -33.20
C ALA D 429 25.99 -9.72 -33.18
N TYR D 430 26.40 -10.24 -34.33
CA TYR D 430 27.60 -11.07 -34.42
C TYR D 430 28.82 -10.22 -34.72
N GLY D 431 29.88 -10.43 -33.92
CA GLY D 431 31.16 -9.83 -34.23
C GLY D 431 31.88 -10.58 -35.32
N VAL D 432 32.91 -9.92 -35.88
CA VAL D 432 33.66 -10.53 -36.97
C VAL D 432 34.24 -11.85 -36.52
N GLY D 433 33.98 -12.91 -37.29
CA GLY D 433 34.52 -14.21 -37.01
C GLY D 433 33.71 -15.10 -36.09
N GLN D 434 32.54 -14.63 -35.62
CA GLN D 434 31.76 -15.44 -34.68
C GLN D 434 30.75 -16.32 -35.39
N LEU D 435 30.13 -15.82 -36.46
CA LEU D 435 29.22 -16.65 -37.23
C LEU D 435 29.89 -17.95 -37.64
N SER D 436 31.16 -17.89 -38.01
CA SER D 436 31.90 -19.07 -38.45
C SER D 436 31.90 -20.18 -37.41
N ARG D 437 31.65 -19.86 -36.14
CA ARG D 437 31.65 -20.86 -35.07
C ARG D 437 30.27 -21.04 -34.44
N LEU D 438 29.21 -20.69 -35.17
CA LEU D 438 27.86 -20.74 -34.60
C LEU D 438 27.55 -22.12 -34.02
N LYS D 439 28.07 -23.19 -34.64
CA LYS D 439 27.76 -24.52 -34.16
C LYS D 439 28.26 -24.75 -32.74
N ASP D 440 29.40 -24.15 -32.37
CA ASP D 440 29.88 -24.25 -31.00
C ASP D 440 28.83 -23.80 -30.01
N LEU D 441 27.97 -22.86 -30.42
CA LEU D 441 26.89 -22.35 -29.59
C LEU D 441 25.62 -23.20 -29.69
N GLN D 442 25.44 -23.93 -30.79
CA GLN D 442 24.25 -24.75 -30.98
C GLN D 442 24.41 -26.16 -30.39
N ALA D 443 25.61 -26.72 -30.48
CA ALA D 443 25.83 -28.10 -30.06
C ALA D 443 25.36 -28.32 -28.64
N ALA D 444 24.54 -29.35 -28.45
CA ALA D 444 24.11 -29.74 -27.12
C ALA D 444 25.29 -30.28 -26.31
N GLU D 445 25.24 -30.07 -25.00
CA GLU D 445 26.28 -30.54 -24.08
C GLU D 445 25.61 -31.56 -23.15
N GLY D 446 25.77 -32.84 -23.47
CA GLY D 446 25.12 -33.87 -22.67
C GLY D 446 23.62 -33.67 -22.71
N ARG D 447 23.01 -33.63 -21.52
CA ARG D 447 21.59 -33.35 -21.39
C ARG D 447 21.30 -31.87 -21.21
N ILE D 448 22.11 -31.01 -21.80
CA ILE D 448 21.90 -29.57 -21.77
C ILE D 448 21.79 -29.11 -23.22
N LEU D 449 20.60 -28.69 -23.61
CA LEU D 449 20.37 -28.15 -24.94
C LEU D 449 20.39 -26.63 -24.89
N PHE D 450 20.62 -26.02 -26.05
CA PHE D 450 20.86 -24.59 -26.14
C PHE D 450 20.02 -24.00 -27.26
N ALA D 451 19.11 -23.10 -26.91
CA ALA D 451 18.28 -22.38 -27.87
C ALA D 451 18.43 -20.88 -27.64
N GLY D 452 17.79 -20.11 -28.51
CA GLY D 452 17.86 -18.66 -28.44
C GLY D 452 18.15 -18.03 -29.79
N ALA D 453 17.55 -16.85 -30.03
CA ALA D 453 17.72 -16.18 -31.32
C ALA D 453 19.18 -16.10 -31.73
N GLU D 454 20.09 -15.97 -30.76
CA GLU D 454 21.51 -15.97 -31.08
C GLU D 454 21.97 -17.31 -31.65
N THR D 455 21.31 -18.40 -31.28
CA THR D 455 21.72 -19.74 -31.65
C THR D 455 21.12 -20.21 -32.98
N SER D 456 20.20 -19.45 -33.56
CA SER D 456 19.54 -19.89 -34.78
C SER D 456 20.41 -19.58 -36.00
N ASN D 457 20.02 -20.17 -37.13
CA ASN D 457 20.76 -20.01 -38.38
C ASN D 457 20.15 -18.95 -39.29
N GLY D 458 18.84 -18.76 -39.26
CA GLY D 458 18.17 -17.84 -40.16
C GLY D 458 18.12 -16.41 -39.65
N TRP D 459 16.91 -15.95 -39.28
CA TRP D 459 16.71 -14.58 -38.80
C TRP D 459 17.17 -14.50 -37.34
N HIS D 460 18.50 -14.55 -37.17
CA HIS D 460 19.09 -14.57 -35.84
C HIS D 460 18.86 -13.27 -35.07
N ALA D 461 18.58 -12.18 -35.77
CA ALA D 461 18.49 -10.87 -35.14
C ALA D 461 17.07 -10.51 -34.69
N VAL D 462 16.10 -11.40 -34.87
CA VAL D 462 14.71 -11.08 -34.57
C VAL D 462 14.02 -12.25 -33.90
N ILE D 463 12.70 -12.12 -33.70
CA ILE D 463 11.93 -13.15 -32.99
C ILE D 463 11.95 -14.47 -33.76
N ASP D 464 12.02 -14.40 -35.09
CA ASP D 464 11.99 -15.63 -35.89
C ASP D 464 13.15 -16.54 -35.53
N GLY D 465 14.33 -15.98 -35.28
CA GLY D 465 15.46 -16.79 -34.87
C GLY D 465 15.17 -17.55 -33.58
N ALA D 466 14.57 -16.88 -32.60
CA ALA D 466 14.24 -17.54 -31.35
C ALA D 466 13.21 -18.65 -31.56
N VAL D 467 12.19 -18.41 -32.38
CA VAL D 467 11.19 -19.44 -32.62
C VAL D 467 11.82 -20.65 -33.31
N GLU D 468 12.71 -20.41 -34.27
CA GLU D 468 13.41 -21.50 -34.94
C GLU D 468 14.26 -22.30 -33.97
N SER D 469 15.03 -21.59 -33.12
CA SER D 469 15.84 -22.28 -32.12
C SER D 469 14.97 -23.09 -31.17
N GLY D 470 13.77 -22.60 -30.86
CA GLY D 470 12.87 -23.37 -30.01
C GLY D 470 12.39 -24.64 -30.68
N LEU D 471 12.07 -24.56 -31.98
CA LEU D 471 11.72 -25.78 -32.72
C LEU D 471 12.87 -26.78 -32.68
N ARG D 472 14.10 -26.31 -32.90
CA ARG D 472 15.26 -27.20 -32.87
C ARG D 472 15.43 -27.82 -31.47
N ALA D 473 15.28 -27.01 -30.43
CA ALA D 473 15.43 -27.51 -29.06
C ALA D 473 14.37 -28.57 -28.75
N GLY D 474 13.14 -28.35 -29.19
CA GLY D 474 12.10 -29.36 -28.99
C GLY D 474 12.41 -30.65 -29.73
N ARG D 475 12.95 -30.53 -30.95
CA ARG D 475 13.36 -31.73 -31.68
C ARG D 475 14.42 -32.51 -30.91
N GLU D 476 15.44 -31.80 -30.40
CA GLU D 476 16.50 -32.48 -29.66
C GLU D 476 15.98 -33.08 -28.36
N VAL D 477 15.01 -32.42 -27.71
CA VAL D 477 14.42 -32.98 -26.51
C VAL D 477 13.68 -34.27 -26.84
N LYS D 478 12.88 -34.26 -27.90
CA LYS D 478 12.24 -35.49 -28.37
C LYS D 478 13.28 -36.59 -28.55
N GLN D 479 14.37 -36.26 -29.25
CA GLN D 479 15.39 -37.28 -29.53
C GLN D 479 15.98 -37.84 -28.24
N LEU D 480 16.24 -36.98 -27.26
CA LEU D 480 16.88 -37.45 -26.02
C LEU D 480 15.95 -38.25 -25.12
N LEU D 481 14.63 -38.04 -25.22
CA LEU D 481 13.67 -38.73 -24.36
C LEU D 481 12.99 -39.90 -25.08
N SER D 482 13.69 -40.53 -26.02
CA SER D 482 13.30 -41.80 -26.64
C SER D 482 13.83 -41.87 -28.06
N1 NCT E . -15.22 22.89 9.70
C1 NCT E . -14.36 22.90 8.66
C2 NCT E . -14.62 22.27 7.46
C3 NCT E . -15.83 21.61 7.30
C4 NCT E . -16.74 21.58 8.34
C5 NCT E . -16.39 22.23 9.52
N2 NCT E . -13.73 21.13 5.50
C6 NCT E . -13.64 22.30 6.31
C7 NCT E . -13.97 23.49 5.22
C8 NCT E . -13.82 22.78 3.87
C9 NCT E . -13.12 21.49 4.22
C10 NCT E . -13.02 20.07 6.17
PA FAD F . -0.25 19.49 5.92
O1A FAD F . -0.44 20.88 6.40
O2A FAD F . -1.09 18.41 6.68
O5B FAD F . 1.31 19.10 5.90
C5B FAD F . 2.31 20.07 5.69
C4B FAD F . 3.47 19.80 6.63
O4B FAD F . 4.58 20.51 6.13
C3B FAD F . 3.20 20.35 8.03
O3B FAD F . 3.48 19.34 8.99
C2B FAD F . 4.18 21.47 8.19
O2B FAD F . 4.62 21.46 9.54
C1B FAD F . 5.28 21.12 7.19
N9A FAD F . 6.10 22.23 6.64
C8A FAD F . 5.72 23.46 6.17
N7A FAD F . 6.81 24.16 5.77
C5A FAD F . 7.91 23.39 6.00
C6A FAD F . 9.28 23.60 5.78
N6A FAD F . 9.78 24.77 5.24
N1A FAD F . 10.13 22.56 6.14
C2A FAD F . 9.69 21.38 6.68
N3A FAD F . 8.34 21.20 6.88
C4A FAD F . 7.47 22.18 6.55
N1 FAD F . -9.77 17.11 6.31
C2 FAD F . -10.53 15.96 6.51
O2 FAD F . -10.29 14.95 5.83
N3 FAD F . -11.59 15.92 7.43
C4 FAD F . -11.86 17.06 8.18
O4 FAD F . -12.77 17.08 9.01
C4X FAD F . -11.11 18.21 8.00
N5 FAD F . -11.38 19.35 8.75
C5X FAD F . -10.51 20.41 8.79
C6 FAD F . -10.62 21.37 9.79
C7 FAD F . -9.60 22.32 9.95
C7M FAD F . -9.78 23.35 11.06
C8 FAD F . -8.48 22.29 9.10
C8M FAD F . -7.34 23.27 9.20
C9 FAD F . -8.40 21.30 8.10
C9A FAD F . -9.40 20.36 7.94
N10 FAD F . -9.35 19.40 6.93
C10 FAD F . -10.06 18.23 7.06
C1' FAD F . -8.25 19.40 5.94
C2' FAD F . -7.03 18.73 6.51
O2' FAD F . -6.83 18.67 7.88
C3' FAD F . -5.80 18.85 5.58
O3' FAD F . -6.26 18.92 4.24
C4' FAD F . -4.77 17.74 5.47
O4' FAD F . -4.09 17.61 6.70
C5' FAD F . -3.82 18.10 4.33
O5' FAD F . -2.56 17.54 4.56
P FAD F . -1.23 17.98 3.72
O1P FAD F . -0.18 16.92 3.78
O2P FAD F . -1.71 18.18 2.25
O3P FAD F . -0.70 19.21 4.33
H51A FAD F . 2.62 20.02 4.80
H52A FAD F . 1.97 20.92 5.85
HO3A FAD F . 3.15 19.55 9.72
HO2A FAD F . 4.43 22.20 9.89
H1B FAD F . 4.63 20.68 8.43
H8A FAD F . 5.00 23.90 6.54
H61A FAD F . 10.37 25.10 5.78
H62A FAD F . 10.14 24.60 4.47
H2A FAD F . 10.29 20.70 6.91
HN3 FAD F . -12.05 15.21 7.54
H6 FAD F . -11.36 21.38 10.35
HM71 FAD F . -9.01 23.35 11.61
HM72 FAD F . -10.53 23.12 11.58
HM73 FAD F . -9.90 24.20 10.68
HM81 FAD F . -6.77 23.17 8.45
HM82 FAD F . -6.85 23.11 9.98
HM83 FAD F . -7.68 24.14 9.21
H9 FAD F . -7.66 21.29 7.55
H1'1 FAD F . -8.03 20.29 5.72
H1'2 FAD F . -8.53 18.95 5.17
H2' FAD F . -7.30 17.84 6.46
HO2' FAD F . -6.62 17.90 8.11
H3' FAD F . -5.34 19.62 5.85
HO3' FAD F . -6.46 18.16 3.98
H4' FAD F . -5.21 16.94 5.25
HO4' FAD F . -3.83 16.82 6.79
H5'1 FAD F . -4.17 17.77 3.53
H5'2 FAD F . -3.74 19.03 4.29
N1 NCT G . 2.90 -5.83 35.63
C1 NCT G . 4.03 -5.09 35.69
C2 NCT G . 4.56 -4.60 36.86
C3 NCT G . 3.92 -4.90 38.07
C4 NCT G . 2.76 -5.66 38.04
C5 NCT G . 2.29 -6.09 36.81
N2 NCT G . 6.06 -3.12 38.11
C6 NCT G . 5.84 -3.79 36.88
C7 NCT G . 7.13 -4.79 36.81
C8 NCT G . 8.06 -4.27 37.89
C9 NCT G . 7.51 -2.88 38.17
C10 NCT G . 5.31 -1.87 38.08
PA FAD H . 13.32 3.31 27.96
O1A FAD H . 13.49 1.90 27.51
O2A FAD H . 11.85 3.75 28.19
O5B FAD H . 14.10 4.31 26.95
C5B FAD H . 15.18 3.86 26.16
C4B FAD H . 15.03 4.42 24.75
O4B FAD H . 16.30 4.30 24.14
C3B FAD H . 14.07 3.59 23.92
O3B FAD H . 13.16 4.46 23.26
C2B FAD H . 14.93 2.93 22.88
O2B FAD H . 14.19 2.90 21.66
C1B FAD H . 16.17 3.81 22.83
N9A FAD H . 17.45 3.18 22.44
C8A FAD H . 18.00 1.98 22.82
N7A FAD H . 19.20 1.79 22.21
C5A FAD H . 19.44 2.86 21.41
C6A FAD H . 20.50 3.21 20.55
N6A FAD H . 21.60 2.39 20.38
N1A FAD H . 20.40 4.41 19.87
C2A FAD H . 19.31 5.26 20.01
N3A FAD H . 18.29 4.90 20.86
C4A FAD H . 18.34 3.73 21.53
N1 FAD H . 6.50 2.01 35.03
C2 FAD H . 5.46 2.73 35.64
O2 FAD H . 5.70 3.86 36.09
N3 FAD H . 4.18 2.21 35.75
C4 FAD H . 3.91 0.94 35.25
O4 FAD H . 2.78 0.43 35.32
C4X FAD H . 4.92 0.21 34.65
N5 FAD H . 4.67 -1.07 34.14
C5X FAD H . 5.55 -1.72 33.32
C6 FAD H . 5.14 -2.79 32.52
C7 FAD H . 5.98 -3.26 31.51
C7M FAD H . 5.51 -4.44 30.68
C8 FAD H . 7.24 -2.65 31.30
C8M FAD H . 8.23 -3.07 30.23
C9 FAD H . 7.61 -1.58 32.11
C9A FAD H . 6.79 -1.10 33.10
N10 FAD H . 7.18 -0.05 33.92
C10 FAD H . 6.22 0.74 34.54
C1' FAD H . 8.56 0.46 33.77
C2' FAD H . 8.61 1.32 32.54
O2' FAD H . 7.89 1.04 31.38
C3' FAD H . 9.98 1.99 32.30
O3' FAD H . 10.67 1.97 33.54
C4' FAD H . 10.25 3.42 31.86
O4' FAD H . 9.65 3.67 30.62
C5' FAD H . 11.79 3.55 31.78
O5' FAD H . 12.19 4.59 30.91
P FAD H . 13.73 4.77 30.38
O1P FAD H . 13.89 6.08 29.66
O2P FAD H . 14.64 4.75 31.63
O3P FAD H . 14.02 3.69 29.44
H51A FAD H . 15.98 4.16 26.53
H52A FAD H . 15.18 2.92 26.12
HO3A FAD H . 12.49 4.03 23.02
HO2A FAD H . 14.28 2.16 21.30
H1B FAD H . 14.72 3.78 22.55
H8A FAD H . 17.88 1.67 23.69
H61A FAD H . 22.21 2.82 19.95
H62A FAD H . 21.90 2.15 21.15
H2A FAD H . 19.27 6.06 19.54
HN3 FAD H . 3.54 2.67 36.13
H6 FAD H . 4.32 -3.19 32.67
HM71 FAD H . 5.55 -4.22 29.77
HM72 FAD H . 4.62 -4.65 30.91
HM73 FAD H . 6.05 -5.18 30.84
HM81 FAD H . 9.03 -2.59 30.32
HM82 FAD H . 7.86 -2.91 29.39
HM83 FAD H . 8.41 -3.99 30.32
H9 FAD H . 8.44 -1.17 31.97
H1'1 FAD H . 9.15 -0.26 33.69
H1'2 FAD H . 8.80 0.97 34.53
H2' FAD H . 8.01 1.92 32.92
HO2' FAD H . 7.19 1.47 31.38
H3' FAD H . 10.33 1.49 31.58
HO3' FAD H . 10.52 2.66 33.96
H4' FAD H . 9.92 4.02 32.51
HO4' FAD H . 9.61 4.49 30.48
H5'1 FAD H . 12.13 3.72 32.63
H5'2 FAD H . 12.14 2.74 31.45
N1 NCT I . -22.63 -8.12 -15.87
C1 NCT I . -22.16 -8.26 -14.61
C2 NCT I . -22.57 -7.49 -13.54
C3 NCT I . -23.53 -6.53 -13.76
C4 NCT I . -24.05 -6.34 -15.03
C5 NCT I . -23.56 -7.16 -16.05
N2 NCT I . -22.21 -6.56 -11.32
C6 NCT I . -22.01 -7.69 -12.16
C7 NCT I . -22.79 -8.87 -11.32
C8 NCT I . -23.02 -8.25 -9.95
C9 NCT I . -22.09 -7.05 -9.94
C10 NCT I . -21.17 -5.60 -11.65
PA FAD J . -10.77 -14.82 -8.53
O1A FAD J . -11.80 -15.65 -7.86
O2A FAD J . -11.04 -14.49 -10.01
O5B FAD J . -9.31 -15.48 -8.34
C5B FAD J . -9.12 -16.78 -7.82
C4B FAD J . -7.87 -17.37 -8.46
O4B FAD J . -7.61 -18.58 -7.79
C3B FAD J . -8.09 -17.71 -9.92
O3B FAD J . -6.96 -17.26 -10.66
C2B FAD J . -8.15 -19.21 -9.96
O2B FAD J . -7.56 -19.63 -11.17
C1B FAD J . -7.35 -19.61 -8.71
N9A FAD J . -7.68 -20.90 -8.07
C8A FAD J . -8.91 -21.48 -7.80
N7A FAD J . -8.73 -22.67 -7.18
C5A FAD J . -7.40 -22.89 -7.04
C6A FAD J . -6.67 -23.94 -6.47
N6A FAD J . -7.27 -25.05 -5.93
N1A FAD J . -5.27 -23.83 -6.50
C2A FAD J . -4.63 -22.74 -7.04
N3A FAD J . -5.38 -21.71 -7.59
C4A FAD J . -6.73 -21.78 -7.58
N1 FAD J . -16.00 -6.75 -10.79
C2 FAD J . -15.87 -5.40 -11.04
O2 FAD J . -15.21 -4.69 -10.27
N3 FAD J . -16.48 -4.80 -12.15
C4 FAD J . -17.22 -5.60 -13.03
O4 FAD J . -17.78 -5.12 -14.02
C4X FAD J . -17.36 -6.95 -12.77
N5 FAD J . -18.10 -7.76 -13.64
C5X FAD J . -17.98 -9.13 -13.61
C6 FAD J . -18.45 -9.90 -14.67
C7 FAD J . -18.35 -11.30 -14.60
C7M FAD J . -18.86 -12.10 -15.79
C8 FAD J . -17.77 -11.90 -13.46
C8M FAD J . -17.61 -13.39 -13.28
C9 FAD J . -17.32 -11.08 -12.41
C9A FAD J . -17.41 -9.71 -12.47
N10 FAD J . -16.91 -8.88 -11.46
C10 FAD J . -16.73 -7.53 -11.66
C1' FAD J . -16.23 -9.48 -10.29
C2' FAD J . -14.84 -9.91 -10.69
O2' FAD J . -14.56 -10.26 -12.01
C3' FAD J . -14.09 -10.70 -9.59
O3' FAD J . -15.04 -10.65 -8.53
C4' FAD J . -12.77 -10.50 -8.88
O4' FAD J . -11.77 -10.94 -9.77
C5' FAD J . -12.88 -11.43 -7.66
O5' FAD J . -11.74 -11.40 -6.85
P FAD J . -10.82 -12.72 -6.59
O1P FAD J . -9.53 -12.35 -5.93
O2P FAD J . -11.62 -13.68 -5.66
O3P FAD J . -10.52 -13.28 -7.91
H51A FAD J . -9.01 -16.73 -6.89
H52A FAD J . -9.87 -17.31 -8.03
HO3A FAD J . -6.28 -17.30 -10.17
HO2A FAD J . -8.06 -20.20 -11.53
H1B FAD J . -7.24 -18.97 -10.03
H8A FAD J . -9.62 -20.93 -7.57
H61A FAD J . -8.13 -24.93 -5.90
H62A FAD J . -7.09 -25.75 -6.41
H2A FAD J . -3.70 -22.69 -7.05
HN3 FAD J . -16.40 -3.95 -12.30
H6 FAD J . -18.82 -9.50 -15.41
HM71 FAD J . -18.13 -12.42 -16.28
HM72 FAD J . -19.40 -11.55 -16.32
HM73 FAD J . -19.37 -12.82 -15.47
HM81 FAD J . -16.87 -13.57 -12.74
HM82 FAD J . -18.39 -13.74 -12.89
HM83 FAD J . -17.49 -13.80 -14.13
H9 FAD J . -16.95 -11.49 -11.66
H1'1 FAD J . -16.72 -10.21 -9.98
H1'2 FAD J . -16.17 -8.83 -9.60
H2' FAD J . -14.50 -9.03 -10.72
HO2' FAD J . -14.85 -11.03 -12.16
H3' FAD J . -13.82 -11.48 -10.04
HO3' FAD J . -15.65 -11.21 -8.68
H4' FAD J . -12.62 -9.61 -8.60
HO4' FAD J . -11.87 -11.75 -9.92
H5'1 FAD J . -13.62 -11.16 -7.15
H5'2 FAD J . -13.01 -12.30 -7.97
N1 NCT K . 14.42 -1.39 -33.71
C1 NCT K . 14.99 -2.62 -33.75
C2 NCT K . 15.54 -3.17 -34.88
C3 NCT K . 15.52 -2.43 -36.06
C4 NCT K . 14.95 -1.16 -36.05
C5 NCT K . 14.41 -0.69 -34.87
N2 NCT K . 16.26 -5.10 -36.18
C6 NCT K . 16.17 -4.54 -34.88
C7 NCT K . 17.76 -4.51 -34.43
C8 NCT K . 18.43 -5.42 -35.45
C9 NCT K . 17.27 -6.16 -36.09
C10 NCT K . 14.94 -5.64 -36.50
PA FAD L . 15.22 -13.61 -24.69
O1A FAD L . 16.23 -12.68 -24.14
O2A FAD L . 14.00 -12.92 -25.37
O5B FAD L . 14.75 -14.66 -23.56
C5B FAD L . 15.58 -15.05 -22.48
C4B FAD L . 14.71 -15.26 -21.25
O4B FAD L . 15.51 -15.84 -20.24
C3B FAD L . 14.23 -13.93 -20.70
O3B FAD L . 12.93 -14.10 -20.15
C2B FAD L . 15.20 -13.64 -19.59
O2B FAD L . 14.53 -12.84 -18.64
C1B FAD L . 15.50 -15.04 -19.07
N9A FAD L . 16.75 -15.34 -18.33
C8A FAD L . 18.04 -14.88 -18.49
N7A FAD L . 18.86 -15.46 -17.57
C5A FAD L . 18.11 -16.28 -16.80
C6A FAD L . 18.42 -17.13 -15.71
N6A FAD L . 19.68 -17.24 -15.20
N1A FAD L . 17.36 -17.86 -15.17
C2A FAD L . 16.07 -17.78 -15.65
N3A FAD L . 15.81 -16.95 -16.71
C4A FAD L . 16.80 -16.23 -17.27
N1 FAD L . 12.94 -9.06 -33.16
C2 FAD L . 11.80 -9.11 -33.98
O2 FAD L . 11.40 -10.20 -34.45
N3 FAD L . 11.09 -7.96 -34.30
C4 FAD L . 11.54 -6.75 -33.78
O4 FAD L . 10.96 -5.69 -34.02
C4X FAD L . 12.67 -6.69 -32.96
N5 FAD L . 13.05 -5.44 -32.48
C5X FAD L . 13.95 -5.34 -31.45
C6 FAD L . 14.02 -4.15 -30.68
C7 FAD L . 14.56 -4.20 -29.38
C7M FAD L . 14.63 -2.91 -28.58
C8 FAD L . 15.02 -5.43 -28.85
C8M FAD L . 15.62 -5.64 -27.47
C9 FAD L . 14.95 -6.59 -29.64
C9A FAD L . 14.43 -6.58 -30.93
N10 FAD L . 14.50 -7.74 -31.77
C10 FAD L . 13.40 -7.86 -32.64
C1' FAD L . 15.40 -9.01 -31.50
C2' FAD L . 14.92 -10.06 -30.58
O2' FAD L . 13.59 -9.94 -30.60
C3' FAD L . 15.18 -11.33 -29.65
O3' FAD L . 16.23 -11.92 -30.31
C4' FAD L . 14.03 -12.29 -29.31
O4' FAD L . 13.19 -11.72 -28.33
C5' FAD L . 14.90 -13.43 -28.85
O5' FAD L . 14.24 -14.09 -27.82
P FAD L . 14.99 -15.27 -26.99
O1P FAD L . 13.97 -16.19 -26.39
O2P FAD L . 15.88 -16.01 -28.01
O3P FAD L . 15.75 -14.64 -25.91
H51A FAD L . 16.03 -15.85 -22.69
H52A FAD L . 16.21 -14.37 -22.32
HO3A FAD L . 12.63 -13.35 -19.93
HO2A FAD L . 15.09 -12.49 -18.12
H1B FAD L . 14.44 -14.07 -19.21
H8A FAD L . 18.19 -14.00 -18.77
H61A FAD L . 20.13 -16.52 -15.38
H62A FAD L . 19.64 -17.35 -14.34
H2A FAD L . 15.38 -18.28 -15.26
HN3 FAD L . 10.38 -7.98 -34.81
H6 FAD L . 13.72 -3.35 -31.04
HM71 FAD L . 14.28 -3.05 -27.73
HM72 FAD L . 14.12 -2.25 -29.02
HM73 FAD L . 15.52 -2.61 -28.53
HM81 FAD L . 15.93 -6.52 -27.39
HM82 FAD L . 14.97 -5.47 -26.82
HM83 FAD L . 16.34 -5.03 -27.35
H9 FAD L . 15.25 -7.39 -29.28
H1'1 FAD L . 16.22 -8.69 -31.18
H1'2 FAD L . 15.54 -9.42 -32.33
H2' FAD L . 15.86 -10.02 -30.48
HO2' FAD L . 13.27 -10.34 -31.25
H3' FAD L . 15.44 -11.15 -28.77
HO3' FAD L . 15.95 -12.35 -30.96
H4' FAD L . 13.45 -12.53 -30.01
HO4' FAD L . 12.52 -12.21 -28.23
H5'1 FAD L . 15.06 -14.03 -29.56
H5'2 FAD L . 15.72 -13.09 -28.53
#